data_5ICU
# 
_entry.id   5ICU 
# 
_audit_conform.dict_name       mmcif_pdbx.dic 
_audit_conform.dict_version    5.387 
_audit_conform.dict_location   http://mmcif.pdb.org/dictionaries/ascii/mmcif_pdbx.dic 
# 
loop_
_database_2.database_id 
_database_2.database_code 
_database_2.pdbx_database_accession 
_database_2.pdbx_DOI 
PDB   5ICU         pdb_00005icu 10.2210/pdb5icu/pdb 
WWPDB D_1000218627 ?            ?                   
# 
loop_
_pdbx_audit_revision_history.ordinal 
_pdbx_audit_revision_history.data_content_type 
_pdbx_audit_revision_history.major_revision 
_pdbx_audit_revision_history.minor_revision 
_pdbx_audit_revision_history.revision_date 
1 'Structure model' 1 0 2016-04-06 
2 'Structure model' 1 1 2016-05-04 
3 'Structure model' 1 2 2017-09-27 
4 'Structure model' 1 3 2019-12-25 
5 'Structure model' 1 4 2024-03-06 
# 
_pdbx_audit_revision_details.ordinal             1 
_pdbx_audit_revision_details.revision_ordinal    1 
_pdbx_audit_revision_details.data_content_type   'Structure model' 
_pdbx_audit_revision_details.provider            repository 
_pdbx_audit_revision_details.type                'Initial release' 
_pdbx_audit_revision_details.description         ? 
_pdbx_audit_revision_details.details             ? 
# 
loop_
_pdbx_audit_revision_group.ordinal 
_pdbx_audit_revision_group.revision_ordinal 
_pdbx_audit_revision_group.data_content_type 
_pdbx_audit_revision_group.group 
1 2 'Structure model' 'Database references'        
2 3 'Structure model' 'Author supporting evidence' 
3 3 'Structure model' 'Database references'        
4 3 'Structure model' 'Derived calculations'       
5 4 'Structure model' 'Author supporting evidence' 
6 5 'Structure model' 'Data collection'            
7 5 'Structure model' 'Database references'        
# 
loop_
_pdbx_audit_revision_category.ordinal 
_pdbx_audit_revision_category.revision_ordinal 
_pdbx_audit_revision_category.data_content_type 
_pdbx_audit_revision_category.category 
1 3 'Structure model' citation              
2 3 'Structure model' pdbx_audit_support    
3 3 'Structure model' pdbx_struct_oper_list 
4 4 'Structure model' pdbx_audit_support    
5 5 'Structure model' chem_comp_atom        
6 5 'Structure model' chem_comp_bond        
7 5 'Structure model' database_2            
# 
loop_
_pdbx_audit_revision_item.ordinal 
_pdbx_audit_revision_item.revision_ordinal 
_pdbx_audit_revision_item.data_content_type 
_pdbx_audit_revision_item.item 
1 3 'Structure model' '_citation.journal_id_CSD'                  
2 3 'Structure model' '_pdbx_audit_support.funding_organization'  
3 3 'Structure model' '_pdbx_struct_oper_list.symmetry_operation' 
4 4 'Structure model' '_pdbx_audit_support.funding_organization'  
5 5 'Structure model' '_database_2.pdbx_DOI'                      
6 5 'Structure model' '_database_2.pdbx_database_accession'       
# 
_pdbx_database_status.status_code                     REL 
_pdbx_database_status.status_code_sf                  REL 
_pdbx_database_status.status_code_mr                  ? 
_pdbx_database_status.entry_id                        5ICU 
_pdbx_database_status.recvd_initial_deposition_date   2016-02-23 
_pdbx_database_status.SG_entry                        N 
_pdbx_database_status.deposit_site                    RCSB 
_pdbx_database_status.process_site                    RCSB 
_pdbx_database_status.status_code_cs                  ? 
_pdbx_database_status.methods_development_category    ? 
_pdbx_database_status.pdb_format_compatible           Y 
_pdbx_database_status.status_code_nmr_data            ? 
# 
loop_
_audit_author.name 
_audit_author.pdbx_ordinal 
'Lawton, T.J.'     1 
'Hurley, J.D.'     2 
'Rosenzweig, A.C.' 3 
# 
_citation.abstract                  ? 
_citation.abstract_id_CAS           ? 
_citation.book_id_ISBN              ? 
_citation.book_publisher            ? 
_citation.book_publisher_city       ? 
_citation.book_title                ? 
_citation.coordinate_linkage        ? 
_citation.country                   US 
_citation.database_id_Medline       ? 
_citation.details                   ? 
_citation.id                        primary 
_citation.journal_abbrev            Biochemistry 
_citation.journal_id_ASTM           BICHAW 
_citation.journal_id_CSD            0033 
_citation.journal_id_ISSN           0006-2960 
_citation.journal_full              ? 
_citation.journal_issue             ? 
_citation.journal_volume            55 
_citation.language                  ? 
_citation.page_first                2278 
_citation.page_last                 2290 
_citation.title                     
'The CopC Family: Structural and Bioinformatic Insights into a Diverse Group of Periplasmic Copper Binding Proteins.' 
_citation.year                      2016 
_citation.database_id_CSD           ? 
_citation.pdbx_database_id_DOI      10.1021/acs.biochem.6b00175 
_citation.pdbx_database_id_PubMed   27010565 
_citation.unpublished_flag          ? 
# 
loop_
_citation_author.citation_id 
_citation_author.name 
_citation_author.ordinal 
_citation_author.identifier_ORCID 
primary 'Lawton, T.J.'     1 ? 
primary 'Kenney, G.E.'     2 ? 
primary 'Hurley, J.D.'     3 ? 
primary 'Rosenzweig, A.C.' 4 ? 
# 
loop_
_entity.id 
_entity.type 
_entity.src_method 
_entity.pdbx_description 
_entity.formula_weight 
_entity.pdbx_number_of_molecules 
_entity.pdbx_ec 
_entity.pdbx_mutation 
_entity.pdbx_fragment 
_entity.details 
1 polymer     man CopC              10926.300 1  ? ? ? ? 
2 non-polymer syn 'COPPER (II) ION' 63.546    1  ? ? ? ? 
3 non-polymer syn 'CHLORIDE ION'    35.453    1  ? ? ? ? 
4 non-polymer syn GLYCEROL          92.094    2  ? ? ? ? 
5 water       nat water             18.015    88 ? ? ? ? 
# 
_entity_poly.entity_id                      1 
_entity_poly.type                           'polypeptide(L)' 
_entity_poly.nstd_linkage                   no 
_entity_poly.nstd_monomer                   no 
_entity_poly.pdbx_seq_one_letter_code       
;HSFLVDASPSAKDHVAASPKLVKLRFGGGVEPAYSSISILDSTGKLVVEGAKGQADKPRELTLDAPELAVGSYVVKFRVL
SSDGHIVEGKYEFTVDPHENLY
;
_entity_poly.pdbx_seq_one_letter_code_can   
;HSFLVDASPSAKDHVAASPKLVKLRFGGGVEPAYSSISILDSTGKLVVEGAKGQADKPRELTLDAPELAVGSYVVKFRVL
SSDGHIVEGKYEFTVDPHENLY
;
_entity_poly.pdbx_strand_id                 A 
_entity_poly.pdbx_target_identifier         ? 
# 
loop_
_pdbx_entity_nonpoly.entity_id 
_pdbx_entity_nonpoly.name 
_pdbx_entity_nonpoly.comp_id 
2 'COPPER (II) ION' CU  
3 'CHLORIDE ION'    CL  
4 GLYCEROL          GOL 
5 water             HOH 
# 
loop_
_entity_poly_seq.entity_id 
_entity_poly_seq.num 
_entity_poly_seq.mon_id 
_entity_poly_seq.hetero 
1 1   HIS n 
1 2   SER n 
1 3   PHE n 
1 4   LEU n 
1 5   VAL n 
1 6   ASP n 
1 7   ALA n 
1 8   SER n 
1 9   PRO n 
1 10  SER n 
1 11  ALA n 
1 12  LYS n 
1 13  ASP n 
1 14  HIS n 
1 15  VAL n 
1 16  ALA n 
1 17  ALA n 
1 18  SER n 
1 19  PRO n 
1 20  LYS n 
1 21  LEU n 
1 22  VAL n 
1 23  LYS n 
1 24  LEU n 
1 25  ARG n 
1 26  PHE n 
1 27  GLY n 
1 28  GLY n 
1 29  GLY n 
1 30  VAL n 
1 31  GLU n 
1 32  PRO n 
1 33  ALA n 
1 34  TYR n 
1 35  SER n 
1 36  SER n 
1 37  ILE n 
1 38  SER n 
1 39  ILE n 
1 40  LEU n 
1 41  ASP n 
1 42  SER n 
1 43  THR n 
1 44  GLY n 
1 45  LYS n 
1 46  LEU n 
1 47  VAL n 
1 48  VAL n 
1 49  GLU n 
1 50  GLY n 
1 51  ALA n 
1 52  LYS n 
1 53  GLY n 
1 54  GLN n 
1 55  ALA n 
1 56  ASP n 
1 57  LYS n 
1 58  PRO n 
1 59  ARG n 
1 60  GLU n 
1 61  LEU n 
1 62  THR n 
1 63  LEU n 
1 64  ASP n 
1 65  ALA n 
1 66  PRO n 
1 67  GLU n 
1 68  LEU n 
1 69  ALA n 
1 70  VAL n 
1 71  GLY n 
1 72  SER n 
1 73  TYR n 
1 74  VAL n 
1 75  VAL n 
1 76  LYS n 
1 77  PHE n 
1 78  ARG n 
1 79  VAL n 
1 80  LEU n 
1 81  SER n 
1 82  SER n 
1 83  ASP n 
1 84  GLY n 
1 85  HIS n 
1 86  ILE n 
1 87  VAL n 
1 88  GLU n 
1 89  GLY n 
1 90  LYS n 
1 91  TYR n 
1 92  GLU n 
1 93  PHE n 
1 94  THR n 
1 95  VAL n 
1 96  ASP n 
1 97  PRO n 
1 98  HIS n 
1 99  GLU n 
1 100 ASN n 
1 101 LEU n 
1 102 TYR n 
# 
_entity_src_gen.entity_id                          1 
_entity_src_gen.pdbx_src_id                        1 
_entity_src_gen.pdbx_alt_source_flag               sample 
_entity_src_gen.pdbx_seq_type                      'Biological sequence' 
_entity_src_gen.pdbx_beg_seq_num                   1 
_entity_src_gen.pdbx_end_seq_num                   102 
_entity_src_gen.gene_src_common_name               ? 
_entity_src_gen.gene_src_genus                     ? 
_entity_src_gen.pdbx_gene_src_gene                 ? 
_entity_src_gen.gene_src_species                   ? 
_entity_src_gen.gene_src_strain                    ? 
_entity_src_gen.gene_src_tissue                    ? 
_entity_src_gen.gene_src_tissue_fraction           ? 
_entity_src_gen.gene_src_details                   ? 
_entity_src_gen.pdbx_gene_src_fragment             ? 
_entity_src_gen.pdbx_gene_src_scientific_name      'Methylosinus trichosporium OB3b' 
_entity_src_gen.pdbx_gene_src_ncbi_taxonomy_id     595536 
_entity_src_gen.pdbx_gene_src_variant              ? 
_entity_src_gen.pdbx_gene_src_cell_line            ? 
_entity_src_gen.pdbx_gene_src_atcc                 ? 
_entity_src_gen.pdbx_gene_src_organ                ? 
_entity_src_gen.pdbx_gene_src_organelle            ? 
_entity_src_gen.pdbx_gene_src_cell                 ? 
_entity_src_gen.pdbx_gene_src_cellular_location    ? 
_entity_src_gen.host_org_common_name               ? 
_entity_src_gen.pdbx_host_org_scientific_name      'Escherichia coli' 
_entity_src_gen.pdbx_host_org_ncbi_taxonomy_id     469008 
_entity_src_gen.host_org_genus                     ? 
_entity_src_gen.pdbx_host_org_gene                 ? 
_entity_src_gen.pdbx_host_org_organ                ? 
_entity_src_gen.host_org_species                   ? 
_entity_src_gen.pdbx_host_org_tissue               ? 
_entity_src_gen.pdbx_host_org_tissue_fraction      ? 
_entity_src_gen.pdbx_host_org_strain               'Bl21(DE3) star' 
_entity_src_gen.pdbx_host_org_variant              ? 
_entity_src_gen.pdbx_host_org_cell_line            ? 
_entity_src_gen.pdbx_host_org_atcc                 ? 
_entity_src_gen.pdbx_host_org_culture_collection   ? 
_entity_src_gen.pdbx_host_org_cell                 ? 
_entity_src_gen.pdbx_host_org_organelle            ? 
_entity_src_gen.pdbx_host_org_cellular_location    ? 
_entity_src_gen.pdbx_host_org_vector_type          ? 
_entity_src_gen.pdbx_host_org_vector               ? 
_entity_src_gen.host_org_details                   ? 
_entity_src_gen.expression_system_id               ? 
_entity_src_gen.plasmid_name                       ? 
_entity_src_gen.plasmid_details                    ? 
_entity_src_gen.pdbx_description                   ? 
# 
loop_
_chem_comp.id 
_chem_comp.type 
_chem_comp.mon_nstd_flag 
_chem_comp.name 
_chem_comp.pdbx_synonyms 
_chem_comp.formula 
_chem_comp.formula_weight 
ALA 'L-peptide linking' y ALANINE           ?                               'C3 H7 N O2'     89.093  
ARG 'L-peptide linking' y ARGININE          ?                               'C6 H15 N4 O2 1' 175.209 
ASN 'L-peptide linking' y ASPARAGINE        ?                               'C4 H8 N2 O3'    132.118 
ASP 'L-peptide linking' y 'ASPARTIC ACID'   ?                               'C4 H7 N O4'     133.103 
CL  non-polymer         . 'CHLORIDE ION'    ?                               'Cl -1'          35.453  
CU  non-polymer         . 'COPPER (II) ION' ?                               'Cu 2'           63.546  
GLN 'L-peptide linking' y GLUTAMINE         ?                               'C5 H10 N2 O3'   146.144 
GLU 'L-peptide linking' y 'GLUTAMIC ACID'   ?                               'C5 H9 N O4'     147.129 
GLY 'peptide linking'   y GLYCINE           ?                               'C2 H5 N O2'     75.067  
GOL non-polymer         . GLYCEROL          'GLYCERIN; PROPANE-1,2,3-TRIOL' 'C3 H8 O3'       92.094  
HIS 'L-peptide linking' y HISTIDINE         ?                               'C6 H10 N3 O2 1' 156.162 
HOH non-polymer         . WATER             ?                               'H2 O'           18.015  
ILE 'L-peptide linking' y ISOLEUCINE        ?                               'C6 H13 N O2'    131.173 
LEU 'L-peptide linking' y LEUCINE           ?                               'C6 H13 N O2'    131.173 
LYS 'L-peptide linking' y LYSINE            ?                               'C6 H15 N2 O2 1' 147.195 
PHE 'L-peptide linking' y PHENYLALANINE     ?                               'C9 H11 N O2'    165.189 
PRO 'L-peptide linking' y PROLINE           ?                               'C5 H9 N O2'     115.130 
SER 'L-peptide linking' y SERINE            ?                               'C3 H7 N O3'     105.093 
THR 'L-peptide linking' y THREONINE         ?                               'C4 H9 N O3'     119.119 
TYR 'L-peptide linking' y TYROSINE          ?                               'C9 H11 N O3'    181.189 
VAL 'L-peptide linking' y VALINE            ?                               'C5 H11 N O2'    117.146 
# 
loop_
_pdbx_poly_seq_scheme.asym_id 
_pdbx_poly_seq_scheme.entity_id 
_pdbx_poly_seq_scheme.seq_id 
_pdbx_poly_seq_scheme.mon_id 
_pdbx_poly_seq_scheme.ndb_seq_num 
_pdbx_poly_seq_scheme.pdb_seq_num 
_pdbx_poly_seq_scheme.auth_seq_num 
_pdbx_poly_seq_scheme.pdb_mon_id 
_pdbx_poly_seq_scheme.auth_mon_id 
_pdbx_poly_seq_scheme.pdb_strand_id 
_pdbx_poly_seq_scheme.pdb_ins_code 
_pdbx_poly_seq_scheme.hetero 
A 1 1   HIS 1   23  23  HIS HIS A . n 
A 1 2   SER 2   24  24  SER SER A . n 
A 1 3   PHE 3   25  25  PHE PHE A . n 
A 1 4   LEU 4   26  26  LEU LEU A . n 
A 1 5   VAL 5   27  27  VAL VAL A . n 
A 1 6   ASP 6   28  28  ASP ASP A . n 
A 1 7   ALA 7   29  29  ALA ALA A . n 
A 1 8   SER 8   30  30  SER SER A . n 
A 1 9   PRO 9   31  31  PRO PRO A . n 
A 1 10  SER 10  32  32  SER SER A . n 
A 1 11  ALA 11  33  33  ALA ALA A . n 
A 1 12  LYS 12  34  34  LYS LYS A . n 
A 1 13  ASP 13  35  35  ASP ASP A . n 
A 1 14  HIS 14  36  36  HIS HIS A . n 
A 1 15  VAL 15  37  37  VAL VAL A . n 
A 1 16  ALA 16  38  38  ALA ALA A . n 
A 1 17  ALA 17  39  39  ALA ALA A . n 
A 1 18  SER 18  40  40  SER SER A . n 
A 1 19  PRO 19  41  41  PRO PRO A . n 
A 1 20  LYS 20  42  42  LYS LYS A . n 
A 1 21  LEU 21  43  43  LEU LEU A . n 
A 1 22  VAL 22  44  44  VAL VAL A . n 
A 1 23  LYS 23  45  45  LYS LYS A . n 
A 1 24  LEU 24  46  46  LEU LEU A . n 
A 1 25  ARG 25  47  47  ARG ARG A . n 
A 1 26  PHE 26  48  48  PHE PHE A . n 
A 1 27  GLY 27  49  49  GLY GLY A . n 
A 1 28  GLY 28  50  50  GLY GLY A . n 
A 1 29  GLY 29  51  51  GLY GLY A . n 
A 1 30  VAL 30  52  52  VAL VAL A . n 
A 1 31  GLU 31  53  53  GLU GLU A . n 
A 1 32  PRO 32  54  54  PRO PRO A . n 
A 1 33  ALA 33  55  55  ALA ALA A . n 
A 1 34  TYR 34  56  56  TYR TYR A . n 
A 1 35  SER 35  57  57  SER SER A . n 
A 1 36  SER 36  58  58  SER SER A . n 
A 1 37  ILE 37  59  59  ILE ILE A . n 
A 1 38  SER 38  60  60  SER SER A . n 
A 1 39  ILE 39  61  61  ILE ILE A . n 
A 1 40  LEU 40  62  62  LEU LEU A . n 
A 1 41  ASP 41  63  63  ASP ASP A . n 
A 1 42  SER 42  64  64  SER SER A . n 
A 1 43  THR 43  65  65  THR THR A . n 
A 1 44  GLY 44  66  66  GLY GLY A . n 
A 1 45  LYS 45  67  67  LYS LYS A . n 
A 1 46  LEU 46  68  68  LEU LEU A . n 
A 1 47  VAL 47  69  69  VAL VAL A . n 
A 1 48  VAL 48  70  70  VAL VAL A . n 
A 1 49  GLU 49  71  71  GLU GLU A . n 
A 1 50  GLY 50  72  72  GLY GLY A . n 
A 1 51  ALA 51  73  73  ALA ALA A . n 
A 1 52  LYS 52  74  74  LYS LYS A . n 
A 1 53  GLY 53  75  75  GLY GLY A . n 
A 1 54  GLN 54  76  76  GLN GLN A . n 
A 1 55  ALA 55  77  77  ALA ALA A . n 
A 1 56  ASP 56  78  78  ASP ASP A . n 
A 1 57  LYS 57  79  79  LYS LYS A . n 
A 1 58  PRO 58  80  80  PRO PRO A . n 
A 1 59  ARG 59  81  81  ARG ARG A . n 
A 1 60  GLU 60  82  82  GLU GLU A . n 
A 1 61  LEU 61  83  83  LEU LEU A . n 
A 1 62  THR 62  84  84  THR THR A . n 
A 1 63  LEU 63  85  85  LEU LEU A . n 
A 1 64  ASP 64  86  86  ASP ASP A . n 
A 1 65  ALA 65  87  87  ALA ALA A . n 
A 1 66  PRO 66  88  88  PRO PRO A . n 
A 1 67  GLU 67  89  89  GLU GLU A . n 
A 1 68  LEU 68  90  90  LEU LEU A . n 
A 1 69  ALA 69  91  91  ALA ALA A . n 
A 1 70  VAL 70  92  92  VAL VAL A . n 
A 1 71  GLY 71  93  93  GLY GLY A . n 
A 1 72  SER 72  94  94  SER SER A . n 
A 1 73  TYR 73  95  95  TYR TYR A . n 
A 1 74  VAL 74  96  96  VAL VAL A . n 
A 1 75  VAL 75  97  97  VAL VAL A . n 
A 1 76  LYS 76  98  98  LYS LYS A . n 
A 1 77  PHE 77  99  99  PHE PHE A . n 
A 1 78  ARG 78  100 100 ARG ARG A . n 
A 1 79  VAL 79  101 101 VAL VAL A . n 
A 1 80  LEU 80  102 102 LEU LEU A . n 
A 1 81  SER 81  103 103 SER SER A . n 
A 1 82  SER 82  104 104 SER SER A . n 
A 1 83  ASP 83  105 105 ASP ASP A . n 
A 1 84  GLY 84  106 106 GLY GLY A . n 
A 1 85  HIS 85  107 107 HIS HIS A . n 
A 1 86  ILE 86  108 108 ILE ILE A . n 
A 1 87  VAL 87  109 109 VAL VAL A . n 
A 1 88  GLU 88  110 110 GLU GLU A . n 
A 1 89  GLY 89  111 111 GLY GLY A . n 
A 1 90  LYS 90  112 112 LYS LYS A . n 
A 1 91  TYR 91  113 113 TYR TYR A . n 
A 1 92  GLU 92  114 114 GLU GLU A . n 
A 1 93  PHE 93  115 115 PHE PHE A . n 
A 1 94  THR 94  116 116 THR THR A . n 
A 1 95  VAL 95  117 117 VAL VAL A . n 
A 1 96  ASP 96  118 118 ASP ASP A . n 
A 1 97  PRO 97  119 119 PRO PRO A . n 
A 1 98  HIS 98  120 120 HIS HIS A . n 
A 1 99  GLU 99  121 121 GLU GLU A . n 
A 1 100 ASN 100 122 122 ASN ASN A . n 
A 1 101 LEU 101 123 123 LEU LEU A . n 
A 1 102 TYR 102 124 124 TYR TYR A . n 
# 
loop_
_pdbx_nonpoly_scheme.asym_id 
_pdbx_nonpoly_scheme.entity_id 
_pdbx_nonpoly_scheme.mon_id 
_pdbx_nonpoly_scheme.ndb_seq_num 
_pdbx_nonpoly_scheme.pdb_seq_num 
_pdbx_nonpoly_scheme.auth_seq_num 
_pdbx_nonpoly_scheme.pdb_mon_id 
_pdbx_nonpoly_scheme.auth_mon_id 
_pdbx_nonpoly_scheme.pdb_strand_id 
_pdbx_nonpoly_scheme.pdb_ins_code 
B 2 CU  1  201 1   CU  CU  A . 
C 3 CL  1  202 1   CL  CL  A . 
D 4 GOL 1  203 1   GOL GOL A . 
E 4 GOL 1  204 2   GOL GOL A . 
F 5 HOH 1  301 121 HOH HOH A . 
F 5 HOH 2  302 116 HOH HOH A . 
F 5 HOH 3  303 140 HOH HOH A . 
F 5 HOH 4  304 119 HOH HOH A . 
F 5 HOH 5  305 120 HOH HOH A . 
F 5 HOH 6  306 58  HOH HOH A . 
F 5 HOH 7  307 4   HOH HOH A . 
F 5 HOH 8  308 61  HOH HOH A . 
F 5 HOH 9  309 74  HOH HOH A . 
F 5 HOH 10 310 115 HOH HOH A . 
F 5 HOH 11 311 14  HOH HOH A . 
F 5 HOH 12 312 118 HOH HOH A . 
F 5 HOH 13 313 141 HOH HOH A . 
F 5 HOH 14 314 68  HOH HOH A . 
F 5 HOH 15 315 45  HOH HOH A . 
F 5 HOH 16 316 145 HOH HOH A . 
F 5 HOH 17 317 146 HOH HOH A . 
F 5 HOH 18 318 5   HOH HOH A . 
F 5 HOH 19 319 12  HOH HOH A . 
F 5 HOH 20 320 37  HOH HOH A . 
F 5 HOH 21 321 129 HOH HOH A . 
F 5 HOH 22 322 76  HOH HOH A . 
F 5 HOH 23 323 136 HOH HOH A . 
F 5 HOH 24 324 11  HOH HOH A . 
F 5 HOH 25 325 144 HOH HOH A . 
F 5 HOH 26 326 13  HOH HOH A . 
F 5 HOH 27 327 28  HOH HOH A . 
F 5 HOH 28 328 131 HOH HOH A . 
F 5 HOH 29 329 3   HOH HOH A . 
F 5 HOH 30 330 143 HOH HOH A . 
F 5 HOH 31 331 90  HOH HOH A . 
F 5 HOH 32 332 109 HOH HOH A . 
F 5 HOH 33 333 22  HOH HOH A . 
F 5 HOH 34 334 44  HOH HOH A . 
F 5 HOH 35 335 139 HOH HOH A . 
F 5 HOH 36 336 117 HOH HOH A . 
F 5 HOH 37 337 17  HOH HOH A . 
F 5 HOH 38 338 7   HOH HOH A . 
F 5 HOH 39 339 23  HOH HOH A . 
F 5 HOH 40 340 38  HOH HOH A . 
F 5 HOH 41 341 43  HOH HOH A . 
F 5 HOH 42 342 29  HOH HOH A . 
F 5 HOH 43 343 27  HOH HOH A . 
F 5 HOH 44 344 9   HOH HOH A . 
F 5 HOH 45 345 8   HOH HOH A . 
F 5 HOH 46 346 84  HOH HOH A . 
F 5 HOH 47 347 24  HOH HOH A . 
F 5 HOH 48 348 51  HOH HOH A . 
F 5 HOH 49 349 50  HOH HOH A . 
F 5 HOH 50 350 69  HOH HOH A . 
F 5 HOH 51 351 36  HOH HOH A . 
F 5 HOH 52 352 103 HOH HOH A . 
F 5 HOH 53 353 151 HOH HOH A . 
F 5 HOH 54 354 154 HOH HOH A . 
F 5 HOH 55 355 134 HOH HOH A . 
F 5 HOH 56 356 48  HOH HOH A . 
F 5 HOH 57 357 19  HOH HOH A . 
F 5 HOH 58 358 123 HOH HOH A . 
F 5 HOH 59 359 32  HOH HOH A . 
F 5 HOH 60 360 125 HOH HOH A . 
F 5 HOH 61 361 122 HOH HOH A . 
F 5 HOH 62 362 153 HOH HOH A . 
F 5 HOH 63 363 56  HOH HOH A . 
F 5 HOH 64 364 46  HOH HOH A . 
F 5 HOH 65 365 114 HOH HOH A . 
F 5 HOH 66 366 87  HOH HOH A . 
F 5 HOH 67 367 142 HOH HOH A . 
F 5 HOH 68 368 127 HOH HOH A . 
F 5 HOH 69 369 25  HOH HOH A . 
F 5 HOH 70 370 104 HOH HOH A . 
F 5 HOH 71 371 147 HOH HOH A . 
F 5 HOH 72 372 152 HOH HOH A . 
F 5 HOH 73 373 138 HOH HOH A . 
F 5 HOH 74 374 42  HOH HOH A . 
F 5 HOH 75 375 135 HOH HOH A . 
F 5 HOH 76 376 149 HOH HOH A . 
F 5 HOH 77 377 101 HOH HOH A . 
F 5 HOH 78 378 31  HOH HOH A . 
F 5 HOH 79 379 71  HOH HOH A . 
F 5 HOH 80 380 30  HOH HOH A . 
F 5 HOH 81 381 106 HOH HOH A . 
F 5 HOH 82 382 108 HOH HOH A . 
F 5 HOH 83 383 105 HOH HOH A . 
F 5 HOH 84 384 133 HOH HOH A . 
F 5 HOH 85 385 126 HOH HOH A . 
F 5 HOH 86 386 107 HOH HOH A . 
F 5 HOH 87 387 150 HOH HOH A . 
F 5 HOH 88 388 110 HOH HOH A . 
# 
loop_
_software.citation_id 
_software.classification 
_software.compiler_name 
_software.compiler_version 
_software.contact_author 
_software.contact_author_email 
_software.date 
_software.description 
_software.dependencies 
_software.hardware 
_software.language 
_software.location 
_software.mods 
_software.name 
_software.os 
_software.os_version 
_software.type 
_software.version 
_software.pdbx_ordinal 
? refinement       ? ? ? ? ? ? ? ? ? ? ? REFMAC   ? ? ? 5.8.0107 1 
? 'data reduction' ? ? ? ? ? ? ? ? ? ? ? HKL-2000 ? ? ? .        2 
? 'data scaling'   ? ? ? ? ? ? ? ? ? ? ? HKL-2000 ? ? ? .        3 
? phasing          ? ? ? ? ? ? ? ? ? ? ? PHASER   ? ? ? .        4 
# 
_cell.angle_alpha                  90.00 
_cell.angle_alpha_esd              ? 
_cell.angle_beta                   90.00 
_cell.angle_beta_esd               ? 
_cell.angle_gamma                  90.00 
_cell.angle_gamma_esd              ? 
_cell.entry_id                     5ICU 
_cell.details                      ? 
_cell.formula_units_Z              ? 
_cell.length_a                     28.671 
_cell.length_a_esd                 ? 
_cell.length_b                     54.125 
_cell.length_b_esd                 ? 
_cell.length_c                     65.371 
_cell.length_c_esd                 ? 
_cell.volume                       ? 
_cell.volume_esd                   ? 
_cell.Z_PDB                        4 
_cell.reciprocal_angle_alpha       ? 
_cell.reciprocal_angle_beta        ? 
_cell.reciprocal_angle_gamma       ? 
_cell.reciprocal_angle_alpha_esd   ? 
_cell.reciprocal_angle_beta_esd    ? 
_cell.reciprocal_angle_gamma_esd   ? 
_cell.reciprocal_length_a          ? 
_cell.reciprocal_length_b          ? 
_cell.reciprocal_length_c          ? 
_cell.reciprocal_length_a_esd      ? 
_cell.reciprocal_length_b_esd      ? 
_cell.reciprocal_length_c_esd      ? 
_cell.pdbx_unique_axis             ? 
# 
_symmetry.entry_id                         5ICU 
_symmetry.cell_setting                     ? 
_symmetry.Int_Tables_number                19 
_symmetry.space_group_name_Hall            ? 
_symmetry.space_group_name_H-M             'P 21 21 21' 
_symmetry.pdbx_full_space_group_name_H-M   ? 
# 
_exptl.absorpt_coefficient_mu     ? 
_exptl.absorpt_correction_T_max   ? 
_exptl.absorpt_correction_T_min   ? 
_exptl.absorpt_correction_type    ? 
_exptl.absorpt_process_details    ? 
_exptl.entry_id                   5ICU 
_exptl.crystals_number            1 
_exptl.details                    ? 
_exptl.method                     'X-RAY DIFFRACTION' 
_exptl.method_details             ? 
# 
_exptl_crystal.colour                      ? 
_exptl_crystal.density_diffrn              ? 
_exptl_crystal.density_Matthews            2.32 
_exptl_crystal.density_method              ? 
_exptl_crystal.density_percent_sol         47.01 
_exptl_crystal.description                 ? 
_exptl_crystal.F_000                       ? 
_exptl_crystal.id                          1 
_exptl_crystal.preparation                 ? 
_exptl_crystal.size_max                    ? 
_exptl_crystal.size_mid                    ? 
_exptl_crystal.size_min                    ? 
_exptl_crystal.size_rad                    ? 
_exptl_crystal.colour_lustre               ? 
_exptl_crystal.colour_modifier             ? 
_exptl_crystal.colour_primary              ? 
_exptl_crystal.density_meas                ? 
_exptl_crystal.density_meas_esd            ? 
_exptl_crystal.density_meas_gt             ? 
_exptl_crystal.density_meas_lt             ? 
_exptl_crystal.density_meas_temp           ? 
_exptl_crystal.density_meas_temp_esd       ? 
_exptl_crystal.density_meas_temp_gt        ? 
_exptl_crystal.density_meas_temp_lt        ? 
_exptl_crystal.pdbx_crystal_image_url      ? 
_exptl_crystal.pdbx_crystal_image_format   ? 
_exptl_crystal.pdbx_mosaicity              ? 
_exptl_crystal.pdbx_mosaicity_esd          ? 
# 
_exptl_crystal_grow.apparatus       ? 
_exptl_crystal_grow.atmosphere      ? 
_exptl_crystal_grow.crystal_id      1 
_exptl_crystal_grow.details         ? 
_exptl_crystal_grow.method          'VAPOR DIFFUSION, SITTING DROP' 
_exptl_crystal_grow.method_ref      ? 
_exptl_crystal_grow.pH              ? 
_exptl_crystal_grow.pressure        ? 
_exptl_crystal_grow.pressure_esd    ? 
_exptl_crystal_grow.seeding         ? 
_exptl_crystal_grow.seeding_ref     ? 
_exptl_crystal_grow.temp            298 
_exptl_crystal_grow.temp_details    ? 
_exptl_crystal_grow.temp_esd        ? 
_exptl_crystal_grow.time            ? 
_exptl_crystal_grow.pdbx_details    '0.1 M HEPES sodium salt, 0.8 M sodium phosphate, and 0.8 M potassium phosphate, pH 7.5.' 
_exptl_crystal_grow.pdbx_pH_range   ? 
# 
_diffrn.ambient_environment    ? 
_diffrn.ambient_temp           80 
_diffrn.ambient_temp_details   ? 
_diffrn.ambient_temp_esd       ? 
_diffrn.crystal_id             1 
_diffrn.crystal_support        ? 
_diffrn.crystal_treatment      ? 
_diffrn.details                ? 
_diffrn.id                     1 
_diffrn.ambient_pressure       ? 
_diffrn.ambient_pressure_esd   ? 
_diffrn.ambient_pressure_gt    ? 
_diffrn.ambient_pressure_lt    ? 
_diffrn.ambient_temp_gt        ? 
_diffrn.ambient_temp_lt        ? 
# 
_diffrn_detector.details                      ? 
_diffrn_detector.detector                     CCD 
_diffrn_detector.diffrn_id                    1 
_diffrn_detector.type                         'MARMOSAIC 300 mm CCD' 
_diffrn_detector.area_resol_mean              ? 
_diffrn_detector.dtime                        ? 
_diffrn_detector.pdbx_frames_total            ? 
_diffrn_detector.pdbx_collection_time_total   ? 
_diffrn_detector.pdbx_collection_date         2015-04-27 
# 
_diffrn_radiation.collimation                      ? 
_diffrn_radiation.diffrn_id                        1 
_diffrn_radiation.filter_edge                      ? 
_diffrn_radiation.inhomogeneity                    ? 
_diffrn_radiation.monochromator                    ? 
_diffrn_radiation.polarisn_norm                    ? 
_diffrn_radiation.polarisn_ratio                   ? 
_diffrn_radiation.probe                            ? 
_diffrn_radiation.type                             ? 
_diffrn_radiation.xray_symbol                      ? 
_diffrn_radiation.wavelength_id                    1 
_diffrn_radiation.pdbx_monochromatic_or_laue_m_l   M 
_diffrn_radiation.pdbx_wavelength_list             ? 
_diffrn_radiation.pdbx_wavelength                  ? 
_diffrn_radiation.pdbx_diffrn_protocol             'SINGLE WAVELENGTH' 
_diffrn_radiation.pdbx_analyzer                    ? 
_diffrn_radiation.pdbx_scattering_type             x-ray 
# 
_diffrn_radiation_wavelength.id           1 
_diffrn_radiation_wavelength.wavelength   1.033 
_diffrn_radiation_wavelength.wt           1.0 
# 
_diffrn_source.current                     ? 
_diffrn_source.details                     ? 
_diffrn_source.diffrn_id                   1 
_diffrn_source.power                       ? 
_diffrn_source.size                        ? 
_diffrn_source.source                      SYNCHROTRON 
_diffrn_source.target                      ? 
_diffrn_source.type                        'APS BEAMLINE 21-ID-D' 
_diffrn_source.voltage                     ? 
_diffrn_source.take-off_angle              ? 
_diffrn_source.pdbx_wavelength_list        1.033 
_diffrn_source.pdbx_wavelength             ? 
_diffrn_source.pdbx_synchrotron_beamline   21-ID-D 
_diffrn_source.pdbx_synchrotron_site       APS 
# 
_reflns.B_iso_Wilson_estimate            ? 
_reflns.entry_id                         5ICU 
_reflns.data_reduction_details           ? 
_reflns.data_reduction_method            ? 
_reflns.d_resolution_high                1.46 
_reflns.d_resolution_low                 27.98 
_reflns.details                          ? 
_reflns.limit_h_max                      ? 
_reflns.limit_h_min                      ? 
_reflns.limit_k_max                      ? 
_reflns.limit_k_min                      ? 
_reflns.limit_l_max                      ? 
_reflns.limit_l_min                      ? 
_reflns.number_all                       ? 
_reflns.number_obs                       17434 
_reflns.observed_criterion               ? 
_reflns.observed_criterion_F_max         ? 
_reflns.observed_criterion_F_min         ? 
_reflns.observed_criterion_I_max         ? 
_reflns.observed_criterion_I_min         ? 
_reflns.observed_criterion_sigma_F       ? 
_reflns.observed_criterion_sigma_I       ? 
_reflns.percent_possible_obs             99.9 
_reflns.R_free_details                   ? 
_reflns.Rmerge_F_all                     ? 
_reflns.Rmerge_F_obs                     ? 
_reflns.Friedel_coverage                 ? 
_reflns.number_gt                        ? 
_reflns.threshold_expression             ? 
_reflns.pdbx_redundancy                  8.6 
_reflns.pdbx_Rmerge_I_obs                ? 
_reflns.pdbx_Rmerge_I_all                ? 
_reflns.pdbx_Rsym_value                  ? 
_reflns.pdbx_netI_over_av_sigmaI         ? 
_reflns.pdbx_netI_over_sigmaI            41.9 
_reflns.pdbx_res_netI_over_av_sigmaI_2   ? 
_reflns.pdbx_res_netI_over_sigmaI_2      ? 
_reflns.pdbx_chi_squared                 ? 
_reflns.pdbx_scaling_rejects             ? 
_reflns.pdbx_d_res_high_opt              ? 
_reflns.pdbx_d_res_low_opt               ? 
_reflns.pdbx_d_res_opt_method            ? 
_reflns.phase_calculation_details        ? 
_reflns.pdbx_Rrim_I_all                  ? 
_reflns.pdbx_Rpim_I_all                  ? 
_reflns.pdbx_d_opt                       ? 
_reflns.pdbx_number_measured_all         ? 
_reflns.pdbx_diffrn_id                   1 
_reflns.pdbx_ordinal                     1 
_reflns.pdbx_CC_half                     ? 
_reflns.pdbx_R_split                     ? 
# 
_reflns_shell.d_res_high                  . 
_reflns_shell.d_res_low                   ? 
_reflns_shell.meanI_over_sigI_all         ? 
_reflns_shell.meanI_over_sigI_obs         ? 
_reflns_shell.number_measured_all         ? 
_reflns_shell.number_measured_obs         ? 
_reflns_shell.number_possible             ? 
_reflns_shell.number_unique_all           ? 
_reflns_shell.number_unique_obs           ? 
_reflns_shell.percent_possible_all        ? 
_reflns_shell.percent_possible_obs        ? 
_reflns_shell.Rmerge_F_all                ? 
_reflns_shell.Rmerge_F_obs                ? 
_reflns_shell.Rmerge_I_all                ? 
_reflns_shell.Rmerge_I_obs                ? 
_reflns_shell.meanI_over_sigI_gt          ? 
_reflns_shell.meanI_over_uI_all           ? 
_reflns_shell.meanI_over_uI_gt            ? 
_reflns_shell.number_measured_gt          ? 
_reflns_shell.number_unique_gt            ? 
_reflns_shell.percent_possible_gt         ? 
_reflns_shell.Rmerge_F_gt                 ? 
_reflns_shell.Rmerge_I_gt                 ? 
_reflns_shell.pdbx_redundancy             ? 
_reflns_shell.pdbx_Rsym_value             ? 
_reflns_shell.pdbx_chi_squared            ? 
_reflns_shell.pdbx_netI_over_sigmaI_all   ? 
_reflns_shell.pdbx_netI_over_sigmaI_obs   ? 
_reflns_shell.pdbx_Rrim_I_all             ? 
_reflns_shell.pdbx_Rpim_I_all             ? 
_reflns_shell.pdbx_rejects                ? 
_reflns_shell.pdbx_ordinal                1 
_reflns_shell.pdbx_diffrn_id              1 
_reflns_shell.pdbx_CC_half                ? 
_reflns_shell.pdbx_R_split                ? 
# 
_refine.aniso_B[1][1]                            0.03 
_refine.aniso_B[1][2]                            0.00 
_refine.aniso_B[1][3]                            0.00 
_refine.aniso_B[2][2]                            0.03 
_refine.aniso_B[2][3]                            0.00 
_refine.aniso_B[3][3]                            -0.06 
_refine.B_iso_max                                ? 
_refine.B_iso_mean                               10.371 
_refine.B_iso_min                                ? 
_refine.correlation_coeff_Fo_to_Fc               0.958 
_refine.correlation_coeff_Fo_to_Fc_free          0.945 
_refine.details                                  'HYDROGENS HAVE BEEN ADDED IN THE RIDING POSITIONS' 
_refine.diff_density_max                         ? 
_refine.diff_density_max_esd                     ? 
_refine.diff_density_min                         ? 
_refine.diff_density_min_esd                     ? 
_refine.diff_density_rms                         ? 
_refine.diff_density_rms_esd                     ? 
_refine.entry_id                                 5ICU 
_refine.pdbx_refine_id                           'X-RAY DIFFRACTION' 
_refine.ls_abs_structure_details                 ? 
_refine.ls_abs_structure_Flack                   ? 
_refine.ls_abs_structure_Flack_esd               ? 
_refine.ls_abs_structure_Rogers                  ? 
_refine.ls_abs_structure_Rogers_esd              ? 
_refine.ls_d_res_high                            1.46 
_refine.ls_d_res_low                             27.98 
_refine.ls_extinction_coef                       ? 
_refine.ls_extinction_coef_esd                   ? 
_refine.ls_extinction_expression                 ? 
_refine.ls_extinction_method                     ? 
_refine.ls_goodness_of_fit_all                   ? 
_refine.ls_goodness_of_fit_all_esd               ? 
_refine.ls_goodness_of_fit_obs                   ? 
_refine.ls_goodness_of_fit_obs_esd               ? 
_refine.ls_hydrogen_treatment                    ? 
_refine.ls_matrix_type                           ? 
_refine.ls_number_constraints                    ? 
_refine.ls_number_parameters                     ? 
_refine.ls_number_reflns_all                     ? 
_refine.ls_number_reflns_obs                     17434 
_refine.ls_number_reflns_R_free                  938 
_refine.ls_number_reflns_R_work                  ? 
_refine.ls_number_restraints                     ? 
_refine.ls_percent_reflns_obs                    99.70 
_refine.ls_percent_reflns_R_free                 5.1 
_refine.ls_R_factor_all                          ? 
_refine.ls_R_factor_obs                          0.16640 
_refine.ls_R_factor_R_free                       0.19112 
_refine.ls_R_factor_R_free_error                 ? 
_refine.ls_R_factor_R_free_error_details         ? 
_refine.ls_R_factor_R_work                       0.16512 
_refine.ls_R_Fsqd_factor_obs                     ? 
_refine.ls_R_I_factor_obs                        ? 
_refine.ls_redundancy_reflns_all                 ? 
_refine.ls_redundancy_reflns_obs                 ? 
_refine.ls_restrained_S_all                      ? 
_refine.ls_restrained_S_obs                      ? 
_refine.ls_shift_over_esd_max                    ? 
_refine.ls_shift_over_esd_mean                   ? 
_refine.ls_structure_factor_coef                 ? 
_refine.ls_weighting_details                     ? 
_refine.ls_weighting_scheme                      ? 
_refine.ls_wR_factor_all                         ? 
_refine.ls_wR_factor_obs                         ? 
_refine.ls_wR_factor_R_free                      ? 
_refine.ls_wR_factor_R_work                      ? 
_refine.occupancy_max                            ? 
_refine.occupancy_min                            ? 
_refine.solvent_model_details                    ? 
_refine.solvent_model_param_bsol                 ? 
_refine.solvent_model_param_ksol                 ? 
_refine.ls_R_factor_gt                           ? 
_refine.ls_goodness_of_fit_gt                    ? 
_refine.ls_goodness_of_fit_ref                   ? 
_refine.ls_shift_over_su_max                     ? 
_refine.ls_shift_over_su_max_lt                  ? 
_refine.ls_shift_over_su_mean                    ? 
_refine.ls_shift_over_su_mean_lt                 ? 
_refine.pdbx_ls_sigma_I                          ? 
_refine.pdbx_ls_sigma_F                          ? 
_refine.pdbx_ls_sigma_Fsqd                       ? 
_refine.pdbx_data_cutoff_high_absF               ? 
_refine.pdbx_data_cutoff_high_rms_absF           ? 
_refine.pdbx_data_cutoff_low_absF                ? 
_refine.pdbx_isotropic_thermal_model             ? 
_refine.pdbx_ls_cross_valid_method               THROUGHOUT 
_refine.pdbx_method_to_determine_struct          'MOLECULAR REPLACEMENT' 
_refine.pdbx_starting_model                      ? 
_refine.pdbx_stereochemistry_target_values       ? 
_refine.pdbx_R_Free_selection_details            RANDOM 
_refine.pdbx_stereochem_target_val_spec_case     ? 
_refine.pdbx_overall_ESU_R                       0.061 
_refine.pdbx_overall_ESU_R_Free                  0.064 
_refine.pdbx_solvent_vdw_probe_radii             1.20 
_refine.pdbx_solvent_ion_probe_radii             0.80 
_refine.pdbx_solvent_shrinkage_radii             0.80 
_refine.pdbx_real_space_R                        ? 
_refine.pdbx_density_correlation                 ? 
_refine.pdbx_pd_number_of_powder_patterns        ? 
_refine.pdbx_pd_number_of_points                 ? 
_refine.pdbx_pd_meas_number_of_points            ? 
_refine.pdbx_pd_proc_ls_prof_R_factor            ? 
_refine.pdbx_pd_proc_ls_prof_wR_factor           ? 
_refine.pdbx_pd_Marquardt_correlation_coeff      ? 
_refine.pdbx_pd_Fsqrd_R_factor                   ? 
_refine.pdbx_pd_ls_matrix_band_width             ? 
_refine.pdbx_overall_phase_error                 ? 
_refine.pdbx_overall_SU_R_free_Cruickshank_DPI   ? 
_refine.pdbx_overall_SU_R_free_Blow_DPI          ? 
_refine.pdbx_overall_SU_R_Blow_DPI               ? 
_refine.pdbx_TLS_residual_ADP_flag               ? 
_refine.pdbx_diffrn_id                           1 
_refine.overall_SU_B                             1.908 
_refine.overall_SU_ML                            0.034 
_refine.overall_SU_R_Cruickshank_DPI             ? 
_refine.overall_SU_R_free                        ? 
_refine.overall_FOM_free_R_set                   ? 
_refine.overall_FOM_work_R_set                   ? 
_refine.pdbx_average_fsc_overall                 ? 
_refine.pdbx_average_fsc_work                    ? 
_refine.pdbx_average_fsc_free                    ? 
# 
_refine_hist.pdbx_refine_id                   'X-RAY DIFFRACTION' 
_refine_hist.cycle_id                         1 
_refine_hist.pdbx_number_atoms_protein        771 
_refine_hist.pdbx_number_atoms_nucleic_acid   0 
_refine_hist.pdbx_number_atoms_ligand         14 
_refine_hist.number_atoms_solvent             88 
_refine_hist.number_atoms_total               873 
_refine_hist.d_res_high                       1.46 
_refine_hist.d_res_low                        27.98 
# 
loop_
_refine_ls_restr.pdbx_refine_id 
_refine_ls_restr.criterion 
_refine_ls_restr.dev_ideal 
_refine_ls_restr.dev_ideal_target 
_refine_ls_restr.number 
_refine_ls_restr.rejects 
_refine_ls_restr.type 
_refine_ls_restr.weight 
_refine_ls_restr.pdbx_restraint_function 
'X-RAY DIFFRACTION' ? 0.014  0.019  802  ? r_bond_refined_d             ? ? 
'X-RAY DIFFRACTION' ? 0.003  0.020  771  ? r_bond_other_d               ? ? 
'X-RAY DIFFRACTION' ? 1.665  1.985  1084 ? r_angle_refined_deg          ? ? 
'X-RAY DIFFRACTION' ? 0.964  3.000  1790 ? r_angle_other_deg            ? ? 
'X-RAY DIFFRACTION' ? 6.747  5.000  103  ? r_dihedral_angle_1_deg       ? ? 
'X-RAY DIFFRACTION' ? 20.747 24.194 31   ? r_dihedral_angle_2_deg       ? ? 
'X-RAY DIFFRACTION' ? 10.774 15.000 130  ? r_dihedral_angle_3_deg       ? ? 
'X-RAY DIFFRACTION' ? 6.071  15.000 3    ? r_dihedral_angle_4_deg       ? ? 
'X-RAY DIFFRACTION' ? 0.108  0.200  124  ? r_chiral_restr               ? ? 
'X-RAY DIFFRACTION' ? 0.008  0.021  883  ? r_gen_planes_refined         ? ? 
'X-RAY DIFFRACTION' ? 0.002  0.020  164  ? r_gen_planes_other           ? ? 
'X-RAY DIFFRACTION' ? ?      ?      ?    ? r_nbd_refined                ? ? 
'X-RAY DIFFRACTION' ? ?      ?      ?    ? r_nbd_other                  ? ? 
'X-RAY DIFFRACTION' ? ?      ?      ?    ? r_nbtor_refined              ? ? 
'X-RAY DIFFRACTION' ? ?      ?      ?    ? r_nbtor_other                ? ? 
'X-RAY DIFFRACTION' ? ?      ?      ?    ? r_xyhbond_nbd_refined        ? ? 
'X-RAY DIFFRACTION' ? ?      ?      ?    ? r_xyhbond_nbd_other          ? ? 
'X-RAY DIFFRACTION' ? ?      ?      ?    ? r_metal_ion_refined          ? ? 
'X-RAY DIFFRACTION' ? ?      ?      ?    ? r_metal_ion_other            ? ? 
'X-RAY DIFFRACTION' ? ?      ?      ?    ? r_symmetry_vdw_refined       ? ? 
'X-RAY DIFFRACTION' ? ?      ?      ?    ? r_symmetry_vdw_other         ? ? 
'X-RAY DIFFRACTION' ? ?      ?      ?    ? r_symmetry_hbond_refined     ? ? 
'X-RAY DIFFRACTION' ? ?      ?      ?    ? r_symmetry_hbond_other       ? ? 
'X-RAY DIFFRACTION' ? ?      ?      ?    ? r_symmetry_metal_ion_refined ? ? 
'X-RAY DIFFRACTION' ? ?      ?      ?    ? r_symmetry_metal_ion_other   ? ? 
'X-RAY DIFFRACTION' ? 0.511  0.726  409  ? r_mcbond_it                  ? ? 
'X-RAY DIFFRACTION' ? 0.499  0.726  408  ? r_mcbond_other               ? ? 
'X-RAY DIFFRACTION' ? 0.812  1.091  510  ? r_mcangle_it                 ? ? 
'X-RAY DIFFRACTION' ? 0.813  1.091  511  ? r_mcangle_other              ? ? 
'X-RAY DIFFRACTION' ? 1.168  0.874  393  ? r_scbond_it                  ? ? 
'X-RAY DIFFRACTION' ? 1.164  0.874  393  ? r_scbond_other               ? ? 
'X-RAY DIFFRACTION' ? ?      ?      ?    ? r_scangle_it                 ? ? 
'X-RAY DIFFRACTION' ? 1.795  1.250  574  ? r_scangle_other              ? ? 
'X-RAY DIFFRACTION' ? 3.467  11.606 886  ? r_long_range_B_refined       ? ? 
'X-RAY DIFFRACTION' ? 3.467  11.607 886  ? r_long_range_B_other         ? ? 
'X-RAY DIFFRACTION' ? ?      ?      ?    ? r_rigid_bond_restr           ? ? 
'X-RAY DIFFRACTION' ? ?      ?      ?    ? r_sphericity_free            ? ? 
'X-RAY DIFFRACTION' ? 11.862 5.000  1    ? r_sphericity_bonded          ? ? 
# 
_refine_ls_shell.pdbx_refine_id                   'X-RAY DIFFRACTION' 
_refine_ls_shell.d_res_high                       1.46 
_refine_ls_shell.d_res_low                        1.495 
_refine_ls_shell.number_reflns_all                ? 
_refine_ls_shell.number_reflns_obs                ? 
_refine_ls_shell.number_reflns_R_free             66 
_refine_ls_shell.number_reflns_R_work             1213 
_refine_ls_shell.percent_reflns_obs               96.46 
_refine_ls_shell.percent_reflns_R_free            ? 
_refine_ls_shell.R_factor_all                     ? 
_refine_ls_shell.R_factor_obs                     ? 
_refine_ls_shell.R_factor_R_free                  0.165 
_refine_ls_shell.R_factor_R_free_error            ? 
_refine_ls_shell.R_factor_R_work                  0.168 
_refine_ls_shell.redundancy_reflns_all            ? 
_refine_ls_shell.redundancy_reflns_obs            ? 
_refine_ls_shell.wR_factor_all                    ? 
_refine_ls_shell.wR_factor_obs                    ? 
_refine_ls_shell.wR_factor_R_free                 ? 
_refine_ls_shell.wR_factor_R_work                 ? 
_refine_ls_shell.pdbx_total_number_of_bins_used   20 
_refine_ls_shell.pdbx_phase_error                 ? 
_refine_ls_shell.pdbx_fsc_work                    ? 
_refine_ls_shell.pdbx_fsc_free                    ? 
# 
_struct.entry_id                     5ICU 
_struct.title                        'The crystal structure of CopC from Methylosinus trichosporium OB3b' 
_struct.pdbx_model_details           ? 
_struct.pdbx_formula_weight          ? 
_struct.pdbx_formula_weight_method   ? 
_struct.pdbx_model_type_details      ? 
_struct.pdbx_CASP_flag               ? 
# 
_struct_keywords.entry_id        5ICU 
_struct_keywords.text            'CopC, metal homeostasis, PcoC, chaperone, cupredoxin' 
_struct_keywords.pdbx_keywords   CHAPERONE 
# 
loop_
_struct_asym.id 
_struct_asym.pdbx_blank_PDB_chainid_flag 
_struct_asym.pdbx_modified 
_struct_asym.entity_id 
_struct_asym.details 
A N N 1 ? 
B N N 2 ? 
C N N 3 ? 
D N N 4 ? 
E N N 4 ? 
F N N 5 ? 
# 
_struct_ref.id                         1 
_struct_ref.db_name                    PDB 
_struct_ref.db_code                    5ICU 
_struct_ref.pdbx_db_accession          5ICU 
_struct_ref.pdbx_db_isoform            ? 
_struct_ref.entity_id                  1 
_struct_ref.pdbx_seq_one_letter_code   ? 
_struct_ref.pdbx_align_begin           1 
# 
_struct_ref_seq.align_id                      1 
_struct_ref_seq.ref_id                        1 
_struct_ref_seq.pdbx_PDB_id_code              5ICU 
_struct_ref_seq.pdbx_strand_id                A 
_struct_ref_seq.seq_align_beg                 1 
_struct_ref_seq.pdbx_seq_align_beg_ins_code   ? 
_struct_ref_seq.seq_align_end                 102 
_struct_ref_seq.pdbx_seq_align_end_ins_code   ? 
_struct_ref_seq.pdbx_db_accession             5ICU 
_struct_ref_seq.db_align_beg                  23 
_struct_ref_seq.pdbx_db_align_beg_ins_code    ? 
_struct_ref_seq.db_align_end                  124 
_struct_ref_seq.pdbx_db_align_end_ins_code    ? 
_struct_ref_seq.pdbx_auth_seq_align_beg       23 
_struct_ref_seq.pdbx_auth_seq_align_end       124 
# 
_pdbx_struct_assembly.id                   1 
_pdbx_struct_assembly.details              author_and_software_defined_assembly 
_pdbx_struct_assembly.method_details       PISA 
_pdbx_struct_assembly.oligomeric_details   monomeric 
_pdbx_struct_assembly.oligomeric_count     1 
# 
_pdbx_struct_assembly_gen.assembly_id       1 
_pdbx_struct_assembly_gen.oper_expression   1 
_pdbx_struct_assembly_gen.asym_id_list      A,B,C,D,E,F 
# 
_pdbx_struct_oper_list.id                   1 
_pdbx_struct_oper_list.type                 'identity operation' 
_pdbx_struct_oper_list.name                 1_555 
_pdbx_struct_oper_list.symmetry_operation   x,y,z 
_pdbx_struct_oper_list.matrix[1][1]         1.0000000000 
_pdbx_struct_oper_list.matrix[1][2]         0.0000000000 
_pdbx_struct_oper_list.matrix[1][3]         0.0000000000 
_pdbx_struct_oper_list.vector[1]            0.0000000000 
_pdbx_struct_oper_list.matrix[2][1]         0.0000000000 
_pdbx_struct_oper_list.matrix[2][2]         1.0000000000 
_pdbx_struct_oper_list.matrix[2][3]         0.0000000000 
_pdbx_struct_oper_list.vector[2]            0.0000000000 
_pdbx_struct_oper_list.matrix[3][1]         0.0000000000 
_pdbx_struct_oper_list.matrix[3][2]         0.0000000000 
_pdbx_struct_oper_list.matrix[3][3]         1.0000000000 
_pdbx_struct_oper_list.vector[3]            0.0000000000 
# 
_struct_conf.conf_type_id            HELX_P 
_struct_conf.id                      HELX_P1 
_struct_conf.pdbx_PDB_helix_id       AA1 
_struct_conf.beg_label_comp_id       GLU 
_struct_conf.beg_label_asym_id       A 
_struct_conf.beg_label_seq_id        31 
_struct_conf.pdbx_beg_PDB_ins_code   ? 
_struct_conf.end_label_comp_id       SER 
_struct_conf.end_label_asym_id       A 
_struct_conf.end_label_seq_id        35 
_struct_conf.pdbx_end_PDB_ins_code   ? 
_struct_conf.beg_auth_comp_id        GLU 
_struct_conf.beg_auth_asym_id        A 
_struct_conf.beg_auth_seq_id         53 
_struct_conf.end_auth_comp_id        SER 
_struct_conf.end_auth_asym_id        A 
_struct_conf.end_auth_seq_id         57 
_struct_conf.pdbx_PDB_helix_class    5 
_struct_conf.details                 ? 
_struct_conf.pdbx_PDB_helix_length   5 
# 
_struct_conf_type.id          HELX_P 
_struct_conf_type.criteria    ? 
_struct_conf_type.reference   ? 
# 
loop_
_struct_conn.id 
_struct_conn.conn_type_id 
_struct_conn.pdbx_leaving_atom_flag 
_struct_conn.pdbx_PDB_id 
_struct_conn.ptnr1_label_asym_id 
_struct_conn.ptnr1_label_comp_id 
_struct_conn.ptnr1_label_seq_id 
_struct_conn.ptnr1_label_atom_id 
_struct_conn.pdbx_ptnr1_label_alt_id 
_struct_conn.pdbx_ptnr1_PDB_ins_code 
_struct_conn.pdbx_ptnr1_standard_comp_id 
_struct_conn.ptnr1_symmetry 
_struct_conn.ptnr2_label_asym_id 
_struct_conn.ptnr2_label_comp_id 
_struct_conn.ptnr2_label_seq_id 
_struct_conn.ptnr2_label_atom_id 
_struct_conn.pdbx_ptnr2_label_alt_id 
_struct_conn.pdbx_ptnr2_PDB_ins_code 
_struct_conn.ptnr1_auth_asym_id 
_struct_conn.ptnr1_auth_comp_id 
_struct_conn.ptnr1_auth_seq_id 
_struct_conn.ptnr2_auth_asym_id 
_struct_conn.ptnr2_auth_comp_id 
_struct_conn.ptnr2_auth_seq_id 
_struct_conn.ptnr2_symmetry 
_struct_conn.pdbx_ptnr3_label_atom_id 
_struct_conn.pdbx_ptnr3_label_seq_id 
_struct_conn.pdbx_ptnr3_label_comp_id 
_struct_conn.pdbx_ptnr3_label_asym_id 
_struct_conn.pdbx_ptnr3_label_alt_id 
_struct_conn.pdbx_ptnr3_PDB_ins_code 
_struct_conn.details 
_struct_conn.pdbx_dist_value 
_struct_conn.pdbx_value_order 
_struct_conn.pdbx_role 
metalc1 metalc ? ? A HIS 1  N   ? ? ? 1_555 B CU  . CU ? ? A HIS 23  A CU  201 1_555 ? ? ? ? ? ? ? 2.033 ? ? 
metalc2 metalc ? ? A HIS 1  ND1 ? ? ? 1_555 B CU  . CU ? ? A HIS 23  A CU  201 1_555 ? ? ? ? ? ? ? 2.062 ? ? 
metalc3 metalc ? ? A ASP 83 OD2 ? ? ? 1_555 B CU  . CU ? ? A ASP 105 A CU  201 1_555 ? ? ? ? ? ? ? 2.297 ? ? 
metalc4 metalc ? ? A HIS 85 ND1 ? ? ? 1_555 B CU  . CU ? ? A HIS 107 A CU  201 1_555 ? ? ? ? ? ? ? 1.965 ? ? 
metalc5 metalc ? ? B CU  .  CU  ? ? ? 1_555 F HOH . O  ? ? A CU  201 A HOH 369 1_555 ? ? ? ? ? ? ? 2.373 ? ? 
# 
_struct_conn_type.id          metalc 
_struct_conn_type.criteria    ? 
_struct_conn_type.reference   ? 
# 
loop_
_pdbx_struct_conn_angle.id 
_pdbx_struct_conn_angle.ptnr1_label_atom_id 
_pdbx_struct_conn_angle.ptnr1_label_alt_id 
_pdbx_struct_conn_angle.ptnr1_label_asym_id 
_pdbx_struct_conn_angle.ptnr1_label_comp_id 
_pdbx_struct_conn_angle.ptnr1_label_seq_id 
_pdbx_struct_conn_angle.ptnr1_auth_atom_id 
_pdbx_struct_conn_angle.ptnr1_auth_asym_id 
_pdbx_struct_conn_angle.ptnr1_auth_comp_id 
_pdbx_struct_conn_angle.ptnr1_auth_seq_id 
_pdbx_struct_conn_angle.ptnr1_PDB_ins_code 
_pdbx_struct_conn_angle.ptnr1_symmetry 
_pdbx_struct_conn_angle.ptnr2_label_atom_id 
_pdbx_struct_conn_angle.ptnr2_label_alt_id 
_pdbx_struct_conn_angle.ptnr2_label_asym_id 
_pdbx_struct_conn_angle.ptnr2_label_comp_id 
_pdbx_struct_conn_angle.ptnr2_label_seq_id 
_pdbx_struct_conn_angle.ptnr2_auth_atom_id 
_pdbx_struct_conn_angle.ptnr2_auth_asym_id 
_pdbx_struct_conn_angle.ptnr2_auth_comp_id 
_pdbx_struct_conn_angle.ptnr2_auth_seq_id 
_pdbx_struct_conn_angle.ptnr2_PDB_ins_code 
_pdbx_struct_conn_angle.ptnr2_symmetry 
_pdbx_struct_conn_angle.ptnr3_label_atom_id 
_pdbx_struct_conn_angle.ptnr3_label_alt_id 
_pdbx_struct_conn_angle.ptnr3_label_asym_id 
_pdbx_struct_conn_angle.ptnr3_label_comp_id 
_pdbx_struct_conn_angle.ptnr3_label_seq_id 
_pdbx_struct_conn_angle.ptnr3_auth_atom_id 
_pdbx_struct_conn_angle.ptnr3_auth_asym_id 
_pdbx_struct_conn_angle.ptnr3_auth_comp_id 
_pdbx_struct_conn_angle.ptnr3_auth_seq_id 
_pdbx_struct_conn_angle.ptnr3_PDB_ins_code 
_pdbx_struct_conn_angle.ptnr3_symmetry 
_pdbx_struct_conn_angle.value 
_pdbx_struct_conn_angle.value_esd 
1  N   ? A HIS 1  ? A HIS 23  ? 1_555 CU ? B CU . ? A CU 201 ? 1_555 ND1 ? A HIS 1  ? A HIS 23  ? 1_555 91.5  ? 
2  N   ? A HIS 1  ? A HIS 23  ? 1_555 CU ? B CU . ? A CU 201 ? 1_555 OD2 ? A ASP 83 ? A ASP 105 ? 1_555 79.1  ? 
3  ND1 ? A HIS 1  ? A HIS 23  ? 1_555 CU ? B CU . ? A CU 201 ? 1_555 OD2 ? A ASP 83 ? A ASP 105 ? 1_555 170.3 ? 
4  N   ? A HIS 1  ? A HIS 23  ? 1_555 CU ? B CU . ? A CU 201 ? 1_555 ND1 ? A HIS 85 ? A HIS 107 ? 1_555 154.9 ? 
5  ND1 ? A HIS 1  ? A HIS 23  ? 1_555 CU ? B CU . ? A CU 201 ? 1_555 ND1 ? A HIS 85 ? A HIS 107 ? 1_555 101.3 ? 
6  OD2 ? A ASP 83 ? A ASP 105 ? 1_555 CU ? B CU . ? A CU 201 ? 1_555 ND1 ? A HIS 85 ? A HIS 107 ? 1_555 86.5  ? 
7  N   ? A HIS 1  ? A HIS 23  ? 1_555 CU ? B CU . ? A CU 201 ? 1_555 O   ? F HOH .  ? A HOH 369 ? 1_555 98.7  ? 
8  ND1 ? A HIS 1  ? A HIS 23  ? 1_555 CU ? B CU . ? A CU 201 ? 1_555 O   ? F HOH .  ? A HOH 369 ? 1_555 97.7  ? 
9  OD2 ? A ASP 83 ? A ASP 105 ? 1_555 CU ? B CU . ? A CU 201 ? 1_555 O   ? F HOH .  ? A HOH 369 ? 1_555 86.4  ? 
10 ND1 ? A HIS 85 ? A HIS 107 ? 1_555 CU ? B CU . ? A CU 201 ? 1_555 O   ? F HOH .  ? A HOH 369 ? 1_555 100.9 ? 
# 
_struct_mon_prot_cis.pdbx_id                1 
_struct_mon_prot_cis.label_comp_id          SER 
_struct_mon_prot_cis.label_seq_id           8 
_struct_mon_prot_cis.label_asym_id          A 
_struct_mon_prot_cis.label_alt_id           . 
_struct_mon_prot_cis.pdbx_PDB_ins_code      ? 
_struct_mon_prot_cis.auth_comp_id           SER 
_struct_mon_prot_cis.auth_seq_id            30 
_struct_mon_prot_cis.auth_asym_id           A 
_struct_mon_prot_cis.pdbx_label_comp_id_2   PRO 
_struct_mon_prot_cis.pdbx_label_seq_id_2    9 
_struct_mon_prot_cis.pdbx_label_asym_id_2   A 
_struct_mon_prot_cis.pdbx_PDB_ins_code_2    ? 
_struct_mon_prot_cis.pdbx_auth_comp_id_2    PRO 
_struct_mon_prot_cis.pdbx_auth_seq_id_2     31 
_struct_mon_prot_cis.pdbx_auth_asym_id_2    A 
_struct_mon_prot_cis.pdbx_PDB_model_num     1 
_struct_mon_prot_cis.pdbx_omega_angle       -14.56 
# 
loop_
_struct_sheet.id 
_struct_sheet.type 
_struct_sheet.number_strands 
_struct_sheet.details 
AA1 ? 3 ? 
AA2 ? 5 ? 
# 
loop_
_struct_sheet_order.sheet_id 
_struct_sheet_order.range_id_1 
_struct_sheet_order.range_id_2 
_struct_sheet_order.offset 
_struct_sheet_order.sense 
AA1 1 2 ? anti-parallel 
AA1 2 3 ? anti-parallel 
AA2 1 2 ? parallel      
AA2 2 3 ? anti-parallel 
AA2 3 4 ? anti-parallel 
AA2 4 5 ? anti-parallel 
# 
loop_
_struct_sheet_range.sheet_id 
_struct_sheet_range.id 
_struct_sheet_range.beg_label_comp_id 
_struct_sheet_range.beg_label_asym_id 
_struct_sheet_range.beg_label_seq_id 
_struct_sheet_range.pdbx_beg_PDB_ins_code 
_struct_sheet_range.end_label_comp_id 
_struct_sheet_range.end_label_asym_id 
_struct_sheet_range.end_label_seq_id 
_struct_sheet_range.pdbx_end_PDB_ins_code 
_struct_sheet_range.beg_auth_comp_id 
_struct_sheet_range.beg_auth_asym_id 
_struct_sheet_range.beg_auth_seq_id 
_struct_sheet_range.end_auth_comp_id 
_struct_sheet_range.end_auth_asym_id 
_struct_sheet_range.end_auth_seq_id 
AA1 1 LEU A 4  ? SER A 8  ? LEU A 26  SER A 30  
AA1 2 LEU A 21 ? PHE A 26 ? LEU A 43  PHE A 48  
AA1 3 GLU A 60 ? ASP A 64 ? GLU A 82  ASP A 86  
AA2 1 HIS A 14 ? VAL A 15 ? HIS A 36  VAL A 37  
AA2 2 ILE A 86 ? VAL A 95 ? ILE A 108 VAL A 117 
AA2 3 GLY A 71 ? LEU A 80 ? GLY A 93  LEU A 102 
AA2 4 SER A 36 ? LEU A 40 ? SER A 58  LEU A 62  
AA2 5 LEU A 46 ? GLY A 50 ? LEU A 68  GLY A 72  
# 
loop_
_pdbx_struct_sheet_hbond.sheet_id 
_pdbx_struct_sheet_hbond.range_id_1 
_pdbx_struct_sheet_hbond.range_id_2 
_pdbx_struct_sheet_hbond.range_1_label_atom_id 
_pdbx_struct_sheet_hbond.range_1_label_comp_id 
_pdbx_struct_sheet_hbond.range_1_label_asym_id 
_pdbx_struct_sheet_hbond.range_1_label_seq_id 
_pdbx_struct_sheet_hbond.range_1_PDB_ins_code 
_pdbx_struct_sheet_hbond.range_1_auth_atom_id 
_pdbx_struct_sheet_hbond.range_1_auth_comp_id 
_pdbx_struct_sheet_hbond.range_1_auth_asym_id 
_pdbx_struct_sheet_hbond.range_1_auth_seq_id 
_pdbx_struct_sheet_hbond.range_2_label_atom_id 
_pdbx_struct_sheet_hbond.range_2_label_comp_id 
_pdbx_struct_sheet_hbond.range_2_label_asym_id 
_pdbx_struct_sheet_hbond.range_2_label_seq_id 
_pdbx_struct_sheet_hbond.range_2_PDB_ins_code 
_pdbx_struct_sheet_hbond.range_2_auth_atom_id 
_pdbx_struct_sheet_hbond.range_2_auth_comp_id 
_pdbx_struct_sheet_hbond.range_2_auth_asym_id 
_pdbx_struct_sheet_hbond.range_2_auth_seq_id 
AA1 1 2 N VAL A 5  ? N VAL A 27  O ARG A 25 ? O ARG A 47  
AA1 2 3 N LEU A 24 ? N LEU A 46  O LEU A 61 ? O LEU A 83  
AA2 1 2 N VAL A 15 ? N VAL A 37  O THR A 94 ? O THR A 116 
AA2 2 3 O VAL A 95 ? O VAL A 117 N GLY A 71 ? N GLY A 93  
AA2 3 4 O VAL A 74 ? O VAL A 96  N LEU A 40 ? N LEU A 62  
AA2 4 5 N ILE A 39 ? N ILE A 61  O VAL A 47 ? O VAL A 69  
# 
loop_
_struct_site.id 
_struct_site.pdbx_evidence_code 
_struct_site.pdbx_auth_asym_id 
_struct_site.pdbx_auth_comp_id 
_struct_site.pdbx_auth_seq_id 
_struct_site.pdbx_auth_ins_code 
_struct_site.pdbx_num_residues 
_struct_site.details 
AC1 Software A CU  201 ? 4 'binding site for residue CU A 201'  
AC2 Software A CL  202 ? 4 'binding site for residue CL A 202'  
AC3 Software A GOL 203 ? 8 'binding site for residue GOL A 203' 
AC4 Software A GOL 204 ? 7 'binding site for residue GOL A 204' 
# 
loop_
_struct_site_gen.id 
_struct_site_gen.site_id 
_struct_site_gen.pdbx_num_res 
_struct_site_gen.label_comp_id 
_struct_site_gen.label_asym_id 
_struct_site_gen.label_seq_id 
_struct_site_gen.pdbx_auth_ins_code 
_struct_site_gen.auth_comp_id 
_struct_site_gen.auth_asym_id 
_struct_site_gen.auth_seq_id 
_struct_site_gen.label_atom_id 
_struct_site_gen.label_alt_id 
_struct_site_gen.symmetry 
_struct_site_gen.details 
1  AC1 4 HIS A 1   ? HIS A 23  . ? 1_555 ? 
2  AC1 4 ASP A 83  ? ASP A 105 . ? 1_555 ? 
3  AC1 4 HIS A 85  ? HIS A 107 . ? 1_555 ? 
4  AC1 4 HOH F .   ? HOH A 369 . ? 1_555 ? 
5  AC2 4 GLY A 29  ? GLY A 51  . ? 1_555 ? 
6  AC2 4 ARG A 59  ? ARG A 81  . ? 1_555 ? 
7  AC2 4 PRO A 66  ? PRO A 88  . ? 2_454 ? 
8  AC2 4 GLU A 67  ? GLU A 89  . ? 2_454 ? 
9  AC3 8 HIS A 1   ? HIS A 23  . ? 1_555 ? 
10 AC3 8 GLU A 49  ? GLU A 71  . ? 4_545 ? 
11 AC3 8 ILE A 86  ? ILE A 108 . ? 1_555 ? 
12 AC3 8 VAL A 87  ? VAL A 109 . ? 1_555 ? 
13 AC3 8 GLU A 88  ? GLU A 110 . ? 1_555 ? 
14 AC3 8 ASN A 100 ? ASN A 122 . ? 2_554 ? 
15 AC3 8 HOH F .   ? HOH A 343 . ? 2_554 ? 
16 AC3 8 HOH F .   ? HOH A 381 . ? 4_445 ? 
17 AC4 7 ASP A 41  ? ASP A 63  . ? 1_555 ? 
18 AC4 7 ASP A 56  ? ASP A 78  . ? 2_455 ? 
19 AC4 7 GLU A 67  ? GLU A 89  . ? 1_555 ? 
20 AC4 7 LEU A 68  ? LEU A 90  . ? 1_555 ? 
21 AC4 7 ALA A 69  ? ALA A 91  . ? 1_555 ? 
22 AC4 7 TYR A 73  ? TYR A 95  . ? 1_555 ? 
23 AC4 7 HOH F .   ? HOH A 386 . ? 2_455 ? 
# 
loop_
_pdbx_validate_torsion.id 
_pdbx_validate_torsion.PDB_model_num 
_pdbx_validate_torsion.auth_comp_id 
_pdbx_validate_torsion.auth_asym_id 
_pdbx_validate_torsion.auth_seq_id 
_pdbx_validate_torsion.PDB_ins_code 
_pdbx_validate_torsion.label_alt_id 
_pdbx_validate_torsion.phi 
_pdbx_validate_torsion.psi 
1 1 ALA A 73  ? ? -176.96 135.02 
2 1 LYS A 112 ? ? -171.32 148.86 
# 
_pdbx_refine_tls.pdbx_refine_id   'X-RAY DIFFRACTION' 
_pdbx_refine_tls.id               1 
_pdbx_refine_tls.details          ? 
_pdbx_refine_tls.method           refined 
_pdbx_refine_tls.origin_x         -0.1081 
_pdbx_refine_tls.origin_y         -0.0097 
_pdbx_refine_tls.origin_z         0.0005 
_pdbx_refine_tls.T[1][1]          0.0069 
_pdbx_refine_tls.T[2][2]          0.0074 
_pdbx_refine_tls.T[3][3]          0.0114 
_pdbx_refine_tls.T[1][2]          -0.0003 
_pdbx_refine_tls.T[1][3]          0.0045 
_pdbx_refine_tls.T[2][3]          -0.0044 
_pdbx_refine_tls.L[1][1]          0.6138 
_pdbx_refine_tls.L[2][2]          0.1520 
_pdbx_refine_tls.L[3][3]          0.5593 
_pdbx_refine_tls.L[1][2]          0.1807 
_pdbx_refine_tls.L[1][3]          0.3934 
_pdbx_refine_tls.L[2][3]          0.1165 
_pdbx_refine_tls.S[1][1]          -0.0011 
_pdbx_refine_tls.S[1][2]          0.0380 
_pdbx_refine_tls.S[1][3]          -0.0558 
_pdbx_refine_tls.S[2][1]          0.0071 
_pdbx_refine_tls.S[2][2]          0.0135 
_pdbx_refine_tls.S[2][3]          0.0021 
_pdbx_refine_tls.S[3][1]          0.0405 
_pdbx_refine_tls.S[3][2]          0.0296 
_pdbx_refine_tls.S[3][3]          -0.0125 
# 
_pdbx_refine_tls_group.pdbx_refine_id      'X-RAY DIFFRACTION' 
_pdbx_refine_tls_group.id                  1 
_pdbx_refine_tls_group.refine_tls_id       1 
_pdbx_refine_tls_group.beg_auth_asym_id    A 
_pdbx_refine_tls_group.beg_auth_seq_id     23 
_pdbx_refine_tls_group.beg_label_asym_id   ? 
_pdbx_refine_tls_group.beg_label_seq_id    ? 
_pdbx_refine_tls_group.end_auth_asym_id    A 
_pdbx_refine_tls_group.end_auth_seq_id     124 
_pdbx_refine_tls_group.end_label_asym_id   ? 
_pdbx_refine_tls_group.end_label_seq_id    ? 
_pdbx_refine_tls_group.selection           ? 
_pdbx_refine_tls_group.selection_details   ? 
# 
loop_
_pdbx_distant_solvent_atoms.id 
_pdbx_distant_solvent_atoms.PDB_model_num 
_pdbx_distant_solvent_atoms.auth_atom_id 
_pdbx_distant_solvent_atoms.label_alt_id 
_pdbx_distant_solvent_atoms.auth_asym_id 
_pdbx_distant_solvent_atoms.auth_comp_id 
_pdbx_distant_solvent_atoms.auth_seq_id 
_pdbx_distant_solvent_atoms.PDB_ins_code 
_pdbx_distant_solvent_atoms.neighbor_macromolecule_distance 
_pdbx_distant_solvent_atoms.neighbor_ligand_distance 
1 1 O ? A HOH 387 ? 6.49 . 
2 1 O ? A HOH 388 ? 7.01 . 
# 
loop_
_chem_comp_atom.comp_id 
_chem_comp_atom.atom_id 
_chem_comp_atom.type_symbol 
_chem_comp_atom.pdbx_aromatic_flag 
_chem_comp_atom.pdbx_stereo_config 
_chem_comp_atom.pdbx_ordinal 
ALA N    N  N N 1   
ALA CA   C  N S 2   
ALA C    C  N N 3   
ALA O    O  N N 4   
ALA CB   C  N N 5   
ALA OXT  O  N N 6   
ALA H    H  N N 7   
ALA H2   H  N N 8   
ALA HA   H  N N 9   
ALA HB1  H  N N 10  
ALA HB2  H  N N 11  
ALA HB3  H  N N 12  
ALA HXT  H  N N 13  
ARG N    N  N N 14  
ARG CA   C  N S 15  
ARG C    C  N N 16  
ARG O    O  N N 17  
ARG CB   C  N N 18  
ARG CG   C  N N 19  
ARG CD   C  N N 20  
ARG NE   N  N N 21  
ARG CZ   C  N N 22  
ARG NH1  N  N N 23  
ARG NH2  N  N N 24  
ARG OXT  O  N N 25  
ARG H    H  N N 26  
ARG H2   H  N N 27  
ARG HA   H  N N 28  
ARG HB2  H  N N 29  
ARG HB3  H  N N 30  
ARG HG2  H  N N 31  
ARG HG3  H  N N 32  
ARG HD2  H  N N 33  
ARG HD3  H  N N 34  
ARG HE   H  N N 35  
ARG HH11 H  N N 36  
ARG HH12 H  N N 37  
ARG HH21 H  N N 38  
ARG HH22 H  N N 39  
ARG HXT  H  N N 40  
ASN N    N  N N 41  
ASN CA   C  N S 42  
ASN C    C  N N 43  
ASN O    O  N N 44  
ASN CB   C  N N 45  
ASN CG   C  N N 46  
ASN OD1  O  N N 47  
ASN ND2  N  N N 48  
ASN OXT  O  N N 49  
ASN H    H  N N 50  
ASN H2   H  N N 51  
ASN HA   H  N N 52  
ASN HB2  H  N N 53  
ASN HB3  H  N N 54  
ASN HD21 H  N N 55  
ASN HD22 H  N N 56  
ASN HXT  H  N N 57  
ASP N    N  N N 58  
ASP CA   C  N S 59  
ASP C    C  N N 60  
ASP O    O  N N 61  
ASP CB   C  N N 62  
ASP CG   C  N N 63  
ASP OD1  O  N N 64  
ASP OD2  O  N N 65  
ASP OXT  O  N N 66  
ASP H    H  N N 67  
ASP H2   H  N N 68  
ASP HA   H  N N 69  
ASP HB2  H  N N 70  
ASP HB3  H  N N 71  
ASP HD2  H  N N 72  
ASP HXT  H  N N 73  
CL  CL   CL N N 74  
CU  CU   CU N N 75  
GLN N    N  N N 76  
GLN CA   C  N S 77  
GLN C    C  N N 78  
GLN O    O  N N 79  
GLN CB   C  N N 80  
GLN CG   C  N N 81  
GLN CD   C  N N 82  
GLN OE1  O  N N 83  
GLN NE2  N  N N 84  
GLN OXT  O  N N 85  
GLN H    H  N N 86  
GLN H2   H  N N 87  
GLN HA   H  N N 88  
GLN HB2  H  N N 89  
GLN HB3  H  N N 90  
GLN HG2  H  N N 91  
GLN HG3  H  N N 92  
GLN HE21 H  N N 93  
GLN HE22 H  N N 94  
GLN HXT  H  N N 95  
GLU N    N  N N 96  
GLU CA   C  N S 97  
GLU C    C  N N 98  
GLU O    O  N N 99  
GLU CB   C  N N 100 
GLU CG   C  N N 101 
GLU CD   C  N N 102 
GLU OE1  O  N N 103 
GLU OE2  O  N N 104 
GLU OXT  O  N N 105 
GLU H    H  N N 106 
GLU H2   H  N N 107 
GLU HA   H  N N 108 
GLU HB2  H  N N 109 
GLU HB3  H  N N 110 
GLU HG2  H  N N 111 
GLU HG3  H  N N 112 
GLU HE2  H  N N 113 
GLU HXT  H  N N 114 
GLY N    N  N N 115 
GLY CA   C  N N 116 
GLY C    C  N N 117 
GLY O    O  N N 118 
GLY OXT  O  N N 119 
GLY H    H  N N 120 
GLY H2   H  N N 121 
GLY HA2  H  N N 122 
GLY HA3  H  N N 123 
GLY HXT  H  N N 124 
GOL C1   C  N N 125 
GOL O1   O  N N 126 
GOL C2   C  N N 127 
GOL O2   O  N N 128 
GOL C3   C  N N 129 
GOL O3   O  N N 130 
GOL H11  H  N N 131 
GOL H12  H  N N 132 
GOL HO1  H  N N 133 
GOL H2   H  N N 134 
GOL HO2  H  N N 135 
GOL H31  H  N N 136 
GOL H32  H  N N 137 
GOL HO3  H  N N 138 
HIS N    N  N N 139 
HIS CA   C  N S 140 
HIS C    C  N N 141 
HIS O    O  N N 142 
HIS CB   C  N N 143 
HIS CG   C  Y N 144 
HIS ND1  N  Y N 145 
HIS CD2  C  Y N 146 
HIS CE1  C  Y N 147 
HIS NE2  N  Y N 148 
HIS OXT  O  N N 149 
HIS H    H  N N 150 
HIS H2   H  N N 151 
HIS HA   H  N N 152 
HIS HB2  H  N N 153 
HIS HB3  H  N N 154 
HIS HD1  H  N N 155 
HIS HD2  H  N N 156 
HIS HE1  H  N N 157 
HIS HE2  H  N N 158 
HIS HXT  H  N N 159 
HOH O    O  N N 160 
HOH H1   H  N N 161 
HOH H2   H  N N 162 
ILE N    N  N N 163 
ILE CA   C  N S 164 
ILE C    C  N N 165 
ILE O    O  N N 166 
ILE CB   C  N S 167 
ILE CG1  C  N N 168 
ILE CG2  C  N N 169 
ILE CD1  C  N N 170 
ILE OXT  O  N N 171 
ILE H    H  N N 172 
ILE H2   H  N N 173 
ILE HA   H  N N 174 
ILE HB   H  N N 175 
ILE HG12 H  N N 176 
ILE HG13 H  N N 177 
ILE HG21 H  N N 178 
ILE HG22 H  N N 179 
ILE HG23 H  N N 180 
ILE HD11 H  N N 181 
ILE HD12 H  N N 182 
ILE HD13 H  N N 183 
ILE HXT  H  N N 184 
LEU N    N  N N 185 
LEU CA   C  N S 186 
LEU C    C  N N 187 
LEU O    O  N N 188 
LEU CB   C  N N 189 
LEU CG   C  N N 190 
LEU CD1  C  N N 191 
LEU CD2  C  N N 192 
LEU OXT  O  N N 193 
LEU H    H  N N 194 
LEU H2   H  N N 195 
LEU HA   H  N N 196 
LEU HB2  H  N N 197 
LEU HB3  H  N N 198 
LEU HG   H  N N 199 
LEU HD11 H  N N 200 
LEU HD12 H  N N 201 
LEU HD13 H  N N 202 
LEU HD21 H  N N 203 
LEU HD22 H  N N 204 
LEU HD23 H  N N 205 
LEU HXT  H  N N 206 
LYS N    N  N N 207 
LYS CA   C  N S 208 
LYS C    C  N N 209 
LYS O    O  N N 210 
LYS CB   C  N N 211 
LYS CG   C  N N 212 
LYS CD   C  N N 213 
LYS CE   C  N N 214 
LYS NZ   N  N N 215 
LYS OXT  O  N N 216 
LYS H    H  N N 217 
LYS H2   H  N N 218 
LYS HA   H  N N 219 
LYS HB2  H  N N 220 
LYS HB3  H  N N 221 
LYS HG2  H  N N 222 
LYS HG3  H  N N 223 
LYS HD2  H  N N 224 
LYS HD3  H  N N 225 
LYS HE2  H  N N 226 
LYS HE3  H  N N 227 
LYS HZ1  H  N N 228 
LYS HZ2  H  N N 229 
LYS HZ3  H  N N 230 
LYS HXT  H  N N 231 
PHE N    N  N N 232 
PHE CA   C  N S 233 
PHE C    C  N N 234 
PHE O    O  N N 235 
PHE CB   C  N N 236 
PHE CG   C  Y N 237 
PHE CD1  C  Y N 238 
PHE CD2  C  Y N 239 
PHE CE1  C  Y N 240 
PHE CE2  C  Y N 241 
PHE CZ   C  Y N 242 
PHE OXT  O  N N 243 
PHE H    H  N N 244 
PHE H2   H  N N 245 
PHE HA   H  N N 246 
PHE HB2  H  N N 247 
PHE HB3  H  N N 248 
PHE HD1  H  N N 249 
PHE HD2  H  N N 250 
PHE HE1  H  N N 251 
PHE HE2  H  N N 252 
PHE HZ   H  N N 253 
PHE HXT  H  N N 254 
PRO N    N  N N 255 
PRO CA   C  N S 256 
PRO C    C  N N 257 
PRO O    O  N N 258 
PRO CB   C  N N 259 
PRO CG   C  N N 260 
PRO CD   C  N N 261 
PRO OXT  O  N N 262 
PRO H    H  N N 263 
PRO HA   H  N N 264 
PRO HB2  H  N N 265 
PRO HB3  H  N N 266 
PRO HG2  H  N N 267 
PRO HG3  H  N N 268 
PRO HD2  H  N N 269 
PRO HD3  H  N N 270 
PRO HXT  H  N N 271 
SER N    N  N N 272 
SER CA   C  N S 273 
SER C    C  N N 274 
SER O    O  N N 275 
SER CB   C  N N 276 
SER OG   O  N N 277 
SER OXT  O  N N 278 
SER H    H  N N 279 
SER H2   H  N N 280 
SER HA   H  N N 281 
SER HB2  H  N N 282 
SER HB3  H  N N 283 
SER HG   H  N N 284 
SER HXT  H  N N 285 
THR N    N  N N 286 
THR CA   C  N S 287 
THR C    C  N N 288 
THR O    O  N N 289 
THR CB   C  N R 290 
THR OG1  O  N N 291 
THR CG2  C  N N 292 
THR OXT  O  N N 293 
THR H    H  N N 294 
THR H2   H  N N 295 
THR HA   H  N N 296 
THR HB   H  N N 297 
THR HG1  H  N N 298 
THR HG21 H  N N 299 
THR HG22 H  N N 300 
THR HG23 H  N N 301 
THR HXT  H  N N 302 
TYR N    N  N N 303 
TYR CA   C  N S 304 
TYR C    C  N N 305 
TYR O    O  N N 306 
TYR CB   C  N N 307 
TYR CG   C  Y N 308 
TYR CD1  C  Y N 309 
TYR CD2  C  Y N 310 
TYR CE1  C  Y N 311 
TYR CE2  C  Y N 312 
TYR CZ   C  Y N 313 
TYR OH   O  N N 314 
TYR OXT  O  N N 315 
TYR H    H  N N 316 
TYR H2   H  N N 317 
TYR HA   H  N N 318 
TYR HB2  H  N N 319 
TYR HB3  H  N N 320 
TYR HD1  H  N N 321 
TYR HD2  H  N N 322 
TYR HE1  H  N N 323 
TYR HE2  H  N N 324 
TYR HH   H  N N 325 
TYR HXT  H  N N 326 
VAL N    N  N N 327 
VAL CA   C  N S 328 
VAL C    C  N N 329 
VAL O    O  N N 330 
VAL CB   C  N N 331 
VAL CG1  C  N N 332 
VAL CG2  C  N N 333 
VAL OXT  O  N N 334 
VAL H    H  N N 335 
VAL H2   H  N N 336 
VAL HA   H  N N 337 
VAL HB   H  N N 338 
VAL HG11 H  N N 339 
VAL HG12 H  N N 340 
VAL HG13 H  N N 341 
VAL HG21 H  N N 342 
VAL HG22 H  N N 343 
VAL HG23 H  N N 344 
VAL HXT  H  N N 345 
# 
loop_
_chem_comp_bond.comp_id 
_chem_comp_bond.atom_id_1 
_chem_comp_bond.atom_id_2 
_chem_comp_bond.value_order 
_chem_comp_bond.pdbx_aromatic_flag 
_chem_comp_bond.pdbx_stereo_config 
_chem_comp_bond.pdbx_ordinal 
ALA N   CA   sing N N 1   
ALA N   H    sing N N 2   
ALA N   H2   sing N N 3   
ALA CA  C    sing N N 4   
ALA CA  CB   sing N N 5   
ALA CA  HA   sing N N 6   
ALA C   O    doub N N 7   
ALA C   OXT  sing N N 8   
ALA CB  HB1  sing N N 9   
ALA CB  HB2  sing N N 10  
ALA CB  HB3  sing N N 11  
ALA OXT HXT  sing N N 12  
ARG N   CA   sing N N 13  
ARG N   H    sing N N 14  
ARG N   H2   sing N N 15  
ARG CA  C    sing N N 16  
ARG CA  CB   sing N N 17  
ARG CA  HA   sing N N 18  
ARG C   O    doub N N 19  
ARG C   OXT  sing N N 20  
ARG CB  CG   sing N N 21  
ARG CB  HB2  sing N N 22  
ARG CB  HB3  sing N N 23  
ARG CG  CD   sing N N 24  
ARG CG  HG2  sing N N 25  
ARG CG  HG3  sing N N 26  
ARG CD  NE   sing N N 27  
ARG CD  HD2  sing N N 28  
ARG CD  HD3  sing N N 29  
ARG NE  CZ   sing N N 30  
ARG NE  HE   sing N N 31  
ARG CZ  NH1  sing N N 32  
ARG CZ  NH2  doub N N 33  
ARG NH1 HH11 sing N N 34  
ARG NH1 HH12 sing N N 35  
ARG NH2 HH21 sing N N 36  
ARG NH2 HH22 sing N N 37  
ARG OXT HXT  sing N N 38  
ASN N   CA   sing N N 39  
ASN N   H    sing N N 40  
ASN N   H2   sing N N 41  
ASN CA  C    sing N N 42  
ASN CA  CB   sing N N 43  
ASN CA  HA   sing N N 44  
ASN C   O    doub N N 45  
ASN C   OXT  sing N N 46  
ASN CB  CG   sing N N 47  
ASN CB  HB2  sing N N 48  
ASN CB  HB3  sing N N 49  
ASN CG  OD1  doub N N 50  
ASN CG  ND2  sing N N 51  
ASN ND2 HD21 sing N N 52  
ASN ND2 HD22 sing N N 53  
ASN OXT HXT  sing N N 54  
ASP N   CA   sing N N 55  
ASP N   H    sing N N 56  
ASP N   H2   sing N N 57  
ASP CA  C    sing N N 58  
ASP CA  CB   sing N N 59  
ASP CA  HA   sing N N 60  
ASP C   O    doub N N 61  
ASP C   OXT  sing N N 62  
ASP CB  CG   sing N N 63  
ASP CB  HB2  sing N N 64  
ASP CB  HB3  sing N N 65  
ASP CG  OD1  doub N N 66  
ASP CG  OD2  sing N N 67  
ASP OD2 HD2  sing N N 68  
ASP OXT HXT  sing N N 69  
GLN N   CA   sing N N 70  
GLN N   H    sing N N 71  
GLN N   H2   sing N N 72  
GLN CA  C    sing N N 73  
GLN CA  CB   sing N N 74  
GLN CA  HA   sing N N 75  
GLN C   O    doub N N 76  
GLN C   OXT  sing N N 77  
GLN CB  CG   sing N N 78  
GLN CB  HB2  sing N N 79  
GLN CB  HB3  sing N N 80  
GLN CG  CD   sing N N 81  
GLN CG  HG2  sing N N 82  
GLN CG  HG3  sing N N 83  
GLN CD  OE1  doub N N 84  
GLN CD  NE2  sing N N 85  
GLN NE2 HE21 sing N N 86  
GLN NE2 HE22 sing N N 87  
GLN OXT HXT  sing N N 88  
GLU N   CA   sing N N 89  
GLU N   H    sing N N 90  
GLU N   H2   sing N N 91  
GLU CA  C    sing N N 92  
GLU CA  CB   sing N N 93  
GLU CA  HA   sing N N 94  
GLU C   O    doub N N 95  
GLU C   OXT  sing N N 96  
GLU CB  CG   sing N N 97  
GLU CB  HB2  sing N N 98  
GLU CB  HB3  sing N N 99  
GLU CG  CD   sing N N 100 
GLU CG  HG2  sing N N 101 
GLU CG  HG3  sing N N 102 
GLU CD  OE1  doub N N 103 
GLU CD  OE2  sing N N 104 
GLU OE2 HE2  sing N N 105 
GLU OXT HXT  sing N N 106 
GLY N   CA   sing N N 107 
GLY N   H    sing N N 108 
GLY N   H2   sing N N 109 
GLY CA  C    sing N N 110 
GLY CA  HA2  sing N N 111 
GLY CA  HA3  sing N N 112 
GLY C   O    doub N N 113 
GLY C   OXT  sing N N 114 
GLY OXT HXT  sing N N 115 
GOL C1  O1   sing N N 116 
GOL C1  C2   sing N N 117 
GOL C1  H11  sing N N 118 
GOL C1  H12  sing N N 119 
GOL O1  HO1  sing N N 120 
GOL C2  O2   sing N N 121 
GOL C2  C3   sing N N 122 
GOL C2  H2   sing N N 123 
GOL O2  HO2  sing N N 124 
GOL C3  O3   sing N N 125 
GOL C3  H31  sing N N 126 
GOL C3  H32  sing N N 127 
GOL O3  HO3  sing N N 128 
HIS N   CA   sing N N 129 
HIS N   H    sing N N 130 
HIS N   H2   sing N N 131 
HIS CA  C    sing N N 132 
HIS CA  CB   sing N N 133 
HIS CA  HA   sing N N 134 
HIS C   O    doub N N 135 
HIS C   OXT  sing N N 136 
HIS CB  CG   sing N N 137 
HIS CB  HB2  sing N N 138 
HIS CB  HB3  sing N N 139 
HIS CG  ND1  sing Y N 140 
HIS CG  CD2  doub Y N 141 
HIS ND1 CE1  doub Y N 142 
HIS ND1 HD1  sing N N 143 
HIS CD2 NE2  sing Y N 144 
HIS CD2 HD2  sing N N 145 
HIS CE1 NE2  sing Y N 146 
HIS CE1 HE1  sing N N 147 
HIS NE2 HE2  sing N N 148 
HIS OXT HXT  sing N N 149 
HOH O   H1   sing N N 150 
HOH O   H2   sing N N 151 
ILE N   CA   sing N N 152 
ILE N   H    sing N N 153 
ILE N   H2   sing N N 154 
ILE CA  C    sing N N 155 
ILE CA  CB   sing N N 156 
ILE CA  HA   sing N N 157 
ILE C   O    doub N N 158 
ILE C   OXT  sing N N 159 
ILE CB  CG1  sing N N 160 
ILE CB  CG2  sing N N 161 
ILE CB  HB   sing N N 162 
ILE CG1 CD1  sing N N 163 
ILE CG1 HG12 sing N N 164 
ILE CG1 HG13 sing N N 165 
ILE CG2 HG21 sing N N 166 
ILE CG2 HG22 sing N N 167 
ILE CG2 HG23 sing N N 168 
ILE CD1 HD11 sing N N 169 
ILE CD1 HD12 sing N N 170 
ILE CD1 HD13 sing N N 171 
ILE OXT HXT  sing N N 172 
LEU N   CA   sing N N 173 
LEU N   H    sing N N 174 
LEU N   H2   sing N N 175 
LEU CA  C    sing N N 176 
LEU CA  CB   sing N N 177 
LEU CA  HA   sing N N 178 
LEU C   O    doub N N 179 
LEU C   OXT  sing N N 180 
LEU CB  CG   sing N N 181 
LEU CB  HB2  sing N N 182 
LEU CB  HB3  sing N N 183 
LEU CG  CD1  sing N N 184 
LEU CG  CD2  sing N N 185 
LEU CG  HG   sing N N 186 
LEU CD1 HD11 sing N N 187 
LEU CD1 HD12 sing N N 188 
LEU CD1 HD13 sing N N 189 
LEU CD2 HD21 sing N N 190 
LEU CD2 HD22 sing N N 191 
LEU CD2 HD23 sing N N 192 
LEU OXT HXT  sing N N 193 
LYS N   CA   sing N N 194 
LYS N   H    sing N N 195 
LYS N   H2   sing N N 196 
LYS CA  C    sing N N 197 
LYS CA  CB   sing N N 198 
LYS CA  HA   sing N N 199 
LYS C   O    doub N N 200 
LYS C   OXT  sing N N 201 
LYS CB  CG   sing N N 202 
LYS CB  HB2  sing N N 203 
LYS CB  HB3  sing N N 204 
LYS CG  CD   sing N N 205 
LYS CG  HG2  sing N N 206 
LYS CG  HG3  sing N N 207 
LYS CD  CE   sing N N 208 
LYS CD  HD2  sing N N 209 
LYS CD  HD3  sing N N 210 
LYS CE  NZ   sing N N 211 
LYS CE  HE2  sing N N 212 
LYS CE  HE3  sing N N 213 
LYS NZ  HZ1  sing N N 214 
LYS NZ  HZ2  sing N N 215 
LYS NZ  HZ3  sing N N 216 
LYS OXT HXT  sing N N 217 
PHE N   CA   sing N N 218 
PHE N   H    sing N N 219 
PHE N   H2   sing N N 220 
PHE CA  C    sing N N 221 
PHE CA  CB   sing N N 222 
PHE CA  HA   sing N N 223 
PHE C   O    doub N N 224 
PHE C   OXT  sing N N 225 
PHE CB  CG   sing N N 226 
PHE CB  HB2  sing N N 227 
PHE CB  HB3  sing N N 228 
PHE CG  CD1  doub Y N 229 
PHE CG  CD2  sing Y N 230 
PHE CD1 CE1  sing Y N 231 
PHE CD1 HD1  sing N N 232 
PHE CD2 CE2  doub Y N 233 
PHE CD2 HD2  sing N N 234 
PHE CE1 CZ   doub Y N 235 
PHE CE1 HE1  sing N N 236 
PHE CE2 CZ   sing Y N 237 
PHE CE2 HE2  sing N N 238 
PHE CZ  HZ   sing N N 239 
PHE OXT HXT  sing N N 240 
PRO N   CA   sing N N 241 
PRO N   CD   sing N N 242 
PRO N   H    sing N N 243 
PRO CA  C    sing N N 244 
PRO CA  CB   sing N N 245 
PRO CA  HA   sing N N 246 
PRO C   O    doub N N 247 
PRO C   OXT  sing N N 248 
PRO CB  CG   sing N N 249 
PRO CB  HB2  sing N N 250 
PRO CB  HB3  sing N N 251 
PRO CG  CD   sing N N 252 
PRO CG  HG2  sing N N 253 
PRO CG  HG3  sing N N 254 
PRO CD  HD2  sing N N 255 
PRO CD  HD3  sing N N 256 
PRO OXT HXT  sing N N 257 
SER N   CA   sing N N 258 
SER N   H    sing N N 259 
SER N   H2   sing N N 260 
SER CA  C    sing N N 261 
SER CA  CB   sing N N 262 
SER CA  HA   sing N N 263 
SER C   O    doub N N 264 
SER C   OXT  sing N N 265 
SER CB  OG   sing N N 266 
SER CB  HB2  sing N N 267 
SER CB  HB3  sing N N 268 
SER OG  HG   sing N N 269 
SER OXT HXT  sing N N 270 
THR N   CA   sing N N 271 
THR N   H    sing N N 272 
THR N   H2   sing N N 273 
THR CA  C    sing N N 274 
THR CA  CB   sing N N 275 
THR CA  HA   sing N N 276 
THR C   O    doub N N 277 
THR C   OXT  sing N N 278 
THR CB  OG1  sing N N 279 
THR CB  CG2  sing N N 280 
THR CB  HB   sing N N 281 
THR OG1 HG1  sing N N 282 
THR CG2 HG21 sing N N 283 
THR CG2 HG22 sing N N 284 
THR CG2 HG23 sing N N 285 
THR OXT HXT  sing N N 286 
TYR N   CA   sing N N 287 
TYR N   H    sing N N 288 
TYR N   H2   sing N N 289 
TYR CA  C    sing N N 290 
TYR CA  CB   sing N N 291 
TYR CA  HA   sing N N 292 
TYR C   O    doub N N 293 
TYR C   OXT  sing N N 294 
TYR CB  CG   sing N N 295 
TYR CB  HB2  sing N N 296 
TYR CB  HB3  sing N N 297 
TYR CG  CD1  doub Y N 298 
TYR CG  CD2  sing Y N 299 
TYR CD1 CE1  sing Y N 300 
TYR CD1 HD1  sing N N 301 
TYR CD2 CE2  doub Y N 302 
TYR CD2 HD2  sing N N 303 
TYR CE1 CZ   doub Y N 304 
TYR CE1 HE1  sing N N 305 
TYR CE2 CZ   sing Y N 306 
TYR CE2 HE2  sing N N 307 
TYR CZ  OH   sing N N 308 
TYR OH  HH   sing N N 309 
TYR OXT HXT  sing N N 310 
VAL N   CA   sing N N 311 
VAL N   H    sing N N 312 
VAL N   H2   sing N N 313 
VAL CA  C    sing N N 314 
VAL CA  CB   sing N N 315 
VAL CA  HA   sing N N 316 
VAL C   O    doub N N 317 
VAL C   OXT  sing N N 318 
VAL CB  CG1  sing N N 319 
VAL CB  CG2  sing N N 320 
VAL CB  HB   sing N N 321 
VAL CG1 HG11 sing N N 322 
VAL CG1 HG12 sing N N 323 
VAL CG1 HG13 sing N N 324 
VAL CG2 HG21 sing N N 325 
VAL CG2 HG22 sing N N 326 
VAL CG2 HG23 sing N N 327 
VAL OXT HXT  sing N N 328 
# 
_pdbx_audit_support.funding_organization   
'National Institutes of Health/National Institute of General Medical Sciences (NIH/NIGMS)' 
_pdbx_audit_support.country                'United States' 
_pdbx_audit_support.grant_number           GM58518 
_pdbx_audit_support.ordinal                1 
# 
_atom_sites.entry_id                    5ICU 
_atom_sites.fract_transf_matrix[1][1]   0.00145008 
_atom_sites.fract_transf_matrix[1][2]   0.01292510 
_atom_sites.fract_transf_matrix[1][3]   -0.03236223 
_atom_sites.fract_transf_matrix[2][1]   0.00221216 
_atom_sites.fract_transf_matrix[2][2]   -0.01706865 
_atom_sites.fract_transf_matrix[2][3]   -0.00671790 
_atom_sites.fract_transf_matrix[3][1]   -0.01517364 
_atom_sites.fract_transf_matrix[3][2]   -0.00146818 
_atom_sites.fract_transf_matrix[3][3]   -0.00126627 
_atom_sites.fract_transf_vector[1]      -0.044385 
_atom_sites.fract_transf_vector[2]      -0.061126 
_atom_sites.fract_transf_vector[3]      0.075959 
# 
loop_
_atom_type.symbol 
C  
CL 
CU 
N  
O  
# 
loop_
_atom_site.group_PDB 
_atom_site.id 
_atom_site.type_symbol 
_atom_site.label_atom_id 
_atom_site.label_alt_id 
_atom_site.label_comp_id 
_atom_site.label_asym_id 
_atom_site.label_entity_id 
_atom_site.label_seq_id 
_atom_site.pdbx_PDB_ins_code 
_atom_site.Cartn_x 
_atom_site.Cartn_y 
_atom_site.Cartn_z 
_atom_site.occupancy 
_atom_site.B_iso_or_equiv 
_atom_site.pdbx_formal_charge 
_atom_site.auth_seq_id 
_atom_site.auth_comp_id 
_atom_site.auth_asym_id 
_atom_site.auth_atom_id 
_atom_site.pdbx_PDB_model_num 
ATOM   1   N  N   . HIS A 1 1   ? 17.058  7.807   4.756   1.00 9.99  ? 23  HIS A N   1 
ATOM   2   C  CA  . HIS A 1 1   ? 15.666  7.698   4.278   1.00 9.67  ? 23  HIS A CA  1 
ATOM   3   C  C   . HIS A 1 1   ? 15.480  6.385   3.585   1.00 9.10  ? 23  HIS A C   1 
ATOM   4   O  O   . HIS A 1 1   ? 16.298  6.006   2.726   1.00 10.05 ? 23  HIS A O   1 
ATOM   5   C  CB  . HIS A 1 1   ? 15.370  8.785   3.269   1.00 10.41 ? 23  HIS A CB  1 
ATOM   6   C  CG  . HIS A 1 1   ? 15.331  10.158  3.838   1.00 11.71 ? 23  HIS A CG  1 
ATOM   7   N  ND1 . HIS A 1 1   ? 16.227  10.620  4.775   1.00 13.12 ? 23  HIS A ND1 1 
ATOM   8   C  CD2 . HIS A 1 1   ? 14.441  11.144  3.648   1.00 12.99 ? 23  HIS A CD2 1 
ATOM   9   C  CE1 . HIS A 1 1   ? 15.944  11.877  5.054   1.00 13.31 ? 23  HIS A CE1 1 
ATOM   10  N  NE2 . HIS A 1 1   ? 14.872  12.218  4.384   1.00 13.13 ? 23  HIS A NE2 1 
ATOM   11  N  N   . SER A 1 2   ? 14.413  5.686   3.948   1.00 7.67  ? 24  SER A N   1 
ATOM   12  C  CA  . SER A 1 2   ? 14.042  4.414   3.331   1.00 7.28  ? 24  SER A CA  1 
ATOM   13  C  C   . SER A 1 2   ? 12.978  4.689   2.320   1.00 6.99  ? 24  SER A C   1 
ATOM   14  O  O   . SER A 1 2   ? 11.809  4.740   2.624   1.00 7.19  ? 24  SER A O   1 
ATOM   15  C  CB  . SER A 1 2   ? 13.573  3.457   4.401   1.00 7.03  ? 24  SER A CB  1 
ATOM   16  O  OG  . SER A 1 2   ? 14.681  3.138   5.212   1.00 7.31  ? 24  SER A OG  1 
ATOM   17  N  N   . PHE A 1 3   ? 13.392  4.984   1.099   1.00 6.84  ? 25  PHE A N   1 
ATOM   18  C  CA  . PHE A 1 3   ? 12.463  5.320   0.022   1.00 6.73  ? 25  PHE A CA  1 
ATOM   19  C  C   . PHE A 1 3   ? 11.766  4.106   -0.548  1.00 6.68  ? 25  PHE A C   1 
ATOM   20  O  O   . PHE A 1 3   ? 12.332  3.027   -0.591  1.00 6.91  ? 25  PHE A O   1 
ATOM   21  C  CB  . PHE A 1 3   ? 13.221  6.031   -1.094  1.00 6.95  ? 25  PHE A CB  1 
ATOM   22  C  CG  . PHE A 1 3   ? 13.704  7.431   -0.723  1.00 7.08  ? 25  PHE A CG  1 
ATOM   23  C  CD1 . PHE A 1 3   ? 12.773  8.405   -0.398  1.00 7.04  ? 25  PHE A CD1 1 
ATOM   24  C  CD2 . PHE A 1 3   ? 15.043  7.758   -0.659  1.00 7.25  ? 25  PHE A CD2 1 
ATOM   25  C  CE1 . PHE A 1 3   ? 13.187  9.678   -0.026  1.00 7.28  ? 25  PHE A CE1 1 
ATOM   26  C  CE2 . PHE A 1 3   ? 15.453  9.065   -0.297  1.00 7.50  ? 25  PHE A CE2 1 
ATOM   27  C  CZ  . PHE A 1 3   ? 14.476  10.002  0.004   1.00 7.46  ? 25  PHE A CZ  1 
ATOM   28  N  N   . LEU A 1 4   ? 10.559  4.263   -1.087  1.00 6.53  ? 26  LEU A N   1 
ATOM   29  C  CA  . LEU A 1 4   ? 9.897   3.149   -1.736  1.00 6.74  ? 26  LEU A CA  1 
ATOM   30  C  C   . LEU A 1 4   ? 10.706  2.722   -2.956  1.00 7.30  ? 26  LEU A C   1 
ATOM   31  O  O   . LEU A 1 4   ? 11.096  3.566   -3.796  1.00 7.31  ? 26  LEU A O   1 
ATOM   32  C  CB  . LEU A 1 4   ? 8.499   3.583   -2.213  1.00 6.68  ? 26  LEU A CB  1 
ATOM   33  C  CG  . LEU A 1 4   ? 7.633   2.447   -2.762  1.00 6.93  ? 26  LEU A CG  1 
ATOM   34  C  CD1 . LEU A 1 4   ? 7.134   1.485   -1.675  1.00 7.13  ? 26  LEU A CD1 1 
ATOM   35  C  CD2 . LEU A 1 4   ? 6.450   3.034   -3.536  1.00 7.07  ? 26  LEU A CD2 1 
ATOM   36  N  N   . VAL A 1 5   ? 10.932  1.401   -3.093  1.00 7.64  ? 27  VAL A N   1 
ATOM   37  C  CA  . VAL A 1 5   ? 11.600  0.877   -4.290  1.00 8.40  ? 27  VAL A CA  1 
ATOM   38  C  C   . VAL A 1 5   ? 10.810  -0.150  -5.047  1.00 9.11  ? 27  VAL A C   1 
ATOM   39  O  O   . VAL A 1 5   ? 11.134  -0.415  -6.199  1.00 9.94  ? 27  VAL A O   1 
ATOM   40  C  CB  . VAL A 1 5   ? 13.019  0.348   -3.991  1.00 8.63  ? 27  VAL A CB  1 
ATOM   41  C  CG1 . VAL A 1 5   ? 13.903  1.467   -3.449  1.00 8.54  ? 27  VAL A CG1 1 
ATOM   42  C  CG2 . VAL A 1 5   ? 12.984  -0.868  -3.080  1.00 8.65  ? 27  VAL A CG2 1 
ATOM   43  N  N   . ASP A 1 6   ? 9.792   -0.728  -4.448  1.00 9.60  ? 28  ASP A N   1 
ATOM   44  C  CA  . ASP A 1 6   ? 8.894   -1.652  -5.154  1.00 10.48 ? 28  ASP A CA  1 
ATOM   45  C  C   . ASP A 1 6   ? 7.569   -1.711  -4.445  1.00 9.55  ? 28  ASP A C   1 
ATOM   46  O  O   . ASP A 1 6   ? 7.510   -1.527  -3.261  1.00 8.98  ? 28  ASP A O   1 
ATOM   47  C  CB  . ASP A 1 6   ? 9.516   -3.060  -5.240  1.00 12.69 ? 28  ASP A CB  1 
ATOM   48  C  CG  . ASP A 1 6   ? 8.977   -3.882  -6.420  1.00 15.03 ? 28  ASP A CG  1 
ATOM   49  O  OD1 . ASP A 1 6   ? 8.206   -3.380  -7.255  1.00 17.42 ? 28  ASP A OD1 1 
ATOM   50  O  OD2 . ASP A 1 6   ? 9.357   -5.065  -6.482  1.00 20.25 ? 28  ASP A OD2 1 
ATOM   51  N  N   . ALA A 1 7   ? 6.506   -2.027  -5.166  1.00 9.17  ? 29  ALA A N   1 
ATOM   52  C  CA  . ALA A 1 7   ? 5.191   -2.152  -4.572  1.00 8.93  ? 29  ALA A CA  1 
ATOM   53  C  C   . ALA A 1 7   ? 4.348   -3.105  -5.387  1.00 9.38  ? 29  ALA A C   1 
ATOM   54  O  O   . ALA A 1 7   ? 4.527   -3.204  -6.599  1.00 10.14 ? 29  ALA A O   1 
ATOM   55  C  CB  . ALA A 1 7   ? 4.527   -0.804  -4.514  1.00 8.54  ? 29  ALA A CB  1 
ATOM   56  N  N   . SER A 1 8   ? 3.425   -3.757  -4.687  1.00 9.64  ? 30  SER A N   1 
ATOM   57  C  CA  . SER A 1 8   ? 2.377   -4.589  -5.300  1.00 10.74 ? 30  SER A CA  1 
ATOM   58  C  C   . SER A 1 8   ? 1.047   -4.288  -4.640  1.00 10.59 ? 30  SER A C   1 
ATOM   59  O  O   . SER A 1 8   ? 0.935   -4.446  -3.444  1.00 10.67 ? 30  SER A O   1 
ATOM   60  C  CB  . SER A 1 8   ? 2.692   -6.072  -5.087  1.00 11.75 ? 30  SER A CB  1 
ATOM   61  O  OG  . SER A 1 8   ? 1.628   -6.855  -5.587  1.00 14.26 ? 30  SER A OG  1 
ATOM   62  N  N   . PRO A 1 9   ? 0.008   -3.859  -5.375  1.00 10.33 ? 31  PRO A N   1 
ATOM   63  C  CA  . PRO A 1 9   ? 0.120   -3.358  -6.752  1.00 10.51 ? 31  PRO A CA  1 
ATOM   64  C  C   . PRO A 1 9   ? 1.080   -2.183  -6.872  1.00 10.97 ? 31  PRO A C   1 
ATOM   65  O  O   . PRO A 1 9   ? 1.351   -1.535  -5.876  1.00 9.94  ? 31  PRO A O   1 
ATOM   66  C  CB  . PRO A 1 9   ? -1.313  -2.921  -7.068  1.00 10.69 ? 31  PRO A CB  1 
ATOM   67  C  CG  . PRO A 1 9   ? -2.151  -3.554  -6.028  1.00 10.57 ? 31  PRO A CG  1 
ATOM   68  C  CD  . PRO A 1 9   ? -1.323  -3.606  -4.812  1.00 10.38 ? 31  PRO A CD  1 
ATOM   69  N  N   . SER A 1 10  ? 1.626   -1.885  -8.035  1.00 12.33 ? 32  SER A N   1 
ATOM   70  C  CA  . SER A 1 10  ? 2.411   -0.641  -8.100  1.00 13.16 ? 32  SER A CA  1 
ATOM   71  C  C   . SER A 1 10  ? 1.699   0.450   -8.873  1.00 12.40 ? 32  SER A C   1 
ATOM   72  O  O   . SER A 1 10  ? 0.580   0.260   -9.346  1.00 12.00 ? 32  SER A O   1 
ATOM   73  C  CB  . SER A 1 10  ? 3.849   -0.836  -8.584  1.00 14.47 ? 32  SER A CB  1 
ATOM   74  O  OG  . SER A 1 10  ? 3.778   -1.286  -9.903  1.00 15.36 ? 32  SER A OG  1 
ATOM   75  N  N   . ALA A 1 11  ? 2.331   1.611   -8.902  1.00 11.87 ? 33  ALA A N   1 
ATOM   76  C  CA  . ALA A 1 11  ? 1.768   2.821   -9.461  1.00 11.50 ? 33  ALA A CA  1 
ATOM   77  C  C   . ALA A 1 11  ? 1.259   2.572   -10.868 1.00 11.93 ? 33  ALA A C   1 
ATOM   78  O  O   . ALA A 1 11  ? 1.975   2.070   -11.746 1.00 11.38 ? 33  ALA A O   1 
ATOM   79  C  CB  . ALA A 1 11  ? 2.798   3.934   -9.496  1.00 11.91 ? 33  ALA A CB  1 
ATOM   80  N  N   . LYS A 1 12  ? 0.003   2.966   -11.047 1.00 12.19 ? 34  LYS A N   1 
ATOM   81  C  CA  . LYS A 1 12  ? -0.745  2.910   -12.306 1.00 13.73 ? 34  LYS A CA  1 
ATOM   82  C  C   . LYS A 1 12  ? -1.087  1.498   -12.792 1.00 13.74 ? 34  LYS A C   1 
ATOM   83  O  O   . LYS A 1 12  ? -1.578  1.330   -13.909 1.00 14.44 ? 34  LYS A O   1 
ATOM   84  C  CB  . LYS A 1 12  ? -0.094  3.810   -13.374 1.00 15.03 ? 34  LYS A CB  1 
ATOM   85  C  CG  . LYS A 1 12  ? -0.079  5.263   -12.886 1.00 16.92 ? 34  LYS A CG  1 
ATOM   86  C  CD  . LYS A 1 12  ? 0.636   6.261   -13.723 1.00 19.03 ? 34  LYS A CD  1 
ATOM   87  C  CE  . LYS A 1 12  ? 0.436   7.655   -13.141 1.00 20.09 ? 34  LYS A CE  1 
ATOM   88  N  NZ  . LYS A 1 12  ? 1.315   8.663   -13.803 1.00 21.71 ? 34  LYS A NZ  1 
ATOM   89  N  N   . ASP A 1 13  ? -0.890  0.484   -11.945 1.00 13.55 ? 35  ASP A N   1 
ATOM   90  C  CA  . ASP A 1 13  ? -1.267  -0.895  -12.300 1.00 13.77 ? 35  ASP A CA  1 
ATOM   91  C  C   . ASP A 1 13  ? -2.778  -1.001  -12.351 1.00 12.95 ? 35  ASP A C   1 
ATOM   92  O  O   . ASP A 1 13  ? -3.498  -0.362  -11.603 1.00 12.38 ? 35  ASP A O   1 
ATOM   93  C  CB  . ASP A 1 13  ? -0.788  -1.942  -11.278 1.00 15.05 ? 35  ASP A CB  1 
ATOM   94  C  CG  . ASP A 1 13  ? 0.695   -2.280  -11.401 1.00 16.61 ? 35  ASP A CG  1 
ATOM   95  O  OD1 . ASP A 1 13  ? 1.413   -1.893  -12.379 1.00 19.23 ? 35  ASP A OD1 1 
ATOM   96  O  OD2 . ASP A 1 13  ? 1.148   -3.012  -10.491 1.00 18.11 ? 35  ASP A OD2 1 
ATOM   97  N  N   . HIS A 1 14  ? -3.215  -1.856  -13.267 1.00 12.81 ? 36  HIS A N   1 
ATOM   98  C  CA  . HIS A 1 14  ? -4.553  -2.420  -13.233 1.00 12.73 ? 36  HIS A CA  1 
ATOM   99  C  C   . HIS A 1 14  ? -4.446  -3.850  -12.812 1.00 12.90 ? 36  HIS A C   1 
ATOM   100 O  O   . HIS A 1 14  ? -3.667  -4.612  -13.414 1.00 14.13 ? 36  HIS A O   1 
ATOM   101 C  CB  . HIS A 1 14  ? -5.172  -2.355  -14.612 1.00 13.16 ? 36  HIS A CB  1 
ATOM   102 C  CG  . HIS A 1 14  ? -5.567  -0.979  -15.006 1.00 13.43 ? 36  HIS A CG  1 
ATOM   103 N  ND1 . HIS A 1 14  ? -6.873  -0.593  -15.201 1.00 13.87 ? 36  HIS A ND1 1 
ATOM   104 C  CD2 . HIS A 1 14  ? -4.829  0.135   -15.179 1.00 14.09 ? 36  HIS A CD2 1 
ATOM   105 C  CE1 . HIS A 1 14  ? -6.922  0.683   -15.512 1.00 14.44 ? 36  HIS A CE1 1 
ATOM   106 N  NE2 . HIS A 1 14  ? -5.685  1.154   -15.491 1.00 14.68 ? 36  HIS A NE2 1 
ATOM   107 N  N   . VAL A 1 15  ? -5.266  -4.253  -11.855 1.00 12.10 ? 37  VAL A N   1 
ATOM   108 C  CA  . VAL A 1 15  ? -5.302  -5.614  -11.353 1.00 12.17 ? 37  VAL A CA  1 
ATOM   109 C  C   . VAL A 1 15  ? -6.682  -6.146  -11.693 1.00 11.91 ? 37  VAL A C   1 
ATOM   110 O  O   . VAL A 1 15  ? -7.648  -5.397  -11.747 1.00 11.98 ? 37  VAL A O   1 
ATOM   111 C  CB  . VAL A 1 15  ? -4.945  -5.745  -9.854  1.00 12.10 ? 37  VAL A CB  1 
ATOM   112 C  CG1 . VAL A 1 15  ? -3.505  -5.271  -9.646  1.00 12.30 ? 37  VAL A CG1 1 
ATOM   113 C  CG2 . VAL A 1 15  ? -5.908  -4.977  -8.968  1.00 11.46 ? 37  VAL A CG2 1 
ATOM   114 N  N   . ALA A 1 16  ? -6.747  -7.449  -11.921 1.00 12.37 ? 38  ALA A N   1 
ATOM   115 C  CA  . ALA A 1 16  ? -7.960  -8.096  -12.415 1.00 12.72 ? 38  ALA A CA  1 
ATOM   116 C  C   . ALA A 1 16  ? -8.944  -8.431  -11.330 1.00 12.28 ? 38  ALA A C   1 
ATOM   117 O  O   . ALA A 1 16  ? -10.080 -8.832  -11.621 1.00 13.49 ? 38  ALA A O   1 
ATOM   118 C  CB  . ALA A 1 16  ? -7.551  -9.359  -13.143 1.00 13.31 ? 38  ALA A CB  1 
ATOM   119 N  N   . ALA A 1 17  ? -8.506  -8.343  -10.083 1.00 11.70 ? 39  ALA A N   1 
ATOM   120 C  CA  . ALA A 1 17  ? -9.331  -8.631  -8.937  1.00 11.23 ? 39  ALA A CA  1 
ATOM   121 C  C   . ALA A 1 17  ? -8.794  -7.885  -7.738  1.00 10.77 ? 39  ALA A C   1 
ATOM   122 O  O   . ALA A 1 17  ? -7.668  -7.388  -7.785  1.00 10.38 ? 39  ALA A O   1 
ATOM   123 C  CB  . ALA A 1 17  ? -9.333  -10.109 -8.658  1.00 11.86 ? 39  ALA A CB  1 
ATOM   124 N  N   . SER A 1 18  ? -9.579  -7.820  -6.667  1.00 10.39 ? 40  SER A N   1 
ATOM   125 C  CA  . SER A 1 18  ? -9.160  -7.088  -5.481  1.00 10.15 ? 40  SER A CA  1 
ATOM   126 C  C   . SER A 1 18  ? -7.870  -7.719  -4.939  1.00 10.37 ? 40  SER A C   1 
ATOM   127 O  O   . SER A 1 18  ? -7.820  -8.925  -4.780  1.00 10.81 ? 40  SER A O   1 
ATOM   128 C  CB  . SER A 1 18  ? -10.241 -7.188  -4.414  1.00 10.24 ? 40  SER A CB  1 
ATOM   129 O  OG  . SER A 1 18  ? -9.884  -6.371  -3.310  1.00 10.13 ? 40  SER A OG  1 
ATOM   130 N  N   . PRO A 1 19  ? -6.847  -6.896  -4.641  1.00 10.83 ? 41  PRO A N   1 
ATOM   131 C  CA  . PRO A 1 19  ? -5.596  -7.461  -4.089  1.00 11.41 ? 41  PRO A CA  1 
ATOM   132 C  C   . PRO A 1 19  ? -5.805  -7.909  -2.649  1.00 11.71 ? 41  PRO A C   1 
ATOM   133 O  O   . PRO A 1 19  ? -6.387  -7.167  -1.869  1.00 12.37 ? 41  PRO A O   1 
ATOM   134 C  CB  . PRO A 1 19  ? -4.635  -6.275  -4.168  1.00 11.42 ? 41  PRO A CB  1 
ATOM   135 C  CG  . PRO A 1 19  ? -5.497  -5.094  -4.020  1.00 11.19 ? 41  PRO A CG  1 
ATOM   136 C  CD  . PRO A 1 19  ? -6.778  -5.424  -4.741  1.00 10.78 ? 41  PRO A CD  1 
ATOM   137 N  N   . LYS A 1 20  ? -5.300  -9.062  -2.271  1.00 12.47 ? 42  LYS A N   1 
ATOM   138 C  CA  . LYS A 1 20  ? -5.450  -9.503  -0.886  1.00 13.42 ? 42  LYS A CA  1 
ATOM   139 C  C   . LYS A 1 20  ? -4.640  -8.619  0.064   1.00 12.35 ? 42  LYS A C   1 
ATOM   140 O  O   . LYS A 1 20  ? -5.050  -8.347  1.191   1.00 12.20 ? 42  LYS A O   1 
ATOM   141 C  CB  . LYS A 1 20  ? -5.015  -10.934 -0.759  1.00 15.43 ? 42  LYS A CB  1 
ATOM   142 C  CG  . LYS A 1 20  ? -5.906  -11.882 -1.553  1.00 18.02 ? 42  LYS A CG  1 
ATOM   143 C  CD  . LYS A 1 20  ? -5.550  -13.325 -1.247  1.00 21.52 ? 42  LYS A CD  1 
ATOM   144 C  CE  . LYS A 1 20  ? -6.421  -14.293 -2.047  1.00 24.12 ? 42  LYS A CE  1 
ATOM   145 N  NZ  . LYS A 1 20  ? -6.546  -15.631 -1.407  1.00 26.64 ? 42  LYS A NZ  1 
ATOM   146 N  N   . LEU A 1 21  ? -3.519  -8.130  -0.418  1.00 12.34 ? 43  LEU A N   1 
ATOM   147 C  CA  . LEU A 1 21  ? -2.757  -7.178  0.351   1.00 12.31 ? 43  LEU A CA  1 
ATOM   148 C  C   . LEU A 1 21  ? -1.985  -6.253  -0.530  1.00 11.02 ? 43  LEU A C   1 
ATOM   149 O  O   . LEU A 1 21  ? -1.849  -6.460  -1.750  1.00 10.95 ? 43  LEU A O   1 
ATOM   150 C  CB  . LEU A 1 21  ? -1.901  -7.845  1.407   1.00 14.36 ? 43  LEU A CB  1 
ATOM   151 C  CG  . LEU A 1 21  ? -0.989  -8.899  0.905   1.00 15.52 ? 43  LEU A CG  1 
ATOM   152 C  CD1 . LEU A 1 21  ? 0.120   -8.287  0.134   1.00 16.39 ? 43  LEU A CD1 1 
ATOM   153 C  CD2 . LEU A 1 21  ? -0.360  -9.775  1.990   1.00 16.86 ? 43  LEU A CD2 1 
ATOM   154 N  N   . VAL A 1 22  ? -1.549  -5.162  0.095   1.00 9.88  ? 44  VAL A N   1 
ATOM   155 C  CA  . VAL A 1 22  ? -0.607  -4.214  -0.480  1.00 9.57  ? 44  VAL A CA  1 
ATOM   156 C  C   . VAL A 1 22  ? 0.738   -4.550  0.125   1.00 9.14  ? 44  VAL A C   1 
ATOM   157 O  O   . VAL A 1 22  ? 0.835   -4.670  1.355   1.00 8.56  ? 44  VAL A O   1 
ATOM   158 C  CB  . VAL A 1 22  ? -0.996  -2.771  -0.158  1.00 9.81  ? 44  VAL A CB  1 
ATOM   159 C  CG1 . VAL A 1 22  ? 0.115   -1.786  -0.538  1.00 10.10 ? 44  VAL A CG1 1 
ATOM   160 C  CG2 . VAL A 1 22  ? -2.282  -2.403  -0.842  1.00 10.06 ? 44  VAL A CG2 1 
ATOM   161 N  N   . LYS A 1 23  ? 1.744   -4.727  -0.712  1.00 9.14  ? 45  LYS A N   1 
ATOM   162 C  CA  . LYS A 1 23  ? 3.110   -5.036  -0.294  1.00 9.83  ? 45  LYS A CA  1 
ATOM   163 C  C   . LYS A 1 23  ? 4.019   -3.929  -0.726  1.00 9.07  ? 45  LYS A C   1 
ATOM   164 O  O   . LYS A 1 23  ? 4.093   -3.608  -1.920  1.00 9.12  ? 45  LYS A O   1 
ATOM   165 C  CB  . LYS A 1 23  ? 3.618   -6.330  -0.947  1.00 11.90 ? 45  LYS A CB  1 
ATOM   166 C  CG  . LYS A 1 23  ? 2.766   -7.522  -0.699  1.00 14.66 ? 45  LYS A CG  1 
ATOM   167 C  CD  . LYS A 1 23  ? 3.355   -8.837  -1.182  1.00 17.57 ? 45  LYS A CD  1 
ATOM   168 C  CE  . LYS A 1 23  ? 2.370   -9.774  -1.860  1.00 20.14 ? 45  LYS A CE  1 
ATOM   169 N  NZ  . LYS A 1 23  ? 2.606   -11.202 -1.481  1.00 22.66 ? 45  LYS A NZ  1 
ATOM   170 N  N   . LEU A 1 24  ? 4.760   -3.343  0.208   1.00 8.05  ? 46  LEU A N   1 
ATOM   171 C  CA  . LEU A 1 24  ? 5.712   -2.285  -0.108  1.00 7.84  ? 46  LEU A CA  1 
ATOM   172 C  C   . LEU A 1 24  ? 7.102   -2.691  0.300   1.00 8.05  ? 46  LEU A C   1 
ATOM   173 O  O   . LEU A 1 24  ? 7.276   -3.286  1.366   1.00 8.24  ? 46  LEU A O   1 
ATOM   174 C  CB  . LEU A 1 24  ? 5.311   -1.022  0.655   1.00 7.39  ? 46  LEU A CB  1 
ATOM   175 C  CG  . LEU A 1 24  ? 3.905   -0.463  0.467   1.00 7.19  ? 46  LEU A CG  1 
ATOM   176 C  CD1 . LEU A 1 24  ? 3.749   0.838   1.240   1.00 7.04  ? 46  LEU A CD1 1 
ATOM   177 C  CD2 . LEU A 1 24  ? 3.569   -0.214  -0.978  1.00 7.24  ? 46  LEU A CD2 1 
ATOM   178 N  N   . ARG A 1 25  ? 8.100   -2.374  -0.522  1.00 7.96  ? 47  ARG A N   1 
ATOM   179 C  CA  . ARG A 1 25  ? 9.507   -2.622  -0.196  1.00 8.57  ? 47  ARG A CA  1 
ATOM   180 C  C   . ARG A 1 25  ? 10.250  -1.322  -0.351  1.00 7.85  ? 47  ARG A C   1 
ATOM   181 O  O   . ARG A 1 25  ? 10.034  -0.558  -1.316  1.00 7.63  ? 47  ARG A O   1 
ATOM   182 C  CB  . ARG A 1 25  ? 10.097  -3.701  -1.114  1.00 10.14 ? 47  ARG A CB  1 
ATOM   183 C  CG  . ARG A 1 25  ? 11.548  -3.983  -0.848  1.00 12.21 ? 47  ARG A CG  1 
ATOM   184 C  CD  . ARG A 1 25  ? 12.027  -5.288  -1.433  1.00 14.62 ? 47  ARG A CD  1 
ATOM   185 N  NE  . ARG A 1 25  ? 11.943  -5.304  -2.879  1.00 17.50 ? 47  ARG A NE  1 
ATOM   186 C  CZ  . ARG A 1 25  ? 12.877  -4.821  -3.717  1.00 19.71 ? 47  ARG A CZ  1 
ATOM   187 N  NH1 . ARG A 1 25  ? 14.004  -4.272  -3.260  1.00 20.82 ? 47  ARG A NH1 1 
ATOM   188 N  NH2 . ARG A 1 25  ? 12.694  -4.915  -5.038  1.00 22.02 ? 47  ARG A NH2 1 
ATOM   189 N  N   . PHE A 1 26  ? 11.124  -1.053  0.618   1.00 7.39  ? 48  PHE A N   1 
ATOM   190 C  CA  . PHE A 1 26  ? 11.850  0.202   0.756   1.00 7.16  ? 48  PHE A CA  1 
ATOM   191 C  C   . PHE A 1 26  ? 13.338  -0.025  0.548   1.00 7.30  ? 48  PHE A C   1 
ATOM   192 O  O   . PHE A 1 26  ? 13.826  -1.154  0.627   1.00 7.78  ? 48  PHE A O   1 
ATOM   193 C  CB  . PHE A 1 26  ? 11.531  0.851   2.103   1.00 6.88  ? 48  PHE A CB  1 
ATOM   194 C  CG  . PHE A 1 26  ? 10.074  1.146   2.294   1.00 6.58  ? 48  PHE A CG  1 
ATOM   195 C  CD1 . PHE A 1 26  ? 9.210   0.186   2.783   1.00 6.62  ? 48  PHE A CD1 1 
ATOM   196 C  CD2 . PHE A 1 26  ? 9.548   2.362   1.922   1.00 6.46  ? 48  PHE A CD2 1 
ATOM   197 C  CE1 . PHE A 1 26  ? 7.849   0.436   2.910   1.00 6.54  ? 48  PHE A CE1 1 
ATOM   198 C  CE2 . PHE A 1 26  ? 8.203   2.608   2.033   1.00 6.30  ? 48  PHE A CE2 1 
ATOM   199 C  CZ  . PHE A 1 26  ? 7.353   1.633   2.515   1.00 6.35  ? 48  PHE A CZ  1 
ATOM   200 N  N   . GLY A 1 27  ? 14.066  1.068   0.361   1.00 7.41  ? 49  GLY A N   1 
ATOM   201 C  CA  . GLY A 1 27  ? 15.498  1.018   0.177   1.00 7.87  ? 49  GLY A CA  1 
ATOM   202 C  C   . GLY A 1 27  ? 16.331  0.852   1.416   1.00 8.03  ? 49  GLY A C   1 
ATOM   203 O  O   . GLY A 1 27  ? 17.573  0.699   1.319   1.00 9.44  ? 49  GLY A O   1 
ATOM   204 N  N   . GLY A 1 28  ? 15.704  0.896   2.569   1.00 7.61  ? 50  GLY A N   1 
ATOM   205 C  CA  . GLY A 1 28  ? 16.361  0.694   3.869   1.00 7.63  ? 50  GLY A CA  1 
ATOM   206 C  C   . GLY A 1 28  ? 15.285  0.197   4.806   1.00 7.37  ? 50  GLY A C   1 
ATOM   207 O  O   . GLY A 1 28  ? 14.094  0.047   4.440   1.00 7.25  ? 50  GLY A O   1 
ATOM   208 N  N   . GLY A 1 29  ? 15.673  -0.073  6.050   1.00 7.18  ? 51  GLY A N   1 
ATOM   209 C  CA  . GLY A 1 29  ? 14.721  -0.586  7.047   1.00 7.07  ? 51  GLY A CA  1 
ATOM   210 C  C   . GLY A 1 29  ? 13.635  0.441   7.342   1.00 6.75  ? 51  GLY A C   1 
ATOM   211 O  O   . GLY A 1 29  ? 13.857  1.645   7.323   1.00 6.40  ? 51  GLY A O   1 
ATOM   212 N  N   . VAL A 1 30  ? 12.471  -0.064  7.724   1.00 6.80  ? 52  VAL A N   1 
ATOM   213 C  CA  . VAL A 1 30  ? 11.408  0.752   8.291   1.00 6.92  ? 52  VAL A CA  1 
ATOM   214 C  C   . VAL A 1 30  ? 10.913  0.075   9.555   1.00 7.32  ? 52  VAL A C   1 
ATOM   215 O  O   . VAL A 1 30  ? 11.066  -1.119  9.736   1.00 8.15  ? 52  VAL A O   1 
ATOM   216 C  CB  . VAL A 1 30  ? 10.260  0.957   7.284   1.00 6.76  ? 52  VAL A CB  1 
ATOM   217 C  CG1 . VAL A 1 30  ? 10.719  1.796   6.102   1.00 6.79  ? 52  VAL A CG1 1 
ATOM   218 C  CG2 . VAL A 1 30  ? 9.662   -0.343  6.806   1.00 6.95  ? 52  VAL A CG2 1 
ATOM   219 N  N   . GLU A 1 31  ? 10.292  0.875   10.427  1.00 7.54  ? 53  GLU A N   1 
ATOM   220 C  CA  . GLU A 1 31  ? 9.818   0.403   11.717  1.00 8.06  ? 53  GLU A CA  1 
ATOM   221 C  C   . GLU A 1 31  ? 8.339   0.131   11.608  1.00 7.25  ? 53  GLU A C   1 
ATOM   222 O  O   . GLU A 1 31  ? 7.556   1.072   11.583  1.00 6.67  ? 53  GLU A O   1 
ATOM   223 C  CB  . GLU A 1 31  ? 10.069  1.510   12.718  1.00 9.34  ? 53  GLU A CB  1 
ATOM   224 C  CG  . GLU A 1 31  ? 11.503  1.816   13.055  1.00 11.29 ? 53  GLU A CG  1 
ATOM   225 C  CD  . GLU A 1 31  ? 11.626  2.535   14.443  1.00 13.51 ? 53  GLU A CD  1 
ATOM   226 O  OE1 . GLU A 1 31  ? 10.620  2.716   15.195  1.00 16.70 ? 53  GLU A OE1 1 
ATOM   227 O  OE2 . GLU A 1 31  ? 12.747  2.927   14.853  1.00 17.72 ? 53  GLU A OE2 1 
ATOM   228 N  N   . PRO A 1 32  ? 7.883   -1.130  11.540  1.00 7.21  ? 54  PRO A N   1 
ATOM   229 C  CA  . PRO A 1 32  ? 6.474   -1.370  11.319  1.00 6.92  ? 54  PRO A CA  1 
ATOM   230 C  C   . PRO A 1 32  ? 5.513   -0.732  12.347  1.00 6.61  ? 54  PRO A C   1 
ATOM   231 O  O   . PRO A 1 32  ? 4.425   -0.258  11.981  1.00 6.88  ? 54  PRO A O   1 
ATOM   232 C  CB  . PRO A 1 32  ? 6.327   -2.908  11.278  1.00 7.41  ? 54  PRO A CB  1 
ATOM   233 C  CG  . PRO A 1 32  ? 7.653   -3.433  11.426  1.00 8.08  ? 54  PRO A CG  1 
ATOM   234 C  CD  . PRO A 1 32  ? 8.658   -2.381  11.543  1.00 7.54  ? 54  PRO A CD  1 
ATOM   235 N  N   . ALA A 1 33  ? 5.890   -0.716  13.623  1.00 6.30  ? 55  ALA A N   1 
ATOM   236 C  CA  . ALA A 1 33  ? 4.995   -0.187  14.658  1.00 6.30  ? 55  ALA A CA  1 
ATOM   237 C  C   . ALA A 1 33  ? 4.852   1.312   14.566  1.00 6.06  ? 55  ALA A C   1 
ATOM   238 O  O   . ALA A 1 33  ? 3.904   1.873   15.155  1.00 6.08  ? 55  ALA A O   1 
ATOM   239 C  CB  . ALA A 1 33  ? 5.510   -0.568  16.021  1.00 6.65  ? 55  ALA A CB  1 
ATOM   240 N  N   . TYR A 1 34  ? 5.739   1.979   13.831  1.00 5.68  ? 56  TYR A N   1 
ATOM   241 C  CA  . TYR A 1 34  ? 5.666   3.433   13.617  1.00 5.55  ? 56  TYR A CA  1 
ATOM   242 C  C   . TYR A 1 34  ? 5.557   3.745   12.138  1.00 5.52  ? 56  TYR A C   1 
ATOM   243 O  O   . TYR A 1 34  ? 5.964   4.804   11.682  1.00 5.68  ? 56  TYR A O   1 
ATOM   244 C  CB  . TYR A 1 34  ? 6.883   4.130   14.231  1.00 5.54  ? 56  TYR A CB  1 
ATOM   245 C  CG  . TYR A 1 34  ? 6.904   4.065   15.713  1.00 5.43  ? 56  TYR A CG  1 
ATOM   246 C  CD1 . TYR A 1 34  ? 6.193   5.009   16.468  1.00 5.40  ? 56  TYR A CD1 1 
ATOM   247 C  CD2 . TYR A 1 34  ? 7.535   3.041   16.405  1.00 5.46  ? 56  TYR A CD2 1 
ATOM   248 C  CE1 . TYR A 1 34  ? 6.195   4.964   17.835  1.00 5.55  ? 56  TYR A CE1 1 
ATOM   249 C  CE2 . TYR A 1 34  ? 7.493   2.968   17.780  1.00 5.62  ? 56  TYR A CE2 1 
ATOM   250 C  CZ  . TYR A 1 34  ? 6.840   3.953   18.503  1.00 5.76  ? 56  TYR A CZ  1 
ATOM   251 O  OH  . TYR A 1 34  ? 6.845   3.936   19.883  1.00 6.41  ? 56  TYR A OH  1 
ATOM   252 N  N   . SER A 1 35  ? 4.901   2.867   11.389  1.00 5.61  ? 57  SER A N   1 
ATOM   253 C  CA  . SER A 1 35  ? 4.659   3.090   9.941   1.00 5.94  ? 57  SER A CA  1 
ATOM   254 C  C   . SER A 1 35  ? 3.178   2.930   9.651   1.00 5.95  ? 57  SER A C   1 
ATOM   255 O  O   . SER A 1 35  ? 2.490   2.136   10.283  1.00 6.68  ? 57  SER A O   1 
ATOM   256 C  CB  . SER A 1 35  ? 5.515   2.127   9.128   1.00 6.27  ? 57  SER A CB  1 
ATOM   257 O  OG  . SER A 1 35  ? 6.890   2.445   9.309   1.00 6.92  ? 57  SER A OG  1 
ATOM   258 N  N   . SER A 1 36  ? 2.710   3.631   8.635   1.00 5.73  ? 58  SER A N   1 
ATOM   259 C  CA  . SER A 1 36  ? 1.301   3.677   8.289   1.00 5.86  ? 58  SER A CA  1 
ATOM   260 C  C   . SER A 1 36  ? 1.152   3.521   6.774   1.00 5.61  ? 58  SER A C   1 
ATOM   261 O  O   . SER A 1 36  ? 1.887   4.152   6.005   1.00 6.07  ? 58  SER A O   1 
ATOM   262 C  CB  . SER A 1 36  ? 0.697   4.996   8.703   1.00 6.02  ? 58  SER A CB  1 
ATOM   263 O  OG  . SER A 1 36  ? -0.666  5.093   8.346   1.00 6.30  ? 58  SER A OG  1 
ATOM   264 N  N   . ILE A 1 37  ? 0.208   2.670   6.361   1.00 5.34  ? 59  ILE A N   1 
ATOM   265 C  CA  . ILE A 1 37  ? -0.215  2.541   4.976   1.00 5.31  ? 59  ILE A CA  1 
ATOM   266 C  C   . ILE A 1 37  ? -1.726  2.712   5.022   1.00 5.34  ? 59  ILE A C   1 
ATOM   267 O  O   . ILE A 1 37  ? -2.398  2.106   5.861   1.00 5.75  ? 59  ILE A O   1 
ATOM   268 C  CB  . ILE A 1 37  ? 0.139   1.167   4.363   1.00 5.47  ? 59  ILE A CB  1 
ATOM   269 C  CG1 . ILE A 1 37  ? 1.605   0.817   4.587   1.00 5.73  ? 59  ILE A CG1 1 
ATOM   270 C  CG2 . ILE A 1 37  ? -0.207  1.163   2.883   1.00 5.51  ? 59  ILE A CG2 1 
ATOM   271 C  CD1 . ILE A 1 37  ? 1.967   -0.610  4.259   1.00 6.25  ? 59  ILE A CD1 1 
ATOM   272 N  N   . SER A 1 38  ? -2.238  3.461   4.057   1.00 5.38  ? 60  SER A N   1 
ATOM   273 C  CA  . SER A 1 38  ? -3.678  3.664   3.929   1.00 5.57  ? 60  SER A CA  1 
ATOM   274 C  C   . SER A 1 38  ? -4.112  3.429   2.496   1.00 5.61  ? 60  SER A C   1 
ATOM   275 O  O   . SER A 1 38  ? -3.393  3.742   1.562   1.00 5.76  ? 60  SER A O   1 
ATOM   276 C  CB  . SER A 1 38  ? -4.093  5.097   4.263   1.00 5.77  ? 60  SER A CB  1 
ATOM   277 O  OG  . SER A 1 38  ? -3.733  5.429   5.589   1.00 6.41  ? 60  SER A OG  1 
ATOM   278 N  N   . ILE A 1 39  ? -5.314  2.887   2.312   1.00 5.77  ? 61  ILE A N   1 
ATOM   279 C  CA  . ILE A 1 39  ? -5.964  2.853   1.012   1.00 6.14  ? 61  ILE A CA  1 
ATOM   280 C  C   . ILE A 1 39  ? -7.119  3.798   1.031   1.00 6.17  ? 61  ILE A C   1 
ATOM   281 O  O   . ILE A 1 39  ? -7.967  3.744   1.935   1.00 6.35  ? 61  ILE A O   1 
ATOM   282 C  CB  . ILE A 1 39  ? -6.468  1.424   0.688   1.00 6.35  ? 61  ILE A CB  1 
ATOM   283 C  CG1 . ILE A 1 39  ? -5.302  0.417   0.688   1.00 6.58  ? 61  ILE A CG1 1 
ATOM   284 C  CG2 . ILE A 1 39  ? -7.223  1.396   -0.635  1.00 6.57  ? 61  ILE A CG2 1 
ATOM   285 C  CD1 . ILE A 1 39  ? -5.732  -1.017  0.510   1.00 7.02  ? 61  ILE A CD1 1 
ATOM   286 N  N   . LEU A 1 40  ? -7.155  4.669   0.028   1.00 6.41  ? 62  LEU A N   1 
ATOM   287 C  CA  . LEU A 1 40  ? -8.236  5.656   -0.189  1.00 6.97  ? 62  LEU A CA  1 
ATOM   288 C  C   . LEU A 1 40  ? -9.009  5.256   -1.411  1.00 7.19  ? 62  LEU A C   1 
ATOM   289 O  O   . LEU A 1 40  ? -8.435  4.802   -2.376  1.00 7.23  ? 62  LEU A O   1 
ATOM   290 C  CB  . LEU A 1 40  ? -7.665  7.075   -0.412  1.00 7.29  ? 62  LEU A CB  1 
ATOM   291 C  CG  . LEU A 1 40  ? -6.698  7.594   0.608   1.00 7.77  ? 62  LEU A CG  1 
ATOM   292 C  CD1 . LEU A 1 40  ? -6.288  9.015   0.215   1.00 8.04  ? 62  LEU A CD1 1 
ATOM   293 C  CD2 . LEU A 1 40  ? -7.233  7.534   2.029   1.00 8.14  ? 62  LEU A CD2 1 
ATOM   294 N  N   . ASP A 1 41  ? -10.324 5.391   -1.367  1.00 7.62  ? 63  ASP A N   1 
ATOM   295 C  CA  . ASP A 1 41  ? -11.133 5.165   -2.576  1.00 8.31  ? 63  ASP A CA  1 
ATOM   296 C  C   . ASP A 1 41  ? -11.128 6.364   -3.500  1.00 8.78  ? 63  ASP A C   1 
ATOM   297 O  O   . ASP A 1 41  ? -10.410 7.329   -3.245  1.00 8.49  ? 63  ASP A O   1 
ATOM   298 C  CB  . ASP A 1 41  ? -12.553 4.673   -2.196  1.00 9.06  ? 63  ASP A CB  1 
ATOM   299 C  CG  . ASP A 1 41  ? -13.488 5.764   -1.717  1.00 9.83  ? 63  ASP A CG  1 
ATOM   300 O  OD1 . ASP A 1 41  ? -13.185 6.936   -1.822  1.00 9.94  ? 63  ASP A OD1 1 
ATOM   301 O  OD2 . ASP A 1 41  ? -14.598 5.413   -1.204  1.00 12.32 ? 63  ASP A OD2 1 
ATOM   302 N  N   . SER A 1 42  ? -11.874 6.285   -4.598  1.00 9.65  ? 64  SER A N   1 
ATOM   303 C  CA  . SER A 1 42  ? -11.816 7.292   -5.623  1.00 10.49 ? 64  SER A CA  1 
ATOM   304 C  C   . SER A 1 42  ? -12.406 8.614   -5.233  1.00 11.03 ? 64  SER A C   1 
ATOM   305 O  O   . SER A 1 42  ? -12.268 9.567   -5.972  1.00 10.51 ? 64  SER A O   1 
ATOM   306 C  CB  . SER A 1 42  ? -12.497 6.776   -6.897  1.00 11.30 ? 64  SER A CB  1 
ATOM   307 O  OG  . SER A 1 42  ? -13.871 6.602   -6.713  1.00 12.60 ? 64  SER A OG  1 
ATOM   308 N  N   . THR A 1 43  ? -13.074 8.677   -4.077  1.00 11.99 ? 65  THR A N   1 
ATOM   309 C  CA  . THR A 1 43  ? -13.536 9.963   -3.486  1.00 13.27 ? 65  THR A CA  1 
ATOM   310 C  C   . THR A 1 43  ? -12.592 10.486  -2.386  1.00 12.37 ? 65  THR A C   1 
ATOM   311 O  O   . THR A 1 43  ? -12.783 11.569  -1.828  1.00 13.13 ? 65  THR A O   1 
ATOM   312 C  CB  . THR A 1 43  ? -14.974 9.848   -2.917  1.00 14.88 ? 65  THR A CB  1 
ATOM   313 O  OG1 . THR A 1 43  ? -14.988 9.107   -1.704  1.00 17.51 ? 65  THR A OG1 1 
ATOM   314 C  CG2 . THR A 1 43  ? -15.890 9.172   -3.904  1.00 15.99 ? 65  THR A CG2 1 
ATOM   315 N  N   . GLY A 1 44  ? -11.569 9.717   -2.072  1.00 10.89 ? 66  GLY A N   1 
ATOM   316 C  CA  . GLY A 1 44  ? -10.641 10.016  -1.008  1.00 10.43 ? 66  GLY A CA  1 
ATOM   317 C  C   . GLY A 1 44  ? -11.086 9.510   0.372   1.00 10.02 ? 66  GLY A C   1 
ATOM   318 O  O   . GLY A 1 44  ? -10.435 9.836   1.338   1.00 10.83 ? 66  GLY A O   1 
ATOM   319 N  N   . LYS A 1 45  ? -12.138 8.695   0.432   1.00 10.13 ? 67  LYS A N   1 
ATOM   320 C  CA  . LYS A 1 45  ? -12.561 8.092   1.686   1.00 10.44 ? 67  LYS A CA  1 
ATOM   321 C  C   . LYS A 1 45  ? -11.553 7.031   2.116   1.00 9.14  ? 67  LYS A C   1 
ATOM   322 O  O   . LYS A 1 45  ? -11.087 6.212   1.315   1.00 8.03  ? 67  LYS A O   1 
ATOM   323 C  CB  . LYS A 1 45  ? -13.938 7.457   1.523   1.00 12.51 ? 67  LYS A CB  1 
ATOM   324 C  CG  . LYS A 1 45  ? -14.494 6.903   2.801   1.00 15.19 ? 67  LYS A CG  1 
ATOM   325 C  CD  . LYS A 1 45  ? -15.950 6.485   2.644   1.00 18.23 ? 67  LYS A CD  1 
ATOM   326 C  CE  . LYS A 1 45  ? -16.528 6.087   3.997   1.00 20.80 ? 67  LYS A CE  1 
ATOM   327 N  NZ  . LYS A 1 45  ? -15.848 4.897   4.586   1.00 22.79 ? 67  LYS A NZ  1 
ATOM   328 N  N   . LEU A 1 46  ? -11.234 7.018   3.408   1.00 8.51  ? 68  LEU A N   1 
ATOM   329 C  CA  . LEU A 1 46  ? -10.326 6.032   3.984   1.00 8.48  ? 68  LEU A CA  1 
ATOM   330 C  C   . LEU A 1 46  ? -10.991 4.672   4.009   1.00 8.32  ? 68  LEU A C   1 
ATOM   331 O  O   . LEU A 1 46  ? -12.002 4.487   4.654   1.00 9.14  ? 68  LEU A O   1 
ATOM   332 C  CB  . LEU A 1 46  ? -9.903  6.492   5.380   1.00 8.90  ? 68  LEU A CB  1 
ATOM   333 C  CG  . LEU A 1 46  ? -8.932  5.553   6.109   1.00 8.91  ? 68  LEU A CG  1 
ATOM   334 C  CD1 . LEU A 1 46  ? -7.629  5.370   5.397   1.00 8.88  ? 68  LEU A CD1 1 
ATOM   335 C  CD2 . LEU A 1 46  ? -8.740  6.057   7.539   1.00 9.30  ? 68  LEU A CD2 1 
ATOM   336 N  N   . VAL A 1 47  ? -10.407 3.718   3.302   1.00 7.65  ? 69  VAL A N   1 
ATOM   337 C  CA  . VAL A 1 47  ? -10.917 2.332   3.261   1.00 7.77  ? 69  VAL A CA  1 
ATOM   338 C  C   . VAL A 1 47  ? -10.336 1.524   4.420   1.00 7.90  ? 69  VAL A C   1 
ATOM   339 O  O   . VAL A 1 47  ? -11.068 0.827   5.141   1.00 8.62  ? 69  VAL A O   1 
ATOM   340 C  CB  . VAL A 1 47  ? -10.580 1.674   1.919   1.00 7.78  ? 69  VAL A CB  1 
ATOM   341 C  CG1 . VAL A 1 47  ? -11.047 0.217   1.897   1.00 8.04  ? 69  VAL A CG1 1 
ATOM   342 C  CG2 . VAL A 1 47  ? -11.274 2.438   0.771   1.00 7.79  ? 69  VAL A CG2 1 
ATOM   343 N  N   . VAL A 1 48  ? -9.008  1.592   4.581   1.00 7.35  ? 70  VAL A N   1 
ATOM   344 C  CA  . VAL A 1 48  ? -8.310  0.841   5.621   1.00 7.57  ? 70  VAL A CA  1 
ATOM   345 C  C   . VAL A 1 48  ? -6.964  1.492   5.859   1.00 6.96  ? 70  VAL A C   1 
ATOM   346 O  O   . VAL A 1 48  ? -6.411  2.096   4.941   1.00 6.86  ? 70  VAL A O   1 
ATOM   347 C  CB  . VAL A 1 48  ? -8.132  -0.669  5.219   1.00 8.10  ? 70  VAL A CB  1 
ATOM   348 C  CG1 . VAL A 1 48  ? -7.315  -0.847  3.978   1.00 8.33  ? 70  VAL A CG1 1 
ATOM   349 C  CG2 . VAL A 1 48  ? -7.572  -1.466  6.392   1.00 8.67  ? 70  VAL A CG2 1 
ATOM   350 N  N   . GLU A 1 49  ? -6.497  1.411   7.086   1.00 6.92  ? 71  GLU A N   1 
ATOM   351 C  CA  . GLU A 1 49  ? -5.145  1.850   7.463   1.00 6.95  ? 71  GLU A CA  1 
ATOM   352 C  C   . GLU A 1 49  ? -4.491  0.765   8.283   1.00 7.13  ? 71  GLU A C   1 
ATOM   353 O  O   . GLU A 1 49  ? -5.146  0.071   9.054   1.00 7.54  ? 71  GLU A O   1 
ATOM   354 C  CB  . GLU A 1 49  ? -5.211  3.157   8.289   1.00 7.32  ? 71  GLU A CB  1 
ATOM   355 C  CG  . GLU A 1 49  ? -3.849  3.765   8.612   1.00 7.51  ? 71  GLU A CG  1 
ATOM   356 C  CD  . GLU A 1 49  ? -3.092  3.141   9.780   1.00 7.76  ? 71  GLU A CD  1 
ATOM   357 O  OE1 . GLU A 1 49  ? -3.694  2.482   10.663  1.00 8.86  ? 71  GLU A OE1 1 
ATOM   358 O  OE2 . GLU A 1 49  ? -1.843  3.247   9.815   1.00 7.69  ? 71  GLU A OE2 1 
ATOM   359 N  N   . GLY A 1 50  ? -3.188  0.626   8.131   1.00 6.85  ? 72  GLY A N   1 
ATOM   360 C  CA  . GLY A 1 50  ? -2.403  -0.224  9.029   1.00 7.57  ? 72  GLY A CA  1 
ATOM   361 C  C   . GLY A 1 50  ? -1.030  -0.496  8.487   1.00 7.49  ? 72  GLY A C   1 
ATOM   362 O  O   . GLY A 1 50  ? -0.588  0.212   7.572   1.00 8.06  ? 72  GLY A O   1 
ATOM   363 N  N   . ALA A 1 51  ? -0.316  -1.474  9.044   1.00 7.85  ? 73  ALA A N   1 
ATOM   364 C  CA  . ALA A 1 51  ? 1.007   -1.882  8.568   1.00 8.35  ? 73  ALA A CA  1 
ATOM   365 C  C   . ALA A 1 51  ? 1.477   -3.056  9.382   1.00 9.17  ? 73  ALA A C   1 
ATOM   366 O  O   . ALA A 1 51  ? 1.333   -3.075  10.608  1.00 10.48 ? 73  ALA A O   1 
ATOM   367 C  CB  . ALA A 1 51  ? 2.018   -0.741  8.681   1.00 8.31  ? 73  ALA A CB  1 
ATOM   368 N  N   . LYS A 1 52  ? 2.016   -4.062  8.700   1.00 10.08 ? 74  LYS A N   1 
ATOM   369 C  CA  . LYS A 1 52  ? 2.685   -5.130  9.449   1.00 11.56 ? 74  LYS A CA  1 
ATOM   370 C  C   . LYS A 1 52  ? 3.986   -5.469  8.774   1.00 10.24 ? 74  LYS A C   1 
ATOM   371 O  O   . LYS A 1 52  ? 4.207   -5.132  7.611   1.00 9.44  ? 74  LYS A O   1 
ATOM   372 C  CB  . LYS A 1 52  ? 1.795   -6.340  9.700   1.00 15.04 ? 74  LYS A CB  1 
ATOM   373 C  CG  . LYS A 1 52  ? 1.334   -7.059  8.525   1.00 17.43 ? 74  LYS A CG  1 
ATOM   374 C  CD  . LYS A 1 52  ? 0.600   -8.351  8.923   1.00 20.56 ? 74  LYS A CD  1 
ATOM   375 C  CE  . LYS A 1 52  ? -0.781  -8.119  9.509   1.00 22.56 ? 74  LYS A CE  1 
ATOM   376 N  NZ  . LYS A 1 52  ? -1.327  -9.393  10.105  1.00 25.52 ? 74  LYS A NZ  1 
ATOM   377 N  N   . GLY A 1 53  ? 4.881   -6.024  9.565   1.00 10.27 ? 75  GLY A N   1 
ATOM   378 C  CA  . GLY A 1 53  ? 6.169   -6.487  9.049   1.00 10.73 ? 75  GLY A CA  1 
ATOM   379 C  C   . GLY A 1 53  ? 6.671   -7.685  9.800   1.00 11.85 ? 75  GLY A C   1 
ATOM   380 O  O   . GLY A 1 53  ? 6.092   -8.103  10.786  1.00 12.56 ? 75  GLY A O   1 
ATOM   381 N  N   . GLN A 1 54  ? 7.793   -8.202  9.342   1.00 12.70 ? 76  GLN A N   1 
ATOM   382 C  CA  . GLN A 1 54  ? 8.480   -9.347  9.945   1.00 13.99 ? 76  GLN A CA  1 
ATOM   383 C  C   . GLN A 1 54  ? 9.892   -8.891  10.224  1.00 13.26 ? 76  GLN A C   1 
ATOM   384 O  O   . GLN A 1 54  ? 10.519  -8.235  9.382   1.00 11.70 ? 76  GLN A O   1 
ATOM   385 C  CB  . GLN A 1 54  ? 8.503   -10.546 8.973   1.00 16.65 ? 76  GLN A CB  1 
ATOM   386 C  CG  . GLN A 1 54  ? 7.150   -11.030 8.464   1.00 19.40 ? 76  GLN A CG  1 
ATOM   387 C  CD  . GLN A 1 54  ? 7.253   -12.315 7.654   1.00 22.72 ? 76  GLN A CD  1 
ATOM   388 O  OE1 . GLN A 1 54  ? 8.355   -12.812 7.347   1.00 26.15 ? 76  GLN A OE1 1 
ATOM   389 N  NE2 . GLN A 1 54  ? 6.084   -12.894 7.320   1.00 25.14 ? 76  GLN A NE2 1 
ATOM   390 N  N   . ALA A 1 55  ? 10.429  -9.253  11.396  1.00 13.77 ? 77  ALA A N   1 
ATOM   391 C  CA  . ALA A 1 55  ? 11.732  -8.761  11.810  1.00 13.79 ? 77  ALA A CA  1 
ATOM   392 C  C   . ALA A 1 55  ? 12.909  -9.111  10.890  1.00 13.84 ? 77  ALA A C   1 
ATOM   393 O  O   . ALA A 1 55  ? 13.870  -8.348  10.766  1.00 14.49 ? 77  ALA A O   1 
ATOM   394 C  CB  . ALA A 1 55  ? 12.040  -9.286  13.209  1.00 14.41 ? 77  ALA A CB  1 
ATOM   395 N  N   . ASP A 1 56  ? 12.802  -10.266 10.246  1.00 14.13 ? 78  ASP A N   1 
ATOM   396 C  CA  . ASP A 1 56  ? 13.834  -10.715 9.314   1.00 14.91 ? 78  ASP A CA  1 
ATOM   397 C  C   . ASP A 1 56  ? 13.775  -10.062 7.926   1.00 13.73 ? 78  ASP A C   1 
ATOM   398 O  O   . ASP A 1 56  ? 14.670  -10.259 7.120   1.00 14.14 ? 78  ASP A O   1 
ATOM   399 C  CB  . ASP A 1 56  ? 13.917  -12.244 9.263   1.00 16.95 ? 78  ASP A CB  1 
ATOM   400 C  CG  . ASP A 1 56  ? 12.766  -12.895 8.580   1.00 18.44 ? 78  ASP A CG  1 
ATOM   401 O  OD1 . ASP A 1 56  ? 11.710  -12.297 8.354   1.00 20.53 ? 78  ASP A OD1 1 
ATOM   402 O  OD2 . ASP A 1 56  ? 12.928  -14.106 8.255   1.00 22.09 ? 78  ASP A OD2 1 
ATOM   403 N  N   . LYS A 1 57  ? 12.750  -9.243  7.681   1.00 12.25 ? 79  LYS A N   1 
ATOM   404 C  CA  . LYS A 1 57  ? 12.588  -8.493  6.424   1.00 11.82 ? 79  LYS A CA  1 
ATOM   405 C  C   . LYS A 1 57  ? 12.337  -7.021  6.758   1.00 10.54 ? 79  LYS A C   1 
ATOM   406 O  O   . LYS A 1 57  ? 11.225  -6.487  6.550   1.00 9.77  ? 79  LYS A O   1 
ATOM   407 C  CB  . LYS A 1 57  ? 11.433  -9.037  5.618   1.00 12.75 ? 79  LYS A CB  1 
ATOM   408 C  CG  . LYS A 1 57  ? 11.685  -10.453 5.168   1.00 14.78 ? 79  LYS A CG  1 
ATOM   409 C  CD  . LYS A 1 57  ? 10.564  -10.925 4.279   1.00 16.62 ? 79  LYS A CD  1 
ATOM   410 C  CE  . LYS A 1 57  ? 10.836  -12.343 3.812   1.00 19.21 ? 79  LYS A CE  1 
ATOM   411 N  NZ  . LYS A 1 57  ? 10.086  -12.584 2.557   1.00 20.79 ? 79  LYS A NZ  1 
ATOM   412 N  N   . PRO A 1 58  ? 13.373  -6.336  7.270   1.00 10.01 ? 80  PRO A N   1 
ATOM   413 C  CA  . PRO A 1 58  ? 13.161  -4.973  7.791   1.00 9.59  ? 80  PRO A CA  1 
ATOM   414 C  C   . PRO A 1 58  ? 12.733  -3.952  6.736   1.00 8.99  ? 80  PRO A C   1 
ATOM   415 O  O   . PRO A 1 58  ? 12.178  -2.900  7.074   1.00 8.36  ? 80  PRO A O   1 
ATOM   416 C  CB  . PRO A 1 58  ? 14.552  -4.580  8.322   1.00 9.81  ? 80  PRO A CB  1 
ATOM   417 C  CG  . PRO A 1 58  ? 15.530  -5.528  7.724   1.00 10.66 ? 80  PRO A CG  1 
ATOM   418 C  CD  . PRO A 1 58  ? 14.783  -6.791  7.448   1.00 10.60 ? 80  PRO A CD  1 
ATOM   419 N  N   . ARG A 1 59  ? 12.982  -4.253  5.463   1.00 9.26  ? 81  ARG A N   1 
ATOM   420 C  CA  . ARG A 1 59  ? 12.697  -3.303  4.394   1.00 9.43  ? 81  ARG A CA  1 
ATOM   421 C  C   . ARG A 1 59  ? 11.281  -3.444  3.847   1.00 9.15  ? 81  ARG A C   1 
ATOM   422 O  O   . ARG A 1 59  ? 10.934  -2.739  2.902   1.00 8.76  ? 81  ARG A O   1 
ATOM   423 C  CB  . ARG A 1 59  ? 13.693  -3.449  3.248   1.00 10.67 ? 81  ARG A CB  1 
ATOM   424 C  CG  . ARG A 1 59  ? 15.111  -3.289  3.692   1.00 12.11 ? 81  ARG A CG  1 
ATOM   425 C  CD  . ARG A 1 59  ? 16.056  -3.157  2.519   1.00 14.41 ? 81  ARG A CD  1 
ATOM   426 N  NE  . ARG A 1 59  ? 17.389  -2.909  2.986   1.00 17.80 ? 81  ARG A NE  1 
ATOM   427 C  CZ  . ARG A 1 59  ? 18.447  -2.704  2.211   1.00 20.73 ? 81  ARG A CZ  1 
ATOM   428 N  NH1 . ARG A 1 59  ? 18.325  -2.706  0.881   1.00 22.74 ? 81  ARG A NH1 1 
ATOM   429 N  NH2 . ARG A 1 59  ? 19.627  -2.474  2.797   1.00 22.59 ? 81  ARG A NH2 1 
ATOM   430 N  N   . GLU A 1 60  ? 10.458  -4.341  4.385   1.00 8.95  ? 82  GLU A N   1 
ATOM   431 C  CA  . GLU A 1 60  ? 9.134   -4.616  3.805   1.00 9.44  ? 82  GLU A CA  1 
ATOM   432 C  C   . GLU A 1 60  ? 8.004   -4.329  4.746   1.00 8.65  ? 82  GLU A C   1 
ATOM   433 O  O   . GLU A 1 60  ? 8.143   -4.516  5.933   1.00 8.57  ? 82  GLU A O   1 
ATOM   434 C  CB  . GLU A 1 60  ? 9.063   -6.068  3.309   1.00 10.92 ? 82  GLU A CB  1 
ATOM   435 C  CG  . GLU A 1 60  ? 10.082  -6.292  2.213   1.00 12.80 ? 82  GLU A CG  1 
ATOM   436 C  CD  . GLU A 1 60  ? 10.113  -7.678  1.629   1.00 15.50 ? 82  GLU A CD  1 
ATOM   437 O  OE1 . GLU A 1 60  ? 9.166   -8.467  1.827   1.00 17.15 ? 82  GLU A OE1 1 
ATOM   438 O  OE2 . GLU A 1 60  ? 11.110  -7.978  0.933   1.00 17.69 ? 82  GLU A OE2 1 
ATOM   439 N  N   . LEU A 1 61  ? 6.879   -3.902  4.193   1.00 8.09  ? 83  LEU A N   1 
ATOM   440 C  CA  . LEU A 1 61  ? 5.643   -3.766  4.959   1.00 8.07  ? 83  LEU A CA  1 
ATOM   441 C  C   . LEU A 1 61  ? 4.533   -4.345  4.156   1.00 8.23  ? 83  LEU A C   1 
ATOM   442 O  O   . LEU A 1 61  ? 4.532   -4.255  2.912   1.00 8.42  ? 83  LEU A O   1 
ATOM   443 C  CB  . LEU A 1 61  ? 5.300   -2.309  5.260   1.00 7.94  ? 83  LEU A CB  1 
ATOM   444 C  CG  . LEU A 1 61  ? 6.217   -1.559  6.207   1.00 8.19  ? 83  LEU A CG  1 
ATOM   445 C  CD1 . LEU A 1 61  ? 5.788   -0.129  6.215   1.00 8.22  ? 83  LEU A CD1 1 
ATOM   446 C  CD2 . LEU A 1 61  ? 6.213   -2.168  7.602   1.00 8.24  ? 83  LEU A CD2 1 
ATOM   447 N  N   . THR A 1 62  ? 3.510   -4.843  4.849   1.00 8.14  ? 84  THR A N   1 
ATOM   448 C  CA  . THR A 1 62  ? 2.265   -5.246  4.168   1.00 8.66  ? 84  THR A CA  1 
ATOM   449 C  C   . THR A 1 62  ? 1.035   -4.670  4.857   1.00 8.52  ? 84  THR A C   1 
ATOM   450 O  O   . THR A 1 62  ? 1.079   -4.293  6.054   1.00 8.33  ? 84  THR A O   1 
ATOM   451 C  CB  . THR A 1 62  ? 2.117   -6.772  4.066   1.00 9.22  ? 84  THR A CB  1 
ATOM   452 O  OG1 . THR A 1 62  ? 2.002   -7.327  5.369   1.00 9.89  ? 84  THR A OG1 1 
ATOM   453 C  CG2 . THR A 1 62  ? 3.255   -7.430  3.313   1.00 9.53  ? 84  THR A CG2 1 
ATOM   454 N  N   . LEU A 1 63  ? -0.051  -4.544  4.079   1.00 8.95  ? 85  LEU A N   1 
ATOM   455 C  CA  . LEU A 1 63  ? -1.343  -4.135  4.620   1.00 9.66  ? 85  LEU A CA  1 
ATOM   456 C  C   . LEU A 1 63  ? -2.386  -5.098  4.040   1.00 10.14 ? 85  LEU A C   1 
ATOM   457 O  O   . LEU A 1 63  ? -2.517  -5.182  2.813   1.00 10.18 ? 85  LEU A O   1 
ATOM   458 C  CB  . LEU A 1 63  ? -1.651  -2.702  4.204   1.00 9.84  ? 85  LEU A CB  1 
ATOM   459 C  CG  . LEU A 1 63  ? -3.068  -2.211  4.588   1.00 10.56 ? 85  LEU A CG  1 
ATOM   460 C  CD1 . LEU A 1 63  ? -3.261  -2.241  6.085   1.00 11.14 ? 85  LEU A CD1 1 
ATOM   461 C  CD2 . LEU A 1 63  ? -3.253  -0.847  3.983   1.00 10.90 ? 85  LEU A CD2 1 
ATOM   462 N  N   . ASP A 1 64  ? -3.149  -5.757  4.919   1.00 11.15 ? 86  ASP A N   1 
ATOM   463 C  CA  . ASP A 1 64  ? -4.257  -6.621  4.456   1.00 13.00 ? 86  ASP A CA  1 
ATOM   464 C  C   . ASP A 1 64  ? -5.411  -5.747  4.013   1.00 12.04 ? 86  ASP A C   1 
ATOM   465 O  O   . ASP A 1 64  ? -5.849  -4.858  4.748   1.00 12.85 ? 86  ASP A O   1 
ATOM   466 C  CB  . ASP A 1 64  ? -4.676  -7.523  5.579   1.00 15.46 ? 86  ASP A CB  1 
ATOM   467 C  CG  . ASP A 1 64  ? -3.661  -8.605  5.859   1.00 18.38 ? 86  ASP A CG  1 
ATOM   468 O  OD1 . ASP A 1 64  ? -2.743  -8.851  5.035   1.00 22.79 ? 86  ASP A OD1 1 
ATOM   469 O  OD2 . ASP A 1 64  ? -3.790  -9.233  6.923   1.00 24.02 ? 86  ASP A OD2 1 
ATOM   470 N  N   . ALA A 1 65  ? -5.877  -5.942  2.789   1.00 11.32 ? 87  ALA A N   1 
ATOM   471 C  CA  . ALA A 1 65  ? -6.982  -5.133  2.262   1.00 10.77 ? 87  ALA A CA  1 
ATOM   472 C  C   . ALA A 1 65  ? -8.297  -5.872  2.452   1.00 10.84 ? 87  ALA A C   1 
ATOM   473 O  O   . ALA A 1 65  ? -8.370  -7.065  2.218   1.00 11.22 ? 87  ALA A O   1 
ATOM   474 C  CB  . ALA A 1 65  ? -6.775  -4.830  0.797   1.00 10.71 ? 87  ALA A CB  1 
ATOM   475 N  N   . PRO A 1 66  ? -9.357  -5.146  2.751   1.00 10.35 ? 88  PRO A N   1 
ATOM   476 C  CA  . PRO A 1 66  ? -10.698 -5.742  2.565   1.00 10.61 ? 88  PRO A CA  1 
ATOM   477 C  C   . PRO A 1 66  ? -10.992 -5.874  1.091   1.00 10.59 ? 88  PRO A C   1 
ATOM   478 O  O   . PRO A 1 66  ? -10.218 -5.454  0.234   1.00 10.31 ? 88  PRO A O   1 
ATOM   479 C  CB  . PRO A 1 66  ? -11.626 -4.694  3.176   1.00 10.74 ? 88  PRO A CB  1 
ATOM   480 C  CG  . PRO A 1 66  ? -10.912 -3.410  2.878   1.00 10.73 ? 88  PRO A CG  1 
ATOM   481 C  CD  . PRO A 1 66  ? -9.430  -3.687  2.978   1.00 10.65 ? 88  PRO A CD  1 
ATOM   482 N  N   . GLU A 1 67  ? -12.090 -6.523  0.754   1.00 10.67 ? 89  GLU A N   1 
ATOM   483 C  CA  . GLU A 1 67  ? -12.539 -6.644  -0.592  1.00 11.27 ? 89  GLU A CA  1 
ATOM   484 C  C   . GLU A 1 67  ? -12.816 -5.294  -1.174  1.00 10.89 ? 89  GLU A C   1 
ATOM   485 O  O   . GLU A 1 67  ? -13.635 -4.546  -0.616  1.00 12.78 ? 89  GLU A O   1 
ATOM   486 C  CB  . GLU A 1 67  ? -13.800 -7.523  -0.639  1.00 11.92 ? 89  GLU A CB  1 
ATOM   487 C  CG  . GLU A 1 67  ? -14.350 -7.759  -2.028  1.00 12.41 ? 89  GLU A CG  1 
ATOM   488 C  CD  . GLU A 1 67  ? -13.454 -8.579  -2.947  1.00 12.85 ? 89  GLU A CD  1 
ATOM   489 O  OE1 . GLU A 1 67  ? -12.501 -9.203  -2.474  1.00 12.87 ? 89  GLU A OE1 1 
ATOM   490 O  OE2 . GLU A 1 67  ? -13.763 -8.671  -4.169  1.00 14.68 ? 89  GLU A OE2 1 
ATOM   491 N  N   . LEU A 1 68  ? -12.101 -4.971  -2.237  1.00 10.13 ? 90  LEU A N   1 
ATOM   492 C  CA  . LEU A 1 68  ? -12.210 -3.696  -2.915  1.00 9.93  ? 90  LEU A CA  1 
ATOM   493 C  C   . LEU A 1 68  ? -13.110 -3.776  -4.138  1.00 10.40 ? 90  LEU A C   1 
ATOM   494 O  O   . LEU A 1 68  ? -12.856 -4.558  -5.047  1.00 11.13 ? 90  LEU A O   1 
ATOM   495 C  CB  . LEU A 1 68  ? -10.836 -3.201  -3.351  1.00 9.86  ? 90  LEU A CB  1 
ATOM   496 C  CG  . LEU A 1 68  ? -9.763  -3.004  -2.261  1.00 9.72  ? 90  LEU A CG  1 
ATOM   497 C  CD1 . LEU A 1 68  ? -8.543  -2.401  -2.889  1.00 9.71  ? 90  LEU A CD1 1 
ATOM   498 C  CD2 . LEU A 1 68  ? -10.252 -2.153  -1.117  1.00 9.88  ? 90  LEU A CD2 1 
ATOM   499 N  N   . ALA A 1 69  ? -14.102 -2.883  -4.172  1.00 10.20 ? 91  ALA A N   1 
ATOM   500 C  CA  . ALA A 1 69  ? -14.945 -2.697  -5.316  1.00 10.09 ? 91  ALA A CA  1 
ATOM   501 C  C   . ALA A 1 69  ? -14.142 -2.278  -6.530  1.00 10.20 ? 91  ALA A C   1 
ATOM   502 O  O   . ALA A 1 69  ? -13.084 -1.659  -6.410  1.00 9.83  ? 91  ALA A O   1 
ATOM   503 C  CB  . ALA A 1 69  ? -16.005 -1.661  -4.995  1.00 10.11 ? 91  ALA A CB  1 
ATOM   504 N  N   . VAL A 1 70  ? -14.604 -2.602  -7.708  1.00 10.12 ? 92  VAL A N   1 
ATOM   505 C  CA  . VAL A 1 70  ? -14.032 -2.148  -8.943  1.00 10.15 ? 92  VAL A CA  1 
ATOM   506 C  C   . VAL A 1 70  ? -13.935 -0.618  -8.911  1.00 10.27 ? 92  VAL A C   1 
ATOM   507 O  O   . VAL A 1 70  ? -14.876 0.069   -8.491  1.00 11.24 ? 92  VAL A O   1 
ATOM   508 C  CB  . VAL A 1 70  ? -14.892 -2.676  -10.145 1.00 10.55 ? 92  VAL A CB  1 
ATOM   509 C  CG1 . VAL A 1 70  ? -14.556 -1.963  -11.413 1.00 10.77 ? 92  VAL A CG1 1 
ATOM   510 C  CG2 . VAL A 1 70  ? -14.748 -4.171  -10.289 1.00 10.78 ? 92  VAL A CG2 1 
ATOM   511 N  N   . GLY A 1 71  ? -12.794 -0.118  -9.358  1.00 9.71  ? 93  GLY A N   1 
ATOM   512 C  CA  . GLY A 1 71  ? -12.512 1.297   -9.443  1.00 9.80  ? 93  GLY A CA  1 
ATOM   513 C  C   . GLY A 1 71  ? -11.073 1.604   -9.058  1.00 9.40  ? 93  GLY A C   1 
ATOM   514 O  O   . GLY A 1 71  ? -10.231 0.719   -8.905  1.00 9.46  ? 93  GLY A O   1 
ATOM   515 N  N   . SER A 1 72  ? -10.800 2.902   -8.948  1.00 9.91  ? 94  SER A N   1 
ATOM   516 C  CA  A SER A 1 72  ? -9.446  3.364   -8.674  0.50 9.87  ? 94  SER A CA  1 
ATOM   517 C  CA  B SER A 1 72  ? -9.467  3.430   -8.695  0.50 9.90  ? 94  SER A CA  1 
ATOM   518 C  C   . SER A 1 72  ? -9.263  3.681   -7.188  1.00 9.49  ? 94  SER A C   1 
ATOM   519 O  O   . SER A 1 72  ? -10.209 4.054   -6.473  1.00 9.91  ? 94  SER A O   1 
ATOM   520 C  CB  A SER A 1 72  ? -9.125  4.582   -9.511  0.50 10.26 ? 94  SER A CB  1 
ATOM   521 C  CB  B SER A 1 72  ? -9.316  4.738   -9.467  0.50 10.30 ? 94  SER A CB  1 
ATOM   522 O  OG  A SER A 1 72  ? -9.784  5.724   -9.010  0.50 11.05 ? 94  SER A OG  1 
ATOM   523 O  OG  B SER A 1 72  ? -8.056  5.339   -9.246  0.50 11.16 ? 94  SER A OG  1 
ATOM   524 N  N   . TYR A 1 73  ? -8.023  3.464   -6.742  1.00 8.40  ? 95  TYR A N   1 
ATOM   525 C  CA  . TYR A 1 73  ? -7.598  3.642   -5.353  1.00 7.97  ? 95  TYR A CA  1 
ATOM   526 C  C   . TYR A 1 73  ? -6.261  4.323   -5.288  1.00 7.57  ? 95  TYR A C   1 
ATOM   527 O  O   . TYR A 1 73  ? -5.469  4.244   -6.209  1.00 8.06  ? 95  TYR A O   1 
ATOM   528 C  CB  . TYR A 1 73  ? -7.516  2.271   -4.636  1.00 7.76  ? 95  TYR A CB  1 
ATOM   529 C  CG  . TYR A 1 73  ? -8.850  1.581   -4.522  1.00 7.84  ? 95  TYR A CG  1 
ATOM   530 C  CD1 . TYR A 1 73  ? -9.310  0.773   -5.557  1.00 7.99  ? 95  TYR A CD1 1 
ATOM   531 C  CD2 . TYR A 1 73  ? -9.669  1.779   -3.443  1.00 7.85  ? 95  TYR A CD2 1 
ATOM   532 C  CE1 . TYR A 1 73  ? -10.557 0.197   -5.502  1.00 7.88  ? 95  TYR A CE1 1 
ATOM   533 C  CE2 . TYR A 1 73  ? -10.929 1.211   -3.383  1.00 7.93  ? 95  TYR A CE2 1 
ATOM   534 C  CZ  . TYR A 1 73  ? -11.361 0.414   -4.412  1.00 7.98  ? 95  TYR A CZ  1 
ATOM   535 O  OH  . TYR A 1 73  ? -12.635 -0.152  -4.338  1.00 8.50  ? 95  TYR A OH  1 
ATOM   536 N  N   . VAL A 1 74  ? -6.007  4.963   -4.161  1.00 7.07  ? 96  VAL A N   1 
ATOM   537 C  CA  . VAL A 1 74  ? -4.688  5.476   -3.852  1.00 6.81  ? 96  VAL A CA  1 
ATOM   538 C  C   . VAL A 1 74  ? -4.199  4.805   -2.608  1.00 6.52  ? 96  VAL A C   1 
ATOM   539 O  O   . VAL A 1 74  ? -4.902  4.721   -1.603  1.00 6.77  ? 96  VAL A O   1 
ATOM   540 C  CB  . VAL A 1 74  ? -4.706  7.021   -3.735  1.00 7.01  ? 96  VAL A CB  1 
ATOM   541 C  CG1 . VAL A 1 74  ? -3.477  7.556   -3.015  1.00 7.02  ? 96  VAL A CG1 1 
ATOM   542 C  CG2 . VAL A 1 74  ? -4.792  7.627   -5.134  1.00 7.22  ? 96  VAL A CG2 1 
ATOM   543 N  N   . VAL A 1 75  ? -2.952  4.337   -2.692  1.00 5.99  ? 97  VAL A N   1 
ATOM   544 C  CA  . VAL A 1 75  ? -2.202  3.869   -1.560  1.00 5.94  ? 97  VAL A CA  1 
ATOM   545 C  C   . VAL A 1 75  ? -1.360  5.025   -1.120  1.00 5.77  ? 97  VAL A C   1 
ATOM   546 O  O   . VAL A 1 75  ? -0.585  5.545   -1.926  1.00 6.09  ? 97  VAL A O   1 
ATOM   547 C  CB  . VAL A 1 75  ? -1.288  2.692   -1.961  1.00 6.10  ? 97  VAL A CB  1 
ATOM   548 C  CG1 . VAL A 1 75  ? -0.398  2.334   -0.778  1.00 6.14  ? 97  VAL A CG1 1 
ATOM   549 C  CG2 . VAL A 1 75  ? -2.107  1.489   -2.431  1.00 6.34  ? 97  VAL A CG2 1 
ATOM   550 N  N   . LYS A 1 76  ? -1.470  5.402   0.153   1.00 5.43  ? 98  LYS A N   1 
ATOM   551 C  CA  . LYS A 1 76  ? -0.523  6.367   0.715   1.00 5.39  ? 98  LYS A CA  1 
ATOM   552 C  C   . LYS A 1 76  ? 0.204   5.726   1.855   1.00 5.27  ? 98  LYS A C   1 
ATOM   553 O  O   . LYS A 1 76  ? -0.294  4.805   2.476   1.00 5.35  ? 98  LYS A O   1 
ATOM   554 C  CB  . LYS A 1 76  ? -1.191  7.676   1.115   1.00 5.71  ? 98  LYS A CB  1 
ATOM   555 C  CG  . LYS A 1 76  ? -2.185  7.622   2.248   1.00 6.00  ? 98  LYS A CG  1 
ATOM   556 C  CD  . LYS A 1 76  ? -2.770  8.995   2.589   1.00 6.40  ? 98  LYS A CD  1 
ATOM   557 C  CE  . LYS A 1 76  ? -3.584  8.991   3.880   1.00 6.81  ? 98  LYS A CE  1 
ATOM   558 N  NZ  . LYS A 1 76  ? -4.169  10.335  4.189   1.00 7.49  ? 98  LYS A NZ  1 
ATOM   559 N  N   . PHE A 1 77  ? 1.392   6.219   2.137   1.00 4.98  ? 99  PHE A N   1 
ATOM   560 C  CA  . PHE A 1 77  ? 2.225   5.637   3.194   1.00 4.84  ? 99  PHE A CA  1 
ATOM   561 C  C   . PHE A 1 77  ? 3.040   6.703   3.871   1.00 4.72  ? 99  PHE A C   1 
ATOM   562 O  O   . PHE A 1 77  ? 3.451   7.653   3.248   1.00 4.70  ? 99  PHE A O   1 
ATOM   563 C  CB  . PHE A 1 77  ? 3.072   4.464   2.704   1.00 4.91  ? 99  PHE A CB  1 
ATOM   564 C  CG  . PHE A 1 77  ? 3.966   4.804   1.558   1.00 4.96  ? 99  PHE A CG  1 
ATOM   565 C  CD1 . PHE A 1 77  ? 3.504   4.649   0.253   1.00 4.96  ? 99  PHE A CD1 1 
ATOM   566 C  CD2 . PHE A 1 77  ? 5.271   5.294   1.725   1.00 5.06  ? 99  PHE A CD2 1 
ATOM   567 C  CE1 . PHE A 1 77  ? 4.276   4.982   -0.833  1.00 5.17  ? 99  PHE A CE1 1 
ATOM   568 C  CE2 . PHE A 1 77  ? 6.060   5.612   0.626   1.00 5.17  ? 99  PHE A CE2 1 
ATOM   569 C  CZ  . PHE A 1 77  ? 5.542   5.484   -0.641  1.00 5.19  ? 99  PHE A CZ  1 
ATOM   570 N  N   . ARG A 1 78  ? 3.296   6.479   5.162   1.00 4.67  ? 100 ARG A N   1 
ATOM   571 C  CA  . ARG A 1 78  ? 4.107   7.395   5.924   1.00 5.01  ? 100 ARG A CA  1 
ATOM   572 C  C   . ARG A 1 78  ? 4.879   6.538   6.912   1.00 4.92  ? 100 ARG A C   1 
ATOM   573 O  O   . ARG A 1 78  ? 4.287   5.995   7.865   1.00 5.09  ? 100 ARG A O   1 
ATOM   574 C  CB  . ARG A 1 78  ? 3.190   8.383   6.606   1.00 5.20  ? 100 ARG A CB  1 
ATOM   575 C  CG  . ARG A 1 78  ? 3.962   9.627   7.210   1.00 5.47  ? 100 ARG A CG  1 
ATOM   576 C  CD  . ARG A 1 78  ? 3.032   10.774  7.580   1.00 5.77  ? 100 ARG A CD  1 
ATOM   577 N  NE  . ARG A 1 78  ? 3.773   11.895  8.174   1.00 6.12  ? 100 ARG A NE  1 
ATOM   578 C  CZ  . ARG A 1 78  ? 4.171   11.977  9.441   1.00 6.27  ? 100 ARG A CZ  1 
ATOM   579 N  NH1 . ARG A 1 78  ? 3.908   11.024  10.302  1.00 6.34  ? 100 ARG A NH1 1 
ATOM   580 N  NH2 . ARG A 1 78  ? 4.864   13.043  9.856   1.00 6.61  ? 100 ARG A NH2 1 
ATOM   581 N  N   . VAL A 1 79  ? 6.165   6.328   6.633   1.00 5.16  ? 101 VAL A N   1 
ATOM   582 C  CA  . VAL A 1 79  ? 6.957   5.336   7.332   1.00 5.30  ? 101 VAL A CA  1 
ATOM   583 C  C   . VAL A 1 79  ? 8.054   5.999   8.124   1.00 5.17  ? 101 VAL A C   1 
ATOM   584 O  O   . VAL A 1 79  ? 8.555   7.057   7.737   1.00 5.09  ? 101 VAL A O   1 
ATOM   585 C  CB  . VAL A 1 79  ? 7.543   4.273   6.354   1.00 5.67  ? 101 VAL A CB  1 
ATOM   586 C  CG1 . VAL A 1 79  ? 6.412   3.598   5.575   1.00 5.86  ? 101 VAL A CG1 1 
ATOM   587 C  CG2 . VAL A 1 79  ? 8.573   4.862   5.399   1.00 5.70  ? 101 VAL A CG2 1 
ATOM   588 N  N   . LEU A 1 80  ? 8.435   5.334   9.211   1.00 5.32  ? 102 LEU A N   1 
ATOM   589 C  CA  . LEU A 1 80  ? 9.628   5.753   9.987   1.00 5.58  ? 102 LEU A CA  1 
ATOM   590 C  C   . LEU A 1 80  ? 10.789  4.874   9.576   1.00 5.86  ? 102 LEU A C   1 
ATOM   591 O  O   . LEU A 1 80  ? 10.763  3.680   9.788   1.00 6.24  ? 102 LEU A O   1 
ATOM   592 C  CB  . LEU A 1 80  ? 9.360   5.664   11.497  1.00 5.71  ? 102 LEU A CB  1 
ATOM   593 C  CG  . LEU A 1 80  ? 10.552  6.142   12.354  1.00 6.08  ? 102 LEU A CG  1 
ATOM   594 C  CD1 . LEU A 1 80  ? 10.920  7.560   12.114  1.00 6.46  ? 102 LEU A CD1 1 
ATOM   595 C  CD2 . LEU A 1 80  ? 10.260  5.876   13.789  1.00 6.47  ? 102 LEU A CD2 1 
ATOM   596 N  N   . SER A 1 81  ? 11.779  5.479   8.933   1.00 6.06  ? 103 SER A N   1 
ATOM   597 C  CA  . SER A 1 81  ? 12.978  4.747   8.490   1.00 6.70  ? 103 SER A CA  1 
ATOM   598 C  C   . SER A 1 81  ? 13.838  4.365   9.674   1.00 7.65  ? 103 SER A C   1 
ATOM   599 O  O   . SER A 1 81  ? 13.825  5.020   10.706  1.00 7.81  ? 103 SER A O   1 
ATOM   600 C  CB  . SER A 1 81  ? 13.803  5.615   7.552   1.00 6.73  ? 103 SER A CB  1 
ATOM   601 O  OG  . SER A 1 81  ? 13.046  6.156   6.470   1.00 6.74  ? 103 SER A OG  1 
ATOM   602 N  N   . SER A 1 82  ? 14.647  3.329   9.481   1.00 8.66  ? 104 SER A N   1 
ATOM   603 C  CA  . SER A 1 82  ? 15.515  2.857   10.562  1.00 9.97  ? 104 SER A CA  1 
ATOM   604 C  C   . SER A 1 82  ? 16.563  3.899   10.886  1.00 10.75 ? 104 SER A C   1 
ATOM   605 O  O   . SER A 1 82  ? 17.100  3.861   12.015  1.00 12.04 ? 104 SER A O   1 
ATOM   606 C  CB  . SER A 1 82  ? 16.120  1.496   10.226  1.00 10.38 ? 104 SER A CB  1 
ATOM   607 O  OG  . SER A 1 82  ? 15.096  0.508   10.105  1.00 11.23 ? 104 SER A OG  1 
ATOM   608 N  N   . ASP A 1 83  ? 16.864  4.844   9.988   1.00 11.21 ? 105 ASP A N   1 
ATOM   609 C  CA  . ASP A 1 83  ? 17.832  5.870   10.287  1.00 12.03 ? 105 ASP A CA  1 
ATOM   610 C  C   . ASP A 1 83  ? 17.218  7.077   10.960  1.00 11.50 ? 105 ASP A C   1 
ATOM   611 O  O   . ASP A 1 83  ? 17.897  8.120   11.110  1.00 13.72 ? 105 ASP A O   1 
ATOM   612 C  CB  . ASP A 1 83  ? 18.602  6.269   9.024   1.00 12.95 ? 105 ASP A CB  1 
ATOM   613 C  CG  . ASP A 1 83  ? 17.799  7.129   8.067   1.00 13.53 ? 105 ASP A CG  1 
ATOM   614 O  OD1 . ASP A 1 83  ? 16.540  7.178   8.187   1.00 13.14 ? 105 ASP A OD1 1 
ATOM   615 O  OD2 . ASP A 1 83  ? 18.432  7.731   7.153   1.00 14.32 ? 105 ASP A OD2 1 
ATOM   616 N  N   . GLY A 1 84  ? 15.942  6.979   11.365  1.00 10.55 ? 106 GLY A N   1 
ATOM   617 C  CA  . GLY A 1 84  ? 15.254  8.008   12.079  1.00 9.94  ? 106 GLY A CA  1 
ATOM   618 C  C   . GLY A 1 84  ? 14.471  9.002   11.252  1.00 9.49  ? 106 GLY A C   1 
ATOM   619 O  O   . GLY A 1 84  ? 13.939  9.935   11.803  1.00 10.24 ? 106 GLY A O   1 
ATOM   620 N  N   . HIS A 1 85  ? 14.398  8.847   9.918   1.00 8.48  ? 107 HIS A N   1 
ATOM   621 C  CA  . HIS A 1 85  ? 13.788  9.848   9.025   1.00 8.16  ? 107 HIS A CA  1 
ATOM   622 C  C   . HIS A 1 85  ? 12.476  9.386   8.481   1.00 7.29  ? 107 HIS A C   1 
ATOM   623 O  O   . HIS A 1 85  ? 12.302  8.211   8.155   1.00 7.23  ? 107 HIS A O   1 
ATOM   624 C  CB  . HIS A 1 85  ? 14.748  10.189  7.892   1.00 8.54  ? 107 HIS A CB  1 
ATOM   625 C  CG  . HIS A 1 85  ? 16.098  10.611  8.398   1.00 9.34  ? 107 HIS A CG  1 
ATOM   626 N  ND1 . HIS A 1 85  ? 17.246  10.353  7.707   1.00 10.03 ? 107 HIS A ND1 1 
ATOM   627 C  CD2 . HIS A 1 85  ? 16.489  11.185  9.560   1.00 9.86  ? 107 HIS A CD2 1 
ATOM   628 C  CE1 . HIS A 1 85  ? 18.293  10.763  8.406   1.00 10.13 ? 107 HIS A CE1 1 
ATOM   629 N  NE2 . HIS A 1 85  ? 17.855  11.279  9.529   1.00 10.29 ? 107 HIS A NE2 1 
ATOM   630 N  N   . ILE A 1 86  ? 11.535  10.308  8.430   1.00 6.73  ? 108 ILE A N   1 
ATOM   631 C  CA  . ILE A 1 86  ? 10.184  10.002  7.968   1.00 6.42  ? 108 ILE A CA  1 
ATOM   632 C  C   . ILE A 1 86  ? 10.112  10.158  6.455   1.00 6.23  ? 108 ILE A C   1 
ATOM   633 O  O   . ILE A 1 86  ? 10.622  11.126  5.896   1.00 6.92  ? 108 ILE A O   1 
ATOM   634 C  CB  . ILE A 1 86  ? 9.167   10.941  8.650   1.00 6.54  ? 108 ILE A CB  1 
ATOM   635 C  CG1 . ILE A 1 86  ? 9.256   10.799  10.167  1.00 6.48  ? 108 ILE A CG1 1 
ATOM   636 C  CG2 . ILE A 1 86  ? 7.759   10.687  8.133   1.00 6.56  ? 108 ILE A CG2 1 
ATOM   637 C  CD1 . ILE A 1 86  ? 8.617   11.943  10.914  1.00 6.61  ? 108 ILE A CD1 1 
ATOM   638 N  N   . VAL A 1 87  ? 9.457   9.188   5.821   1.00 5.68  ? 109 VAL A N   1 
ATOM   639 C  CA  . VAL A 1 87  ? 9.205   9.183   4.391   1.00 5.59  ? 109 VAL A CA  1 
ATOM   640 C  C   . VAL A 1 87  ? 7.696   9.042   4.130   1.00 5.33  ? 109 VAL A C   1 
ATOM   641 O  O   . VAL A 1 87  ? 7.055   8.104   4.635   1.00 5.50  ? 109 VAL A O   1 
ATOM   642 C  CB  . VAL A 1 87  ? 9.975   8.047   3.691   1.00 5.64  ? 109 VAL A CB  1 
ATOM   643 C  CG1 . VAL A 1 87  ? 9.543   7.894   2.246   1.00 5.91  ? 109 VAL A CG1 1 
ATOM   644 C  CG2 . VAL A 1 87  ? 11.491  8.253   3.812   1.00 5.84  ? 109 VAL A CG2 1 
ATOM   645 N  N   . GLU A 1 88  ? 7.138   9.953   3.342   1.00 5.19  ? 110 GLU A N   1 
ATOM   646 C  CA  . GLU A 1 88  ? 5.791   9.850   2.821   1.00 5.09  ? 110 GLU A CA  1 
ATOM   647 C  C   . GLU A 1 88  ? 5.797   9.590   1.340   1.00 4.79  ? 110 GLU A C   1 
ATOM   648 O  O   . GLU A 1 88  ? 6.663   10.086  0.609   1.00 4.86  ? 110 GLU A O   1 
ATOM   649 C  CB  . GLU A 1 88  ? 4.966   11.111  3.097   1.00 5.42  ? 110 GLU A CB  1 
ATOM   650 C  CG  . GLU A 1 88  ? 5.381   12.365  2.348   1.00 5.95  ? 110 GLU A CG  1 
ATOM   651 C  CD  . GLU A 1 88  ? 4.898   12.555  0.932   1.00 6.36  ? 110 GLU A CD  1 
ATOM   652 O  OE1 . GLU A 1 88  ? 3.917   12.001  0.503   1.00 6.55  ? 110 GLU A OE1 1 
ATOM   653 O  OE2 . GLU A 1 88  ? 5.493   13.446  0.221   1.00 7.41  ? 110 GLU A OE2 1 
ATOM   654 N  N   . GLY A 1 89  ? 4.777   8.853   0.872   1.00 4.55  ? 111 GLY A N   1 
ATOM   655 C  CA  . GLY A 1 89  ? 4.557   8.755   -0.573  1.00 4.69  ? 111 GLY A CA  1 
ATOM   656 C  C   . GLY A 1 89  ? 3.158   8.222   -0.804  1.00 4.58  ? 111 GLY A C   1 
ATOM   657 O  O   . GLY A 1 89  ? 2.366   8.021   0.108   1.00 4.60  ? 111 GLY A O   1 
ATOM   658 N  N   . LYS A 1 90  ? 2.841   8.021   -2.074  1.00 4.69  ? 112 LYS A N   1 
ATOM   659 C  CA  . LYS A 1 90  ? 1.495   7.697   -2.512  1.00 4.76  ? 112 LYS A CA  1 
ATOM   660 C  C   . LYS A 1 90  ? 1.491   7.316   -3.989  1.00 4.96  ? 112 LYS A C   1 
ATOM   661 O  O   . LYS A 1 90  ? 2.300   7.823   -4.744  1.00 4.92  ? 112 LYS A O   1 
ATOM   662 C  CB  . LYS A 1 90  ? 0.498   8.818   -2.227  1.00 4.81  ? 112 LYS A CB  1 
ATOM   663 C  CG  . LYS A 1 90  ? 0.725   10.139  -2.963  1.00 5.03  ? 112 LYS A CG  1 
ATOM   664 C  CD  . LYS A 1 90  ? 1.886   10.942  -2.392  1.00 5.14  ? 112 LYS A CD  1 
ATOM   665 C  CE  . LYS A 1 90  ? 1.948   12.336  -2.934  1.00 5.43  ? 112 LYS A CE  1 
ATOM   666 N  NZ  . LYS A 1 90  ? 3.148   13.044  -2.427  1.00 5.50  ? 112 LYS A NZ  1 
ATOM   667 N  N   . TYR A 1 91  ? 0.577   6.440   -4.348  1.00 5.27  ? 113 TYR A N   1 
ATOM   668 C  CA  . TYR A 1 91  ? 0.386   6.089   -5.760  1.00 5.68  ? 113 TYR A CA  1 
ATOM   669 C  C   . TYR A 1 91  ? -1.000  5.535   -5.991  1.00 6.06  ? 113 TYR A C   1 
ATOM   670 O  O   . TYR A 1 91  ? -1.659  5.160   -5.042  1.00 5.69  ? 113 TYR A O   1 
ATOM   671 C  CB  . TYR A 1 91  ? 1.454   5.089   -6.223  1.00 5.92  ? 113 TYR A CB  1 
ATOM   672 C  CG  . TYR A 1 91  ? 1.379   3.722   -5.525  1.00 6.07  ? 113 TYR A CG  1 
ATOM   673 C  CD1 . TYR A 1 91  ? 0.554   2.702   -6.018  1.00 6.25  ? 113 TYR A CD1 1 
ATOM   674 C  CD2 . TYR A 1 91  ? 2.133   3.421   -4.385  1.00 6.22  ? 113 TYR A CD2 1 
ATOM   675 C  CE1 . TYR A 1 91  ? 0.472   1.470   -5.363  1.00 6.52  ? 113 TYR A CE1 1 
ATOM   676 C  CE2 . TYR A 1 91  ? 2.060   2.211   -3.758  1.00 6.66  ? 113 TYR A CE2 1 
ATOM   677 C  CZ  . TYR A 1 91  ? 1.240   1.219   -4.256  1.00 6.63  ? 113 TYR A CZ  1 
ATOM   678 O  OH  . TYR A 1 91  ? 1.180   -0.013  -3.645  1.00 7.64  ? 113 TYR A OH  1 
ATOM   679 N  N   . GLU A 1 92  ? -1.414  5.488   -7.249  1.00 7.22  ? 114 GLU A N   1 
ATOM   680 C  CA  . GLU A 1 92  ? -2.740  5.029   -7.616  1.00 8.25  ? 114 GLU A CA  1 
ATOM   681 C  C   . GLU A 1 92  ? -2.665  3.644   -8.235  1.00 8.34  ? 114 GLU A C   1 
ATOM   682 O  O   . GLU A 1 92  ? -1.666  3.283   -8.847  1.00 8.76  ? 114 GLU A O   1 
ATOM   683 C  CB  . GLU A 1 92  ? -3.364  6.024   -8.591  1.00 9.34  ? 114 GLU A CB  1 
ATOM   684 C  CG  . GLU A 1 92  ? -4.790  5.749   -9.043  1.00 10.70 ? 114 GLU A CG  1 
ATOM   685 C  CD  . GLU A 1 92  ? -4.942  4.996   -10.353 0.50 11.53 ? 114 GLU A CD  1 
ATOM   686 O  OE1 . GLU A 1 92  ? -4.003  4.919   -11.177 0.50 12.95 ? 114 GLU A OE1 1 
ATOM   687 O  OE2 . GLU A 1 92  ? -6.038  4.465   -10.578 0.50 12.09 ? 114 GLU A OE2 1 
ATOM   688 N  N   . PHE A 1 93  ? -3.738  2.872   -8.074  1.00 8.26  ? 115 PHE A N   1 
ATOM   689 C  CA  . PHE A 1 93  ? -3.921  1.632   -8.865  1.00 8.51  ? 115 PHE A CA  1 
ATOM   690 C  C   . PHE A 1 93  ? -5.401  1.450   -9.096  1.00 8.68  ? 115 PHE A C   1 
ATOM   691 O  O   . PHE A 1 93  ? -6.203  2.064   -8.439  1.00 8.78  ? 115 PHE A O   1 
ATOM   692 C  CB  . PHE A 1 93  ? -3.282  0.406   -8.223  1.00 8.55  ? 115 PHE A CB  1 
ATOM   693 C  CG  . PHE A 1 93  ? -4.015  -0.112  -7.030  1.00 8.43  ? 115 PHE A CG  1 
ATOM   694 C  CD1 . PHE A 1 93  ? -3.785  0.397   -5.787  1.00 8.54  ? 115 PHE A CD1 1 
ATOM   695 C  CD2 . PHE A 1 93  ? -4.963  -1.140  -7.161  1.00 8.79  ? 115 PHE A CD2 1 
ATOM   696 C  CE1 . PHE A 1 93  ? -4.453  -0.088  -4.685  1.00 8.44  ? 115 PHE A CE1 1 
ATOM   697 C  CE2 . PHE A 1 93  ? -5.633  -1.621  -6.073  1.00 8.60  ? 115 PHE A CE2 1 
ATOM   698 C  CZ  . PHE A 1 93  ? -5.398  -1.109  -4.819  1.00 8.67  ? 115 PHE A CZ  1 
ATOM   699 N  N   . THR A 1 94  ? -5.735  0.597   -10.067 1.00 8.93  ? 116 THR A N   1 
ATOM   700 C  CA  . THR A 1 94  ? -7.129  0.347   -10.432 1.00 8.98  ? 116 THR A CA  1 
ATOM   701 C  C   . THR A 1 94  ? -7.457  -1.123  -10.349 1.00 8.56  ? 116 THR A C   1 
ATOM   702 O  O   . THR A 1 94  ? -6.669  -1.968  -10.786 1.00 8.61  ? 116 THR A O   1 
ATOM   703 C  CB  . THR A 1 94  ? -7.404  0.856   -11.853 1.00 9.59  ? 116 THR A CB  1 
ATOM   704 O  OG1 . THR A 1 94  ? -7.167  2.277   -11.922 1.00 10.59 ? 116 THR A OG1 1 
ATOM   705 C  CG2 . THR A 1 94  ? -8.866  0.602   -12.211 1.00 10.10 ? 116 THR A CG2 1 
ATOM   706 N  N   . VAL A 1 95  ? -8.605  -1.402  -9.726  1.00 8.19  ? 117 VAL A N   1 
ATOM   707 C  CA  . VAL A 1 95  ? -9.214  -2.750  -9.728  1.00 8.29  ? 117 VAL A CA  1 
ATOM   708 C  C   . VAL A 1 95  ? -10.169 -2.777  -10.898 1.00 8.32  ? 117 VAL A C   1 
ATOM   709 O  O   . VAL A 1 95  ? -11.158 -2.070  -10.916 1.00 8.19  ? 117 VAL A O   1 
ATOM   710 C  CB  . VAL A 1 95  ? -9.946  -3.032  -8.410  1.00 8.19  ? 117 VAL A CB  1 
ATOM   711 C  CG1 . VAL A 1 95  ? -10.591 -4.404  -8.429  1.00 8.55  ? 117 VAL A CG1 1 
ATOM   712 C  CG2 . VAL A 1 95  ? -8.975  -2.925  -7.226  1.00 8.20  ? 117 VAL A CG2 1 
ATOM   713 N  N   . ASP A 1 96  ? -9.815  -3.575  -11.893 1.00 8.46  ? 118 ASP A N   1 
ATOM   714 C  CA  . ASP A 1 96  ? -10.692 -3.816  -13.050 1.00 8.67  ? 118 ASP A CA  1 
ATOM   715 C  C   . ASP A 1 96  ? -11.748 -4.886  -12.744 1.00 8.22  ? 118 ASP A C   1 
ATOM   716 O  O   . ASP A 1 96  ? -11.534 -5.745  -11.922 1.00 8.26  ? 118 ASP A O   1 
ATOM   717 C  CB  . ASP A 1 96  ? -9.869  -4.355  -14.229 1.00 9.62  ? 118 ASP A CB  1 
ATOM   718 C  CG  . ASP A 1 96  ? -8.897  -3.385  -14.842 1.00 10.66 ? 118 ASP A CG  1 
ATOM   719 O  OD1 . ASP A 1 96  ? -9.070  -2.180  -14.666 1.00 11.35 ? 118 ASP A OD1 1 
ATOM   720 O  OD2 . ASP A 1 96  ? -7.984  -3.887  -15.548 1.00 11.75 ? 118 ASP A OD2 1 
ATOM   721 N  N   . PRO A 1 97  ? -12.885 -4.852  -13.455 1.00 7.73  ? 119 PRO A N   1 
ATOM   722 C  CA  . PRO A 1 97  ? -13.831 -5.964  -13.395 1.00 7.69  ? 119 PRO A CA  1 
ATOM   723 C  C   . PRO A 1 97  ? -13.253 -7.190  -14.113 1.00 7.81  ? 119 PRO A C   1 
ATOM   724 O  O   . PRO A 1 97  ? -12.517 -7.082  -15.079 1.00 8.10  ? 119 PRO A O   1 
ATOM   725 C  CB  . PRO A 1 97  ? -15.061 -5.422  -14.127 1.00 7.72  ? 119 PRO A CB  1 
ATOM   726 C  CG  . PRO A 1 97  ? -14.505 -4.405  -15.051 1.00 7.73  ? 119 PRO A CG  1 
ATOM   727 C  CD  . PRO A 1 97  ? -13.308 -3.814  -14.402 1.00 7.68  ? 119 PRO A CD  1 
ATOM   728 N  N   . HIS A 1 98  ? -13.579 -8.354  -13.582 1.00 7.90  ? 120 HIS A N   1 
ATOM   729 C  CA  . HIS A 1 98  ? -13.275 -9.622  -14.257 1.00 8.25  ? 120 HIS A CA  1 
ATOM   730 C  C   . HIS A 1 98  ? -14.537 -10.378 -14.656 1.00 8.18  ? 120 HIS A C   1 
ATOM   731 O  O   . HIS A 1 98  ? -14.467 -11.532 -15.103 1.00 8.49  ? 120 HIS A O   1 
ATOM   732 C  CB  . HIS A 1 98  ? -12.353 -10.534 -13.422 1.00 8.87  ? 120 HIS A CB  1 
ATOM   733 C  CG  . HIS A 1 98  ? -12.850 -10.792 -12.052 1.00 9.75  ? 120 HIS A CG  1 
ATOM   734 N  ND1 . HIS A 1 98  ? -12.322 -10.135 -10.965 1.00 10.38 ? 120 HIS A ND1 1 
ATOM   735 C  CD2 . HIS A 1 98  ? -13.815 -11.610 -11.581 1.00 10.82 ? 120 HIS A CD2 1 
ATOM   736 C  CE1 . HIS A 1 98  ? -12.987 -10.505 -9.884  1.00 10.98 ? 120 HIS A CE1 1 
ATOM   737 N  NE2 . HIS A 1 98  ? -13.877 -11.407 -10.223 1.00 11.38 ? 120 HIS A NE2 1 
ATOM   738 N  N   . GLU A 1 99  ? -15.688 -9.743  -14.469 1.00 7.82  ? 121 GLU A N   1 
ATOM   739 C  CA  . GLU A 1 99  ? -16.993 -10.288 -14.800 1.00 8.25  ? 121 GLU A CA  1 
ATOM   740 C  C   . GLU A 1 99  ? -17.950 -9.113  -14.781 1.00 7.52  ? 121 GLU A C   1 
ATOM   741 O  O   . GLU A 1 99  ? -17.601 -8.022  -14.315 1.00 6.90  ? 121 GLU A O   1 
ATOM   742 C  CB  . GLU A 1 99  ? -17.407 -11.398 -13.792 1.00 9.40  ? 121 GLU A CB  1 
ATOM   743 C  CG  . GLU A 1 99  ? -17.622 -10.889 -12.367 1.00 10.45 ? 121 GLU A CG  1 
ATOM   744 C  CD  . GLU A 1 99  ? -17.760 -11.966 -11.336 1.00 12.27 ? 121 GLU A CD  1 
ATOM   745 O  OE1 . GLU A 1 99  ? -18.073 -13.062 -11.744 1.00 15.39 ? 121 GLU A OE1 1 
ATOM   746 O  OE2 . GLU A 1 99  ? -17.458 -11.682 -10.141 1.00 14.27 ? 121 GLU A OE2 1 
ATOM   747 N  N   . ASN A 1 100 ? -19.161 -9.314  -15.262 1.00 7.37  ? 122 ASN A N   1 
ATOM   748 C  CA  . ASN A 1 100 ? -20.171 -8.257  -15.175 1.00 7.34  ? 122 ASN A CA  1 
ATOM   749 C  C   . ASN A 1 100 ? -20.506 -7.914  -13.725 1.00 7.52  ? 122 ASN A C   1 
ATOM   750 O  O   . ASN A 1 100 ? -20.594 -8.801  -12.862 1.00 7.66  ? 122 ASN A O   1 
ATOM   751 C  CB  . ASN A 1 100 ? -21.457 -8.705  -15.894 1.00 7.44  ? 122 ASN A CB  1 
ATOM   752 C  CG  . ASN A 1 100 ? -21.274 -8.802  -17.393 1.00 7.51  ? 122 ASN A CG  1 
ATOM   753 O  OD1 . ASN A 1 100 ? -20.692 -7.924  -18.009 1.00 7.52  ? 122 ASN A OD1 1 
ATOM   754 N  ND2 . ASN A 1 100 ? -21.710 -9.885  -17.959 1.00 7.77  ? 122 ASN A ND2 1 
ATOM   755 N  N   . LEU A 1 101 ? -20.702 -6.617  -13.477 1.00 7.75  ? 123 LEU A N   1 
ATOM   756 C  CA  . LEU A 1 101 ? -21.082 -6.098  -12.151 1.00 8.17  ? 123 LEU A CA  1 
ATOM   757 C  C   . LEU A 1 101 ? -22.566 -5.783  -12.144 1.00 8.69  ? 123 LEU A C   1 
ATOM   758 O  O   . LEU A 1 101 ? -23.061 -5.082  -13.019 1.00 9.89  ? 123 LEU A O   1 
ATOM   759 C  CB  . LEU A 1 101 ? -20.299 -4.840  -11.803 1.00 8.23  ? 123 LEU A CB  1 
ATOM   760 C  CG  . LEU A 1 101 ? -18.818 -4.899  -12.012 1.00 8.35  ? 123 LEU A CG  1 
ATOM   761 C  CD1 . LEU A 1 101 ? -18.137 -3.573  -11.645 1.00 8.37  ? 123 LEU A CD1 1 
ATOM   762 C  CD2 . LEU A 1 101 ? -18.205 -6.044  -11.247 1.00 8.72  ? 123 LEU A CD2 1 
ATOM   763 N  N   . TYR A 1 102 ? -23.263 -6.291  -11.146 1.00 8.93  ? 124 TYR A N   1 
ATOM   764 C  CA  . TYR A 1 102 ? -24.708 -6.099  -10.993 1.00 9.26  ? 124 TYR A CA  1 
ATOM   765 C  C   . TYR A 1 102 ? -25.078 -5.227  -9.775  1.00 10.54 ? 124 TYR A C   1 
ATOM   766 O  O   . TYR A 1 102 ? -26.196 -4.702  -9.814  1.00 12.49 ? 124 TYR A O   1 
ATOM   767 C  CB  . TYR A 1 102 ? -25.404 -7.476  -11.083 1.00 8.85  ? 124 TYR A CB  1 
ATOM   768 C  CG  . TYR A 1 102 ? -25.179 -8.184  -12.440 1.00 8.39  ? 124 TYR A CG  1 
ATOM   769 C  CD1 . TYR A 1 102 ? -25.759 -7.687  -13.579 1.00 8.15  ? 124 TYR A CD1 1 
ATOM   770 C  CD2 . TYR A 1 102 ? -24.426 -9.335  -12.552 1.00 8.08  ? 124 TYR A CD2 1 
ATOM   771 C  CE1 . TYR A 1 102 ? -25.602 -8.298  -14.795 1.00 7.98  ? 124 TYR A CE1 1 
ATOM   772 C  CE2 . TYR A 1 102 ? -24.270 -9.977  -13.763 1.00 7.96  ? 124 TYR A CE2 1 
ATOM   773 C  CZ  . TYR A 1 102 ? -24.863 -9.446  -14.886 1.00 7.91  ? 124 TYR A CZ  1 
ATOM   774 O  OH  . TYR A 1 102 ? -24.704 -10.085 -16.096 1.00 7.52  ? 124 TYR A OH  1 
HETATM 775 CU CU  . CU  B 2 .   ? 17.346  9.392   5.995   1.00 13.96 ? 201 CU  A CU  1 
HETATM 776 CL CL  . CL  C 3 .   ? 18.313  -2.616  5.675   1.00 19.05 ? 202 CL  A CL  1 
HETATM 777 C  C1  . GOL D 4 .   ? 11.141  12.215  2.318   1.00 14.38 ? 203 GOL A C1  1 
HETATM 778 O  O1  . GOL D 4 .   ? 11.460  12.494  3.692   1.00 15.25 ? 203 GOL A O1  1 
HETATM 779 C  C2  . GOL D 4 .   ? 9.746   12.761  1.968   1.00 14.16 ? 203 GOL A C2  1 
HETATM 780 O  O2  . GOL D 4 .   ? 8.785   12.142  2.809   1.00 13.27 ? 203 GOL A O2  1 
HETATM 781 C  C3  . GOL D 4 .   ? 9.435   12.566  0.488   1.00 14.19 ? 203 GOL A C3  1 
HETATM 782 O  O3  . GOL D 4 .   ? 9.305   11.139  0.265   1.00 14.55 ? 203 GOL A O3  1 
HETATM 783 C  C1  . GOL E 4 .   ? -15.312 -1.499  -0.092  1.00 22.11 ? 204 GOL A C1  1 
HETATM 784 O  O1  . GOL E 4 .   ? -14.213 -2.224  0.492   1.00 20.35 ? 204 GOL A O1  1 
HETATM 785 C  C2  . GOL E 4 .   ? -14.698 -0.343  -0.866  1.00 22.83 ? 204 GOL A C2  1 
HETATM 786 O  O2  . GOL E 4 .   ? -14.077 -0.905  -2.017  1.00 21.07 ? 204 GOL A O2  1 
HETATM 787 C  C3  . GOL E 4 .   ? -15.666 0.756   -1.299  1.00 25.31 ? 204 GOL A C3  1 
HETATM 788 O  O3  . GOL E 4 .   ? -14.999 2.030   -1.249  1.00 28.53 ? 204 GOL A O3  1 
HETATM 789 O  O   . HOH F 5 .   ? -4.366  2.718   -12.304 1.00 19.69 ? 301 HOH A O   1 
HETATM 790 O  O   . HOH F 5 .   ? -7.053  -9.218  2.561   1.00 18.24 ? 302 HOH A O   1 
HETATM 791 O  O   . HOH F 5 .   ? -11.435 -11.049 -3.869  1.00 30.13 ? 303 HOH A O   1 
HETATM 792 O  O   . HOH F 5 .   ? -11.187 -0.751  -15.059 1.00 23.68 ? 304 HOH A O   1 
HETATM 793 O  O   . HOH F 5 .   ? 6.749   -8.653  2.818   1.00 17.55 ? 305 HOH A O   1 
HETATM 794 O  O   . HOH F 5 .   ? -0.596  -7.359  -3.870  1.00 23.40 ? 306 HOH A O   1 
HETATM 795 O  O   . HOH F 5 .   ? 8.661   -7.073  6.887   1.00 9.18  ? 307 HOH A O   1 
HETATM 796 O  O   . HOH F 5 .   ? -11.651 -10.229 -0.177  1.00 24.60 ? 308 HOH A O   1 
HETATM 797 O  O   . HOH F 5 .   ? -7.317  -2.647  -17.839 1.00 28.01 ? 309 HOH A O   1 
HETATM 798 O  O   . HOH F 5 .   ? -8.959  -7.531  -1.060  1.00 12.80 ? 310 HOH A O   1 
HETATM 799 O  O   . HOH F 5 .   ? 16.268  4.346   0.598   1.00 11.17 ? 311 HOH A O   1 
HETATM 800 O  O   . HOH F 5 .   ? -0.553  -7.437  6.235   1.00 20.16 ? 312 HOH A O   1 
HETATM 801 O  O   . HOH F 5 .   ? 13.489  -6.765  1.333   1.00 26.36 ? 313 HOH A O   1 
HETATM 802 O  O   . HOH F 5 .   ? -5.756  -4.492  7.428   1.00 21.81 ? 314 HOH A O   1 
HETATM 803 O  O   . HOH F 5 .   ? -15.552 8.378   -7.883  1.00 32.63 ? 315 HOH A O   1 
HETATM 804 O  O   . HOH F 5 .   ? 1.786   0.282   -13.975 1.00 26.14 ? 316 HOH A O   1 
HETATM 805 O  O   . HOH F 5 .   ? -15.644 -14.311 -11.902 1.00 21.53 ? 317 HOH A O   1 
HETATM 806 O  O   . HOH F 5 .   ? -1.085  6.117   5.766   1.00 7.06  ? 318 HOH A O   1 
HETATM 807 O  O   . HOH F 5 .   ? -4.767  7.127   7.488   1.00 11.18 ? 319 HOH A O   1 
HETATM 808 O  O   . HOH F 5 .   ? 4.520   1.032   -11.611 1.00 19.44 ? 320 HOH A O   1 
HETATM 809 O  O   . HOH F 5 .   ? -0.019  2.695   11.804  1.00 15.86 ? 321 HOH A O   1 
HETATM 810 O  O   . HOH F 5 .   ? -5.137  -8.458  -7.550  1.00 28.08 ? 322 HOH A O   1 
HETATM 811 O  O   . HOH F 5 .   ? -7.571  -6.618  -15.500 1.00 24.42 ? 323 HOH A O   1 
HETATM 812 O  O   . HOH F 5 .   ? -21.391 -11.371 -12.229 1.00 13.79 ? 324 HOH A O   1 
HETATM 813 O  O   . HOH F 5 .   ? -3.001  0.502   12.474  1.00 24.21 ? 325 HOH A O   1 
HETATM 814 O  O   . HOH F 5 .   ? -12.554 -7.275  -9.843  1.00 11.04 ? 326 HOH A O   1 
HETATM 815 O  O   . HOH F 5 .   ? 13.840  5.140   13.565  1.00 14.13 ? 327 HOH A O   1 
HETATM 816 O  O   . HOH F 5 .   ? 17.002  4.527   5.882   1.00 26.12 ? 328 HOH A O   1 
HETATM 817 O  O   . HOH F 5 .   ? -15.850 -13.489 -16.550 1.00 11.22 ? 329 HOH A O   1 
HETATM 818 O  O   . HOH F 5 .   ? 15.170  -3.133  -0.843  1.00 21.77 ? 330 HOH A O   1 
HETATM 819 O  O   . HOH F 5 .   ? -13.720 -0.042  4.753   1.00 25.88 ? 331 HOH A O   1 
HETATM 820 O  O   . HOH F 5 .   ? -12.317 12.708  0.708   1.00 20.44 ? 332 HOH A O   1 
HETATM 821 O  O   . HOH F 5 .   ? 15.541  11.825  13.153  1.00 14.33 ? 333 HOH A O   1 
HETATM 822 O  O   . HOH F 5 .   ? -13.471 -6.138  -7.307  1.00 16.37 ? 334 HOH A O   1 
HETATM 823 O  O   . HOH F 5 .   ? -19.696 -8.940  -10.186 1.00 22.39 ? 335 HOH A O   1 
HETATM 824 O  O   . HOH F 5 .   ? -12.070 -0.106  -12.747 1.00 21.26 ? 336 HOH A O   1 
HETATM 825 O  O   . HOH F 5 .   ? 12.022  13.011  9.154   1.00 15.12 ? 337 HOH A O   1 
HETATM 826 O  O   . HOH F 5 .   ? -14.913 -8.142  -11.073 1.00 11.96 ? 338 HOH A O   1 
HETATM 827 O  O   . HOH F 5 .   ? 10.094  -5.494  10.030  1.00 11.71 ? 339 HOH A O   1 
HETATM 828 O  O   . HOH F 5 .   ? -9.909  -8.209  -15.348 1.00 20.31 ? 340 HOH A O   1 
HETATM 829 O  O   . HOH F 5 .   ? -2.265  7.330   9.147   1.00 15.03 ? 341 HOH A O   1 
HETATM 830 O  O   . HOH F 5 .   ? 4.242   -8.440  6.780   1.00 16.12 ? 342 HOH A O   1 
HETATM 831 O  O   . HOH F 5 .   ? -19.570 -11.858 -16.543 1.00 14.07 ? 343 HOH A O   1 
HETATM 832 O  O   . HOH F 5 .   ? 9.588   -3.569  8.237   1.00 9.08  ? 344 HOH A O   1 
HETATM 833 O  O   . HOH F 5 .   ? 4.988   13.547  6.125   1.00 10.95 ? 345 HOH A O   1 
HETATM 834 O  O   . HOH F 5 .   ? 10.688  -12.518 11.061  1.00 30.60 ? 346 HOH A O   1 
HETATM 835 O  O   . HOH F 5 .   ? -12.282 -8.882  -6.768  1.00 16.56 ? 347 HOH A O   1 
HETATM 836 O  O   . HOH F 5 .   ? -13.048 4.592   -9.684  1.00 24.18 ? 348 HOH A O   1 
HETATM 837 O  O   . HOH F 5 .   ? -16.855 -8.971  -9.278  1.00 24.36 ? 349 HOH A O   1 
HETATM 838 O  O   . HOH F 5 .   ? -6.469  1.914   11.344  1.00 25.09 ? 350 HOH A O   1 
HETATM 839 O  O   . HOH F 5 .   ? -8.411  0.730   9.214   1.00 16.34 ? 351 HOH A O   1 
HETATM 840 O  O   . HOH F 5 .   ? 4.206   2.248   -6.725  1.00 18.02 ? 352 HOH A O   1 
HETATM 841 O  O   . HOH F 5 .   ? 8.483   -1.548  14.765  1.00 15.47 ? 353 HOH A O   1 
HETATM 842 O  O   . HOH F 5 .   ? 13.528  -6.322  12.889  1.00 27.20 ? 354 HOH A O   1 
HETATM 843 O  O   . HOH F 5 .   ? 2.832   11.206  -13.971 1.00 22.93 ? 355 HOH A O   1 
HETATM 844 O  O   . HOH F 5 .   ? -4.074  -8.814  -12.068 1.00 23.14 ? 356 HOH A O   1 
HETATM 845 O  O   . HOH F 5 .   ? -17.325 -3.897  -7.599  1.00 15.27 ? 357 HOH A O   1 
HETATM 846 O  O   . HOH F 5 .   ? -2.193  -3.714  9.840   1.00 18.92 ? 358 HOH A O   1 
HETATM 847 O  O   . HOH F 5 .   ? -1.170  -2.895  -15.255 1.00 26.04 ? 359 HOH A O   1 
HETATM 848 O  O   . HOH F 5 .   ? -12.331 9.108   5.317   1.00 17.09 ? 360 HOH A O   1 
HETATM 849 O  O   . HOH F 5 .   ? -2.424  -5.562  7.862   1.00 16.57 ? 361 HOH A O   1 
HETATM 850 O  O   . HOH F 5 .   ? -8.896  -9.632  0.635   1.00 27.76 ? 362 HOH A O   1 
HETATM 851 O  O   . HOH F 5 .   ? -3.891  -10.730 -4.419  1.00 22.04 ? 363 HOH A O   1 
HETATM 852 O  O   . HOH F 5 .   ? 4.982   15.701  8.331   1.00 16.17 ? 364 HOH A O   1 
HETATM 853 O  O   . HOH F 5 .   ? 14.166  -6.738  4.088   1.00 12.18 ? 365 HOH A O   1 
HETATM 854 O  O   . HOH F 5 .   ? -12.151 3.872   7.674   1.00 39.26 ? 366 HOH A O   1 
HETATM 855 O  O   . HOH F 5 .   ? -16.375 -4.557  -2.871  1.00 26.08 ? 367 HOH A O   1 
HETATM 856 O  O   . HOH F 5 .   ? -20.529 -11.551 -9.473  1.00 20.56 ? 368 HOH A O   1 
HETATM 857 O  O   . HOH F 5 .   ? 19.491  10.058  5.232   1.00 18.54 ? 369 HOH A O   1 
HETATM 858 O  O   . HOH F 5 .   ? 0.421   7.140   -9.285  1.00 5.54  ? 370 HOH A O   1 
HETATM 859 O  O   . HOH F 5 .   ? -13.958 -14.613 -10.071 1.00 28.36 ? 371 HOH A O   1 
HETATM 860 O  O   . HOH F 5 .   ? 18.802  8.600   2.163   1.00 31.95 ? 372 HOH A O   1 
HETATM 861 O  O   . HOH F 5 .   ? 6.211   -6.365  1.138   1.00 20.84 ? 373 HOH A O   1 
HETATM 862 O  O   . HOH F 5 .   ? 15.952  4.502   15.033  1.00 17.91 ? 374 HOH A O   1 
HETATM 863 O  O   . HOH F 5 .   ? -11.773 -13.776 -8.997  1.00 23.66 ? 375 HOH A O   1 
HETATM 864 O  O   . HOH F 5 .   ? 15.464  -5.809  -0.312  1.00 28.63 ? 376 HOH A O   1 
HETATM 865 O  O   . HOH F 5 .   ? 7.079   1.289   -6.536  1.00 16.62 ? 377 HOH A O   1 
HETATM 866 O  O   . HOH F 5 .   ? 6.725   -8.639  5.605   1.00 14.44 ? 378 HOH A O   1 
HETATM 867 O  O   . HOH F 5 .   ? -6.914  4.564   11.548  1.00 27.57 ? 379 HOH A O   1 
HETATM 868 O  O   . HOH F 5 .   ? 15.935  14.019  11.731  1.00 19.98 ? 380 HOH A O   1 
HETATM 869 O  O   . HOH F 5 .   ? 0.237   11.918  -11.549 1.00 25.59 ? 381 HOH A O   1 
HETATM 870 O  O   . HOH F 5 .   ? -10.261 13.946  1.744   1.00 12.61 ? 382 HOH A O   1 
HETATM 871 O  O   . HOH F 5 .   ? -1.807  8.984   -9.949  1.00 22.34 ? 383 HOH A O   1 
HETATM 872 O  O   . HOH F 5 .   ? -13.147 -10.625 2.106   1.00 21.03 ? 384 HOH A O   1 
HETATM 873 O  O   . HOH F 5 .   ? -1.905  9.567   8.025   1.00 20.60 ? 385 HOH A O   1 
HETATM 874 O  O   . HOH F 5 .   ? 18.870  -7.968  5.611   1.00 26.18 ? 386 HOH A O   1 
HETATM 875 O  O   . HOH F 5 .   ? -15.313 1.454   -15.126 1.00 27.92 ? 387 HOH A O   1 
HETATM 876 O  O   . HOH F 5 .   ? -9.902  6.763   10.939  1.00 18.87 ? 388 HOH A O   1 
# 
loop_
_atom_site_anisotrop.id 
_atom_site_anisotrop.type_symbol 
_atom_site_anisotrop.pdbx_label_atom_id 
_atom_site_anisotrop.pdbx_label_alt_id 
_atom_site_anisotrop.pdbx_label_comp_id 
_atom_site_anisotrop.pdbx_label_asym_id 
_atom_site_anisotrop.pdbx_label_seq_id 
_atom_site_anisotrop.pdbx_PDB_ins_code 
_atom_site_anisotrop.U[1][1] 
_atom_site_anisotrop.U[2][2] 
_atom_site_anisotrop.U[3][3] 
_atom_site_anisotrop.U[1][2] 
_atom_site_anisotrop.U[1][3] 
_atom_site_anisotrop.U[2][3] 
_atom_site_anisotrop.pdbx_auth_seq_id 
_atom_site_anisotrop.pdbx_auth_comp_id 
_atom_site_anisotrop.pdbx_auth_asym_id 
_atom_site_anisotrop.pdbx_auth_atom_id 
1   N  N   . HIS A 1   ? 0.1108 0.1586 0.1101 -0.0077 -0.0003 0.0008  23  HIS A N   
2   C  CA  . HIS A 1   ? 0.1088 0.1508 0.1077 -0.0074 0.0001  0.0011  23  HIS A CA  
3   C  C   . HIS A 1   ? 0.1000 0.1445 0.1011 -0.0047 0.0012  -0.0016 23  HIS A C   
4   O  O   . HIS A 1   ? 0.1088 0.1616 0.1113 -0.0048 0.0016  -0.0035 23  HIS A O   
5   C  CB  . HIS A 1   ? 0.1186 0.1614 0.1155 -0.0116 -0.0008 0.0029  23  HIS A CB  
6   C  CG  . HIS A 1   ? 0.1372 0.1757 0.1318 -0.0144 -0.0027 0.0054  23  HIS A CG  
7   N  ND1 . HIS A 1   ? 0.1549 0.1942 0.1491 -0.0150 -0.0035 0.0061  23  HIS A ND1 
8   C  CD2 . HIS A 1   ? 0.1560 0.1885 0.1489 -0.0164 -0.0044 0.0073  23  HIS A CD2 
9   C  CE1 . HIS A 1   ? 0.1597 0.1939 0.1518 -0.0176 -0.0056 0.0081  23  HIS A CE1 
10  N  NE2 . HIS A 1   ? 0.1592 0.1890 0.1507 -0.0183 -0.0062 0.0089  23  HIS A NE2 
11  N  N   . SER A 2   ? 0.0839 0.1218 0.0856 -0.0022 0.0015  -0.0019 24  SER A N   
12  C  CA  . SER A 2   ? 0.0782 0.1164 0.0818 0.0004  0.0022  -0.0044 24  SER A CA  
13  C  C   . SER A 2   ? 0.0753 0.1120 0.0779 -0.0013 0.0026  -0.0040 24  SER A C   
14  O  O   . SER A 2   ? 0.0804 0.1105 0.0822 -0.0011 0.0025  -0.0029 24  SER A O   
15  C  CB  . SER A 2   ? 0.0769 0.1088 0.0814 0.0035  0.0020  -0.0044 24  SER A CB  
16  O  OG  . SER A 2   ? 0.0793 0.1134 0.0849 0.0051  0.0013  -0.0048 24  SER A OG  
17  N  N   . PHE A 3   ? 0.0712 0.1149 0.0736 -0.0034 0.0028  -0.0047 25  PHE A N   
18  C  CA  . PHE A 3   ? 0.0704 0.1135 0.0716 -0.0054 0.0029  -0.0041 25  PHE A CA  
19  C  C   . PHE A 3   ? 0.0696 0.1117 0.0724 -0.0030 0.0036  -0.0066 25  PHE A C   
20  O  O   . PHE A 3   ? 0.0707 0.1158 0.0759 -0.0002 0.0039  -0.0096 25  PHE A O   
21  C  CB  . PHE A 3   ? 0.0706 0.1224 0.0707 -0.0093 0.0027  -0.0036 25  PHE A CB  
22  C  CG  . PHE A 3   ? 0.0731 0.1247 0.0710 -0.0130 0.0014  -0.0004 25  PHE A CG  
23  C  CD1 . PHE A 3   ? 0.0760 0.1195 0.0719 -0.0146 0.0000  0.0025  25  PHE A CD1 
24  C  CD2 . PHE A 3   ? 0.0728 0.1320 0.0706 -0.0148 0.0012  -0.0003 25  PHE A CD2 
25  C  CE1 . PHE A 3   ? 0.0801 0.1224 0.0741 -0.0179 -0.0019 0.0052  25  PHE A CE1 
26  C  CE2 . PHE A 3   ? 0.0771 0.1351 0.0726 -0.0185 -0.0005 0.0029  25  PHE A CE2 
27  C  CZ  . PHE A 3   ? 0.0803 0.1291 0.0738 -0.0200 -0.0022 0.0056  25  PHE A CZ  
28  N  N   . LEU A 4   ? 0.0693 0.1075 0.0713 -0.0041 0.0036  -0.0057 26  LEU A N   
29  C  CA  . LEU A 4   ? 0.0717 0.1092 0.0750 -0.0022 0.0042  -0.0082 26  LEU A CA  
30  C  C   . LEU A 4   ? 0.0752 0.1224 0.0796 -0.0024 0.0047  -0.0112 26  LEU A C   
31  O  O   . LEU A 4   ? 0.0737 0.1273 0.0766 -0.0059 0.0048  -0.0102 26  LEU A O   
32  C  CB  . LEU A 4   ? 0.0729 0.1060 0.0749 -0.0038 0.0040  -0.0065 26  LEU A CB  
33  C  CG  . LEU A 4   ? 0.0763 0.1075 0.0795 -0.0021 0.0045  -0.0086 26  LEU A CG  
34  C  CD1 . LEU A 4   ? 0.0806 0.1050 0.0852 0.0009  0.0043  -0.0090 26  LEU A CD1 
35  C  CD2 . LEU A 4   ? 0.0791 0.1085 0.0810 -0.0043 0.0042  -0.0071 26  LEU A CD2 
36  N  N   . VAL A 5   ? 0.0782 0.1266 0.0852 0.0011  0.0049  -0.0149 27  VAL A N   
37  C  CA  . VAL A 5   ? 0.0842 0.1424 0.0926 0.0013  0.0054  -0.0189 27  VAL A CA  
38  C  C   . VAL A 5   ? 0.0933 0.1499 0.1029 0.0031  0.0054  -0.0219 27  VAL A C   
39  O  O   . VAL A 5   ? 0.1007 0.1659 0.1109 0.0027  0.0059  -0.0251 27  VAL A O   
40  C  CB  . VAL A 5   ? 0.0840 0.1489 0.0950 0.0040  0.0052  -0.0221 27  VAL A CB  
41  C  CG1 . VAL A 5   ? 0.0821 0.1506 0.0916 0.0015  0.0053  -0.0193 27  VAL A CG1 
42  C  CG2 . VAL A 5   ? 0.0856 0.1436 0.0994 0.0088  0.0041  -0.0240 27  VAL A CG2 
43  N  N   . ASP A 6   ? 0.1026 0.1494 0.1126 0.0049  0.0048  -0.0210 28  ASP A N   
44  C  CA  . ASP A 6   ? 0.1142 0.1586 0.1252 0.0060  0.0046  -0.0233 28  ASP A CA  
45  C  C   . ASP A 6   ? 0.1062 0.1403 0.1161 0.0057  0.0042  -0.0202 28  ASP A C   
46  O  O   . ASP A 6   ? 0.1010 0.1296 0.1105 0.0061  0.0039  -0.0177 28  ASP A O   
47  C  CB  . ASP A 6   ? 0.1406 0.1863 0.1550 0.0103  0.0036  -0.0284 28  ASP A CB  
48  C  CG  . ASP A 6   ? 0.1693 0.2170 0.1847 0.0111  0.0034  -0.0323 28  ASP A CG  
49  O  OD1 . ASP A 6   ? 0.1997 0.2489 0.2131 0.0081  0.0043  -0.0311 28  ASP A OD1 
50  O  OD2 . ASP A 6   ? 0.2345 0.2817 0.2529 0.0149  0.0020  -0.0367 28  ASP A OD2 
51  N  N   . ALA A 7   ? 0.1023 0.1343 0.1117 0.0049  0.0042  -0.0207 29  ALA A N   
52  C  CA  . ALA A 7   ? 0.1022 0.1258 0.1110 0.0044  0.0039  -0.0182 29  ALA A CA  
53  C  C   . ALA A 7   ? 0.1083 0.1301 0.1179 0.0049  0.0034  -0.0204 29  ALA A C   
54  O  O   . ALA A 7   ? 0.1158 0.1438 0.1257 0.0045  0.0038  -0.0231 29  ALA A O   
55  C  CB  . ALA A 7   ? 0.0983 0.1213 0.1048 0.0014  0.0045  -0.0144 29  ALA A CB  
56  N  N   . SER A 8   ? 0.1139 0.1282 0.1239 0.0054  0.0027  -0.0192 30  SER A N   
57  C  CA  . SER A 8   ? 0.1288 0.1400 0.1392 0.0052  0.0021  -0.0205 30  SER A CA  
58  C  C   . SER A 8   ? 0.1292 0.1349 0.1384 0.0033  0.0022  -0.0169 30  SER A C   
59  O  O   . SER A 8   ? 0.1317 0.1329 0.1408 0.0037  0.0018  -0.0148 30  SER A O   
60  C  CB  . SER A 8   ? 0.1422 0.1493 0.1549 0.0081  0.0001  -0.0234 30  SER A CB  
61  O  OG  . SER A 8   ? 0.1752 0.1785 0.1881 0.0075  -0.0007 -0.0243 30  SER A OG  
62  N  N   . PRO A 9   ? 0.1257 0.1324 0.1340 0.0013  0.0029  -0.0161 31  PRO A N   
63  C  CA  . PRO A 9   ? 0.1261 0.1392 0.1339 0.0001  0.0034  -0.0176 31  PRO A CA  
64  C  C   . PRO A 9   ? 0.1305 0.1491 0.1372 -0.0008 0.0041  -0.0166 31  PRO A C   
65  O  O   . PRO A 9   ? 0.1182 0.1349 0.1244 -0.0007 0.0042  -0.0142 31  PRO A O   
66  C  CB  . PRO A 9   ? 0.1292 0.1407 0.1362 -0.0020 0.0037  -0.0156 31  PRO A CB  
67  C  CG  . PRO A 9   ? 0.1296 0.1348 0.1372 -0.0016 0.0031  -0.0142 31  PRO A CG  
68  C  CD  . PRO A 9   ? 0.1279 0.1308 0.1357 -0.0002 0.0030  -0.0132 31  PRO A CD  
69  N  N   . SER A 10  ? 0.1454 0.1712 0.1516 -0.0019 0.0045  -0.0182 32  SER A N   
70  C  CA  . SER A 10  ? 0.1550 0.1855 0.1595 -0.0037 0.0048  -0.0163 32  SER A CA  
71  C  C   . SER A 10  ? 0.1454 0.1776 0.1479 -0.0070 0.0045  -0.0136 32  SER A C   
72  O  O   . SER A 10  ? 0.1410 0.1711 0.1436 -0.0077 0.0043  -0.0134 32  SER A O   
73  C  CB  . SER A 10  ? 0.1687 0.2072 0.1737 -0.0031 0.0052  -0.0192 32  SER A CB  
74  O  OG  . SER A 10  ? 0.1780 0.2225 0.1830 -0.0039 0.0054  -0.0222 32  SER A OG  
75  N  N   . ALA A 11  ? 0.1382 0.1735 0.1391 -0.0091 0.0042  -0.0113 33  ALA A N   
76  C  CA  . ALA A 11  ? 0.1341 0.1696 0.1330 -0.0125 0.0030  -0.0079 33  ALA A CA  
77  C  C   . ALA A 11  ? 0.1382 0.1783 0.1364 -0.0144 0.0029  -0.0090 33  ALA A C   
78  O  O   . ALA A 11  ? 0.1289 0.1765 0.1269 -0.0149 0.0036  -0.0117 33  ALA A O   
79  C  CB  . ALA A 11  ? 0.1385 0.1781 0.1358 -0.0150 0.0023  -0.0057 33  ALA A CB  
80  N  N   . LYS A 12  ? 0.1431 0.1790 0.1410 -0.0152 0.0018  -0.0070 34  LYS A N   
81  C  CA  . LYS A 12  ? 0.1620 0.2008 0.1588 -0.0174 0.0013  -0.0072 34  LYS A CA  
82  C  C   . LYS A 12  ? 0.1612 0.2015 0.1595 -0.0156 0.0024  -0.0113 34  LYS A C   
83  O  O   . LYS A 12  ? 0.1690 0.2129 0.1665 -0.0174 0.0021  -0.0120 34  LYS A O   
84  C  CB  . LYS A 12  ? 0.1768 0.2229 0.1710 -0.0216 0.0002  -0.0053 34  LYS A CB  
85  C  CG  . LYS A 12  ? 0.2025 0.2447 0.1954 -0.0236 -0.0020 -0.0007 34  LYS A CG  
86  C  CD  . LYS A 12  ? 0.2283 0.2763 0.2183 -0.0283 -0.0037 0.0022  34  LYS A CD  
87  C  CE  . LYS A 12  ? 0.2442 0.2858 0.2334 -0.0297 -0.0067 0.0067  34  LYS A CE  
88  N  NZ  . LYS A 12  ? 0.2641 0.3106 0.2501 -0.0349 -0.0087 0.0101  34  LYS A NZ  
89  N  N   . ASP A 13  ? 0.1593 0.1959 0.1596 -0.0123 0.0034  -0.0137 35  ASP A N   
90  C  CA  . ASP A 13  ? 0.1617 0.1978 0.1637 -0.0104 0.0038  -0.0175 35  ASP A CA  
91  C  C   . ASP A 13  ? 0.1528 0.1840 0.1551 -0.0109 0.0033  -0.0162 35  ASP A C   
92  O  O   . ASP A 13  ? 0.1471 0.1737 0.1495 -0.0111 0.0028  -0.0131 35  ASP A O   
93  C  CB  . ASP A 13  ? 0.1786 0.2105 0.1827 -0.0070 0.0041  -0.0198 35  ASP A CB  
94  C  CG  . ASP A 13  ? 0.1962 0.2338 0.2009 -0.0055 0.0047  -0.0228 35  ASP A CG  
95  O  OD1 . ASP A 13  ? 0.2269 0.2733 0.2304 -0.0072 0.0050  -0.0241 35  ASP A OD1 
96  O  OD2 . ASP A 13  ? 0.2160 0.2497 0.2225 -0.0026 0.0044  -0.0242 35  ASP A OD2 
97  N  N   . HIS A 14  ? 0.1503 0.1836 0.1529 -0.0111 0.0032  -0.0190 36  HIS A N   
98  C  CA  . HIS A 14  ? 0.1505 0.1790 0.1540 -0.0111 0.0028  -0.0189 36  HIS A CA  
99  C  C   . HIS A 14  ? 0.1533 0.1781 0.1586 -0.0086 0.0027  -0.0222 36  HIS A C   
100 O  O   . HIS A 14  ? 0.1676 0.1958 0.1734 -0.0074 0.0027  -0.0262 36  HIS A O   
101 C  CB  . HIS A 14  ? 0.1548 0.1880 0.1572 -0.0134 0.0023  -0.0196 36  HIS A CB  
102 C  CG  . HIS A 14  ? 0.1581 0.1933 0.1588 -0.0160 0.0015  -0.0157 36  HIS A CG  
103 N  ND1 . HIS A 14  ? 0.1644 0.1973 0.1652 -0.0172 0.0004  -0.0136 36  HIS A ND1 
104 C  CD2 . HIS A 14  ? 0.1659 0.2046 0.1648 -0.0178 0.0010  -0.0134 36  HIS A CD2 
105 C  CE1 . HIS A 14  ? 0.1716 0.2061 0.1710 -0.0193 -0.0009 -0.0102 36  HIS A CE1 
106 N  NE2 . HIS A 14  ? 0.1740 0.2116 0.1721 -0.0199 -0.0006 -0.0098 36  HIS A NE2 
107 N  N   . VAL A 15  ? 0.1450 0.1630 0.1514 -0.0080 0.0024  -0.0207 37  VAL A N   
108 C  CA  . VAL A 15  ? 0.1472 0.1600 0.1550 -0.0063 0.0016  -0.0228 37  VAL A CA  
109 C  C   . VAL A 15  ? 0.1446 0.1549 0.1528 -0.0078 0.0009  -0.0227 37  VAL A C   
110 O  O   . VAL A 15  ? 0.1454 0.1564 0.1531 -0.0095 0.0012  -0.0200 37  VAL A O   
111 C  CB  . VAL A 15  ? 0.1478 0.1555 0.1564 -0.0048 0.0015  -0.0210 37  VAL A CB  
112 C  CG1 . VAL A 15  ? 0.1493 0.1602 0.1577 -0.0033 0.0020  -0.0216 37  VAL A CG1 
113 C  CG2 . VAL A 15  ? 0.1406 0.1457 0.1488 -0.0062 0.0020  -0.0169 37  VAL A CG2 
114 N  N   . ALA A 16  ? 0.1511 0.1585 0.1604 -0.0069 -0.0003 -0.0257 38  ALA A N   
115 C  CA  . ALA A 16  ? 0.1561 0.1614 0.1657 -0.0085 -0.0012 -0.0262 38  ALA A CA  
116 C  C   . ALA A 16  ? 0.1524 0.1518 0.1624 -0.0098 -0.0018 -0.0231 38  ALA A C   
117 O  O   . ALA A 16  ? 0.1679 0.1662 0.1781 -0.0117 -0.0025 -0.0227 38  ALA A O   
118 C  CB  . ALA A 16  ? 0.1636 0.1680 0.1740 -0.0072 -0.0026 -0.0312 38  ALA A CB  
119 N  N   . ALA A 17  ? 0.1461 0.1422 0.1562 -0.0089 -0.0016 -0.0210 39  ALA A N   
120 C  CA  . ALA A 17  ? 0.1415 0.1332 0.1518 -0.0103 -0.0021 -0.0179 39  ALA A CA  
121 C  C   . ALA A 17  ? 0.1359 0.1274 0.1458 -0.0096 -0.0011 -0.0153 39  ALA A C   
122 O  O   . ALA A 17  ? 0.1303 0.1238 0.1400 -0.0076 -0.0005 -0.0162 39  ALA A O   
123 C  CB  . ALA A 17  ? 0.1515 0.1366 0.1624 -0.0104 -0.0045 -0.0191 39  ALA A CB  
124 N  N   . SER A 18  ? 0.1317 0.1216 0.1415 -0.0112 -0.0009 -0.0123 40  SER A N   
125 C  CA  . SER A 18  ? 0.1286 0.1189 0.1380 -0.0106 0.0001  -0.0100 40  SER A CA  
126 C  C   . SER A 18  ? 0.1327 0.1193 0.1419 -0.0086 -0.0009 -0.0107 40  SER A C   
127 O  O   . SER A 18  ? 0.1399 0.1214 0.1493 -0.0089 -0.0030 -0.0113 40  SER A O   
128 C  CB  . SER A 18  ? 0.1299 0.1199 0.1391 -0.0129 0.0002  -0.0072 40  SER A CB  
129 O  OG  . SER A 18  ? 0.1282 0.1196 0.1369 -0.0122 0.0013  -0.0055 40  SER A OG  
130 N  N   . PRO A 19  ? 0.1380 0.1266 0.1469 -0.0068 0.0000  -0.0106 41  PRO A N   
131 C  CA  . PRO A 19  ? 0.1462 0.1318 0.1554 -0.0047 -0.0011 -0.0114 41  PRO A CA  
132 C  C   . PRO A 19  ? 0.1516 0.1331 0.1601 -0.0058 -0.0020 -0.0085 41  PRO A C   
133 O  O   . PRO A 19  ? 0.1596 0.1431 0.1673 -0.0073 -0.0006 -0.0059 41  PRO A O   
134 C  CB  . PRO A 19  ? 0.1450 0.1350 0.1537 -0.0033 0.0005  -0.0116 41  PRO A CB  
135 C  CG  . PRO A 19  ? 0.1413 0.1344 0.1494 -0.0048 0.0020  -0.0096 41  PRO A CG  
136 C  CD  . PRO A 19  ? 0.1358 0.1293 0.1444 -0.0065 0.0017  -0.0098 41  PRO A CD  
137 N  N   . LYS A 20  ? 0.1628 0.1389 0.1718 -0.0053 -0.0042 -0.0088 42  LYS A N   
138 C  CA  . LYS A 20  ? 0.1765 0.1487 0.1845 -0.0069 -0.0055 -0.0054 42  LYS A CA  
139 C  C   . LYS A 20  ? 0.1623 0.1369 0.1697 -0.0057 -0.0041 -0.0039 42  LYS A C   
140 O  O   . LYS A 20  ? 0.1608 0.1359 0.1668 -0.0076 -0.0037 -0.0009 42  LYS A O   
141 C  CB  . LYS A 20  ? 0.2042 0.1690 0.2128 -0.0064 -0.0092 -0.0059 42  LYS A CB  
142 C  CG  . LYS A 20  ? 0.2379 0.1994 0.2472 -0.0080 -0.0110 -0.0070 42  LYS A CG  
143 C  CD  . LYS A 20  ? 0.2850 0.2377 0.2948 -0.0078 -0.0155 -0.0071 42  LYS A CD  
144 C  CE  . LYS A 20  ? 0.3191 0.2679 0.3295 -0.0095 -0.0178 -0.0083 42  LYS A CE  
145 N  NZ  . LYS A 20  ? 0.3543 0.2935 0.3644 -0.0114 -0.0227 -0.0063 42  LYS A NZ  
146 N  N   . LEU A 21  ? 0.1612 0.1381 0.1693 -0.0029 -0.0034 -0.0063 43  LEU A N   
147 C  CA  . LEU A 21  ? 0.1601 0.1399 0.1676 -0.0019 -0.0021 -0.0051 43  LEU A CA  
148 C  C   . LEU A 21  ? 0.1419 0.1267 0.1498 0.0000  -0.0007 -0.0074 43  LEU A C   
149 O  O   . LEU A 21  ? 0.1403 0.1267 0.1491 0.0008  -0.0006 -0.0103 43  LEU A O   
150 C  CB  . LEU A 21  ? 0.1875 0.1632 0.1948 -0.0011 -0.0041 -0.0039 43  LEU A CB  
151 C  CG  . LEU A 21  ? 0.2028 0.1749 0.2119 0.0015  -0.0067 -0.0066 43  LEU A CG  
152 C  CD1 . LEU A 21  ? 0.2118 0.1889 0.2219 0.0043  -0.0055 -0.0099 43  LEU A CD1 
153 C  CD2 . LEU A 21  ? 0.2216 0.1881 0.2307 0.0022  -0.0097 -0.0049 43  LEU A CD2 
154 N  N   . VAL A 22  ? 0.1269 0.1145 0.1339 0.0001  0.0007  -0.0061 44  VAL A N   
155 C  CA  . VAL A 22  ? 0.1214 0.1134 0.1287 0.0012  0.0017  -0.0075 44  VAL A CA  
156 C  C   . VAL A 22  ? 0.1161 0.1075 0.1237 0.0032  0.0008  -0.0080 44  VAL A C   
157 O  O   . VAL A 22  ? 0.1098 0.0986 0.1167 0.0030  0.0004  -0.0059 44  VAL A O   
158 C  CB  . VAL A 22  ? 0.1239 0.1187 0.1300 0.0001  0.0032  -0.0057 44  VAL A CB  
159 C  CG1 . VAL A 22  ? 0.1263 0.1250 0.1322 0.0007  0.0037  -0.0063 44  VAL A CG1 
160 C  CG2 . VAL A 22  ? 0.1266 0.1225 0.1327 -0.0013 0.0037  -0.0055 44  VAL A CG2 
161 N  N   . LYS A 23  ? 0.1146 0.1089 0.1235 0.0050  0.0006  -0.0108 45  LYS A N   
162 C  CA  . LYS A 23  ? 0.1228 0.1178 0.1328 0.0073  -0.0004 -0.0120 45  LYS A CA  
163 C  C   . LYS A 23  ? 0.1111 0.1126 0.1206 0.0073  0.0011  -0.0127 45  LYS A C   
164 O  O   . LYS A 23  ? 0.1100 0.1165 0.1197 0.0069  0.0018  -0.0146 45  LYS A O   
165 C  CB  . LYS A 23  ? 0.1486 0.1425 0.1608 0.0098  -0.0024 -0.0157 45  LYS A CB  
166 C  CG  . LYS A 23  ? 0.1859 0.1726 0.1985 0.0096  -0.0046 -0.0153 45  LYS A CG  
167 C  CD  . LYS A 23  ? 0.2228 0.2069 0.2379 0.0126  -0.0074 -0.0192 45  LYS A CD  
168 C  CE  . LYS A 23  ? 0.2565 0.2364 0.2723 0.0119  -0.0088 -0.0205 45  LYS A CE  
169 N  NZ  . LYS A 23  ? 0.2903 0.2625 0.3078 0.0139  -0.0131 -0.0217 45  LYS A NZ  
170 N  N   . LEU A 24  ? 0.0982 0.1005 0.1072 0.0075  0.0012  -0.0111 46  LEU A N   
171 C  CA  . LEU A 24  ? 0.0936 0.1022 0.1021 0.0071  0.0023  -0.0114 46  LEU A CA  
172 C  C   . LEU A 24  ? 0.0950 0.1058 0.1050 0.0095  0.0014  -0.0130 46  LEU A C   
173 O  O   . LEU A 24  ? 0.0988 0.1050 0.1092 0.0107  0.0001  -0.0119 46  LEU A O   
174 C  CB  . LEU A 24  ? 0.0888 0.0965 0.0954 0.0052  0.0030  -0.0082 46  LEU A CB  
175 C  CG  . LEU A 24  ? 0.0874 0.0930 0.0928 0.0032  0.0037  -0.0066 46  LEU A CG  
176 C  CD1 . LEU A 24  ? 0.0861 0.0914 0.0899 0.0020  0.0040  -0.0044 46  LEU A CD1 
177 C  CD2 . LEU A 24  ? 0.0868 0.0958 0.0923 0.0021  0.0040  -0.0079 46  LEU A CD2 
178 N  N   . ARG A 25  ? 0.0911 0.1093 0.1019 0.0098  0.0019  -0.0153 47  ARG A N   
179 C  CA  . ARG A 25  ? 0.0969 0.1190 0.1094 0.0120  0.0012  -0.0171 47  ARG A CA  
180 C  C   . ARG A 25  ? 0.0861 0.1149 0.0972 0.0098  0.0024  -0.0160 47  ARG A C   
181 O  O   . ARG A 25  ? 0.0822 0.1155 0.0920 0.0073  0.0035  -0.0158 47  ARG A O   
182 C  CB  . ARG A 25  ? 0.1145 0.1407 0.1301 0.0149  0.0003  -0.0220 47  ARG A CB  
183 C  CG  . ARG A 25  ? 0.1381 0.1696 0.1561 0.0176  -0.0006 -0.0246 47  ARG A CG  
184 C  CD  . ARG A 25  ? 0.1668 0.2000 0.1885 0.0217  -0.0025 -0.0300 47  ARG A CD  
185 N  NE  . ARG A 25  ? 0.2007 0.2412 0.2228 0.0212  -0.0013 -0.0336 47  ARG A NE  
186 C  CZ  . ARG A 25  ? 0.2244 0.2769 0.2473 0.0207  0.0000  -0.0365 47  ARG A CZ  
187 N  NH1 . ARG A 25  ? 0.2364 0.2949 0.2597 0.0207  0.0004  -0.0361 47  ARG A NH1 
188 N  NH2 . ARG A 25  ? 0.2514 0.3107 0.2743 0.0199  0.0010  -0.0398 47  ARG A NH2 
189 N  N   . PHE A 26  ? 0.0800 0.1093 0.0912 0.0104  0.0020  -0.0149 48  PHE A N   
190 C  CA  . PHE A 26  ? 0.0759 0.1102 0.0856 0.0080  0.0028  -0.0132 48  PHE A CA  
191 C  C   . PHE A 26  ? 0.0742 0.1169 0.0861 0.0096  0.0025  -0.0160 48  PHE A C   
192 O  O   . PHE A 26  ? 0.0792 0.1222 0.0939 0.0131  0.0014  -0.0190 48  PHE A O   
193 C  CB  . PHE A 26  ? 0.0750 0.1033 0.0829 0.0071  0.0025  -0.0096 48  PHE A CB  
194 C  CG  . PHE A 26  ? 0.0739 0.0958 0.0801 0.0056  0.0029  -0.0074 48  PHE A CG  
195 C  CD1 . PHE A 26  ? 0.0763 0.0920 0.0830 0.0070  0.0024  -0.0072 48  PHE A CD1 
196 C  CD2 . PHE A 26  ? 0.0730 0.0951 0.0771 0.0028  0.0033  -0.0057 48  PHE A CD2 
197 C  CE1 . PHE A 26  ? 0.0773 0.0886 0.0826 0.0057  0.0028  -0.0055 48  PHE A CE1 
198 C  CE2 . PHE A 26  ? 0.0729 0.0900 0.0761 0.0020  0.0035  -0.0043 48  PHE A CE2 
199 C  CZ  . PHE A 26  ? 0.0750 0.0873 0.0788 0.0034  0.0034  -0.0044 48  PHE A CZ  
200 N  N   . GLY A 27  ? 0.0740 0.1230 0.0846 0.0068  0.0032  -0.0147 49  GLY A N   
201 C  CA  . GLY A 27  ? 0.0760 0.1344 0.0883 0.0076  0.0031  -0.0172 49  GLY A CA  
202 C  C   . GLY A 27  ? 0.0781 0.1352 0.0915 0.0097  0.0021  -0.0167 49  GLY A C   
203 O  O   . GLY A 27  ? 0.0924 0.1581 0.1082 0.0108  0.0018  -0.0191 49  GLY A O   
204 N  N   . GLY A 28  ? 0.0763 0.1242 0.0884 0.0099  0.0015  -0.0138 50  GLY A N   
205 C  CA  . GLY A 28  ? 0.0771 0.1227 0.0900 0.0117  0.0004  -0.0128 50  GLY A CA  
206 C  C   . GLY A 28  ? 0.0776 0.1128 0.0895 0.0126  -0.0004 -0.0106 50  GLY A C   
207 O  O   . GLY A 28  ? 0.0781 0.1083 0.0888 0.0118  0.0000  -0.0100 50  GLY A O   
208 N  N   . GLY A 29  ? 0.0763 0.1081 0.0881 0.0139  -0.0017 -0.0093 51  GLY A N   
209 C  CA  . GLY A 29  ? 0.0783 0.1013 0.0889 0.0142  -0.0025 -0.0069 51  GLY A CA  
210 C  C   . GLY A 29  ? 0.0765 0.0961 0.0839 0.0110  -0.0012 -0.0041 51  GLY A C   
211 O  O   . GLY A 29  ? 0.0716 0.0940 0.0774 0.0087  -0.0002 -0.0033 51  GLY A O   
212 N  N   . VAL A 30  ? 0.0796 0.0929 0.0860 0.0107  -0.0014 -0.0028 52  VAL A N   
213 C  CA  . VAL A 30  ? 0.0831 0.0932 0.0868 0.0084  -0.0003 -0.0005 52  VAL A CA  
214 C  C   . VAL A 30  ? 0.0899 0.0953 0.0926 0.0084  -0.0013 0.0014  52  VAL A C   
215 O  O   . VAL A 30  ? 0.1010 0.1037 0.1049 0.0101  -0.0030 0.0014  52  VAL A O   
216 C  CB  . VAL A 30  ? 0.0813 0.0905 0.0847 0.0072  0.0008  -0.0011 52  VAL A CB  
217 C  CG1 . VAL A 30  ? 0.0800 0.0943 0.0837 0.0062  0.0016  -0.0023 52  VAL A CG1 
218 C  CG2 . VAL A 30  ? 0.0843 0.0904 0.0892 0.0085  0.0001  -0.0021 52  VAL A CG2 
219 N  N   . GLU A 31  ? 0.0939 0.0983 0.0943 0.0065  -0.0005 0.0031  53  GLU A N   
220 C  CA  . GLU A 31  ? 0.1020 0.1034 0.1008 0.0059  -0.0012 0.0053  53  GLU A CA  
221 C  C   . GLU A 31  ? 0.0928 0.0917 0.0908 0.0045  -0.0005 0.0058  53  GLU A C   
222 O  O   . GLU A 31  ? 0.0854 0.0856 0.0825 0.0033  0.0009  0.0056  53  GLU A O   
223 C  CB  . GLU A 31  ? 0.1182 0.1217 0.1150 0.0047  -0.0006 0.0061  53  GLU A CB  
224 C  CG  . GLU A 31  ? 0.1417 0.1480 0.1389 0.0055  -0.0014 0.0059  53  GLU A CG  
225 C  CD  . GLU A 31  ? 0.1703 0.1776 0.1652 0.0041  -0.0015 0.0072  53  GLU A CD  
226 O  OE1 . GLU A 31  ? 0.2117 0.2179 0.2046 0.0027  -0.0009 0.0080  53  GLU A OE1 
227 O  OE2 . GLU A 31  ? 0.2228 0.2326 0.2177 0.0044  -0.0021 0.0072  53  GLU A OE2 
228 N  N   . PRO A 32  ? 0.0932 0.0887 0.0918 0.0048  -0.0017 0.0066  54  PRO A N   
229 C  CA  . PRO A 32  ? 0.0904 0.0842 0.0884 0.0032  -0.0010 0.0071  54  PRO A CA  
230 C  C   . PRO A 32  ? 0.0867 0.0820 0.0822 0.0008  0.0001  0.0085  54  PRO A C   
231 O  O   . PRO A 32  ? 0.0897 0.0862 0.0852 -0.0001 0.0016  0.0078  54  PRO A O   
232 C  CB  . PRO A 32  ? 0.0978 0.0870 0.0965 0.0034  -0.0033 0.0082  54  PRO A CB  
233 C  CG  . PRO A 32  ? 0.1062 0.0945 0.1062 0.0056  -0.0053 0.0078  54  PRO A CG  
234 C  CD  . PRO A 32  ? 0.0978 0.0906 0.0980 0.0065  -0.0042 0.0068  54  PRO A CD  
235 N  N   . ALA A 33  ? 0.0831 0.0792 0.0771 -0.0001 -0.0004 0.0102  55  ALA A N   
236 C  CA  . ALA A 33  ? 0.0828 0.0818 0.0745 -0.0022 0.0007  0.0110  55  ALA A CA  
237 C  C   . ALA A 33  ? 0.0786 0.0811 0.0705 -0.0017 0.0024  0.0087  55  ALA A C   
238 O  O   . ALA A 33  ? 0.0782 0.0836 0.0691 -0.0029 0.0035  0.0082  55  ALA A O   
239 C  CB  . ALA A 33  ? 0.0877 0.0873 0.0774 -0.0034 -0.0006 0.0134  55  ALA A CB  
240 N  N   . TYR A 34  ? 0.0735 0.0758 0.0666 0.0000  0.0023  0.0072  56  TYR A N   
241 C  CA  . TYR A 34  ? 0.0712 0.0752 0.0643 0.0003  0.0031  0.0054  56  TYR A CA  
242 C  C   . TYR A 34  ? 0.0704 0.0736 0.0654 0.0010  0.0033  0.0041  56  TYR A C   
243 O  O   . TYR A 34  ? 0.0722 0.0760 0.0674 0.0012  0.0031  0.0030  56  TYR A O   
244 C  CB  . TYR A 34  ? 0.0708 0.0762 0.0632 0.0006  0.0025  0.0053  56  TYR A CB  
245 C  CG  . TYR A 34  ? 0.0696 0.0767 0.0600 -0.0003 0.0024  0.0063  56  TYR A CG  
246 C  CD1 . TYR A 34  ? 0.0686 0.0784 0.0581 -0.0010 0.0031  0.0048  56  TYR A CD1 
247 C  CD2 . TYR A 34  ? 0.0704 0.0771 0.0599 -0.0006 0.0013  0.0084  56  TYR A CD2 
248 C  CE1 . TYR A 34  ? 0.0702 0.0828 0.0575 -0.0021 0.0031  0.0054  56  TYR A CE1 
249 C  CE2 . TYR A 34  ? 0.0724 0.0812 0.0599 -0.0021 0.0011  0.0097  56  TYR A CE2 
250 C  CZ  . TYR A 34  ? 0.0734 0.0857 0.0596 -0.0028 0.0023  0.0081  56  TYR A CZ  
251 O  OH  . TYR A 34  ? 0.0813 0.0970 0.0651 -0.0045 0.0021  0.0090  56  TYR A OH  
252 N  N   . SER A 35  ? 0.0719 0.0735 0.0676 0.0010  0.0035  0.0042  57  SER A N   
253 C  CA  . SER A 35  ? 0.0758 0.0769 0.0730 0.0014  0.0037  0.0030  57  SER A CA  
254 C  C   . SER A 35  ? 0.0758 0.0767 0.0734 0.0006  0.0044  0.0027  57  SER A C   
255 O  O   . SER A 35  ? 0.0853 0.0859 0.0824 -0.0002 0.0045  0.0037  57  SER A O   
256 C  CB  . SER A 35  ? 0.0797 0.0802 0.0782 0.0024  0.0031  0.0029  57  SER A CB  
257 O  OG  . SER A 35  ? 0.0874 0.0895 0.0858 0.0031  0.0025  0.0027  57  SER A OG  
258 N  N   . SER A 36  ? 0.0727 0.0737 0.0712 0.0008  0.0045  0.0017  58  SER A N   
259 C  CA  . SER A 36  ? 0.0741 0.0753 0.0733 0.0003  0.0050  0.0010  58  SER A CA  
260 C  C   . SER A 36  ? 0.0708 0.0713 0.0711 0.0003  0.0048  0.0005  58  SER A C   
261 O  O   . SER A 36  ? 0.0765 0.0772 0.0768 0.0005  0.0042  0.0002  58  SER A O   
262 C  CB  . SER A 36  ? 0.0755 0.0781 0.0748 0.0005  0.0048  -0.0002 58  SER A CB  
263 O  OG  . SER A 36  ? 0.0785 0.0821 0.0788 0.0003  0.0051  -0.0012 58  SER A OG  
264 N  N   . ILE A 37  ? 0.0673 0.0672 0.0682 -0.0001 0.0052  0.0005  59  ILE A N   
265 C  CA  . ILE A 37  ? 0.0666 0.0663 0.0685 -0.0003 0.0051  -0.0002 59  ILE A CA  
266 C  C   . ILE A 37  ? 0.0666 0.0671 0.0691 -0.0009 0.0055  -0.0005 59  ILE A C   
267 O  O   . ILE A 37  ? 0.0717 0.0726 0.0740 -0.0016 0.0060  0.0000  59  ILE A O   
268 C  CB  . ILE A 37  ? 0.0691 0.0674 0.0714 -0.0001 0.0049  -0.0003 59  ILE A CB  
269 C  CG1 . ILE A 37  ? 0.0725 0.0705 0.0746 0.0009  0.0044  -0.0003 59  ILE A CG1 
270 C  CG2 . ILE A 37  ? 0.0691 0.0678 0.0722 -0.0003 0.0048  -0.0013 59  ILE A CG2 
271 C  CD1 . ILE A 37  ? 0.0794 0.0755 0.0823 0.0018  0.0036  -0.0009 59  ILE A CD1 
272 N  N   . SER A 38  ? 0.0666 0.0676 0.0700 -0.0009 0.0049  -0.0012 60  SER A N   
273 C  CA  . SER A 38  ? 0.0683 0.0705 0.0727 -0.0011 0.0051  -0.0019 60  SER A CA  
274 C  C   . SER A 38  ? 0.0686 0.0705 0.0738 -0.0016 0.0047  -0.0022 60  SER A C   
275 O  O   . SER A 38  ? 0.0707 0.0722 0.0756 -0.0016 0.0041  -0.0021 60  SER A O   
276 C  CB  . SER A 38  ? 0.0701 0.0735 0.0753 -0.0002 0.0043  -0.0030 60  SER A CB  
277 O  OG  . SER A 38  ? 0.0782 0.0824 0.0828 0.0003  0.0046  -0.0032 60  SER A OG  
278 N  N   . ILE A 39  ? 0.0700 0.0730 0.0762 -0.0022 0.0052  -0.0025 61  ILE A N   
279 C  CA  . ILE A 39  ? 0.0744 0.0776 0.0813 -0.0027 0.0046  -0.0028 61  ILE A CA  
280 C  C   . ILE A 39  ? 0.0735 0.0787 0.0820 -0.0022 0.0040  -0.0037 61  ILE A C   
281 O  O   . ILE A 39  ? 0.0747 0.0822 0.0841 -0.0022 0.0046  -0.0043 61  ILE A O   
282 C  CB  . ILE A 39  ? 0.0771 0.0798 0.0842 -0.0038 0.0052  -0.0028 61  ILE A CB  
283 C  CG1 . ILE A 39  ? 0.0812 0.0814 0.0872 -0.0037 0.0052  -0.0025 61  ILE A CG1 
284 C  CG2 . ILE A 39  ? 0.0794 0.0828 0.0874 -0.0045 0.0047  -0.0033 61  ILE A CG2 
285 C  CD1 . ILE A 39  ? 0.0874 0.0858 0.0935 -0.0047 0.0052  -0.0025 61  ILE A CD1 
286 N  N   . LEU A 40  ? 0.0766 0.0813 0.0856 -0.0020 0.0025  -0.0037 62  LEU A N   
287 C  CA  . LEU A 40  ? 0.0827 0.0885 0.0935 -0.0012 0.0010  -0.0046 62  LEU A CA  
288 C  C   . LEU A 40  ? 0.0849 0.0915 0.0964 -0.0021 0.0006  -0.0045 62  LEU A C   
289 O  O   . LEU A 40  ? 0.0862 0.0918 0.0964 -0.0033 0.0006  -0.0036 62  LEU A O   
290 C  CB  . LEU A 40  ? 0.0875 0.0912 0.0981 -0.0005 -0.0014 -0.0043 62  LEU A CB  
291 C  CG  . LEU A 40  ? 0.0943 0.0967 0.1039 0.0002  -0.0014 -0.0043 62  LEU A CG  
292 C  CD1 . LEU A 40  ? 0.0986 0.0984 0.1082 0.0005  -0.0044 -0.0038 62  LEU A CD1 
293 C  CD2 . LEU A 40  ? 0.0978 0.1026 0.1085 0.0015  -0.0003 -0.0060 62  LEU A CD2 
294 N  N   . ASP A 41  ? 0.0890 0.0979 0.1025 -0.0017 0.0002  -0.0056 63  ASP A N   
295 C  CA  . ASP A 41  ? 0.0972 0.1070 0.1115 -0.0026 -0.0005 -0.0055 63  ASP A CA  
296 C  C   . ASP A 41  ? 0.1035 0.1118 0.1182 -0.0023 -0.0034 -0.0049 63  ASP A C   
297 O  O   . ASP A 41  ? 0.1007 0.1068 0.1149 -0.0015 -0.0048 -0.0045 63  ASP A O   
298 C  CB  . ASP A 41  ? 0.1046 0.1184 0.1212 -0.0026 0.0004  -0.0068 63  ASP A CB  
299 C  CG  . ASP A 41  ? 0.1124 0.1290 0.1318 -0.0006 -0.0011 -0.0086 63  ASP A CG  
300 O  OD1 . ASP A 41  ? 0.1144 0.1289 0.1343 0.0010  -0.0033 -0.0088 63  ASP A OD1 
301 O  OD2 . ASP A 41  ? 0.1417 0.1632 0.1632 -0.0005 -0.0002 -0.0100 63  ASP A OD2 
302 N  N   . SER A 42  ? 0.1139 0.1233 0.1294 -0.0031 -0.0044 -0.0047 64  SER A N   
303 C  CA  . SER A 42  ? 0.1252 0.1328 0.1404 -0.0035 -0.0075 -0.0035 64  SER A CA  
304 C  C   . SER A 42  ? 0.1316 0.1382 0.1491 -0.0013 -0.0105 -0.0043 64  SER A C   
305 O  O   . SER A 42  ? 0.1259 0.1300 0.1432 -0.0018 -0.0139 -0.0028 64  SER A O   
306 C  CB  . SER A 42  ? 0.1348 0.1443 0.1500 -0.0052 -0.0078 -0.0031 64  SER A CB  
307 O  OG  . SER A 42  ? 0.1494 0.1616 0.1675 -0.0042 -0.0079 -0.0044 64  SER A OG  
308 N  N   . THR A 43  ? 0.1422 0.1510 0.1623 0.0009  -0.0097 -0.0066 65  THR A N   
309 C  CA  . THR A 43  ? 0.1577 0.1658 0.1804 0.0038  -0.0127 -0.0085 65  THR A CA  
310 C  C   . THR A 43  ? 0.1474 0.1533 0.1693 0.0049  -0.0125 -0.0090 65  THR A C   
311 O  O   . THR A 43  ? 0.1568 0.1614 0.1805 0.0073  -0.0152 -0.0108 65  THR A O   
312 C  CB  . THR A 43  ? 0.1751 0.1886 0.2017 0.0059  -0.0122 -0.0115 65  THR A CB  
313 O  OG1 . THR A 43  ? 0.2070 0.2246 0.2336 0.0060  -0.0086 -0.0130 65  THR A OG1 
314 C  CG2 . THR A 43  ? 0.1879 0.2041 0.2154 0.0045  -0.0119 -0.0110 65  THR A CG2 
315 N  N   . GLY A 44  ? 0.1297 0.1353 0.1488 0.0033  -0.0096 -0.0077 66  GLY A N   
316 C  CA  . GLY A 44  ? 0.1247 0.1288 0.1426 0.0038  -0.0091 -0.0080 66  GLY A CA  
317 C  C   . GLY A 44  ? 0.1177 0.1261 0.1367 0.0052  -0.0064 -0.0104 66  GLY A C   
318 O  O   . GLY A 44  ? 0.1284 0.1362 0.1467 0.0059  -0.0061 -0.0110 66  GLY A O   
319 N  N   . LYS A 45  ? 0.1171 0.1301 0.1376 0.0049  -0.0046 -0.0113 67  LYS A N   
320 C  CA  . LYS A 45  ? 0.1191 0.1372 0.1400 0.0050  -0.0020 -0.0129 67  LYS A CA  
321 C  C   . LYS A 45  ? 0.1043 0.1210 0.1220 0.0029  0.0006  -0.0108 67  LYS A C   
322 O  O   . LYS A 45  ? 0.0915 0.1057 0.1075 0.0010  0.0012  -0.0087 67  LYS A O   
323 C  CB  . LYS A 45  ? 0.1428 0.1664 0.1659 0.0044  -0.0009 -0.0141 67  LYS A CB  
324 C  CG  . LYS A 45  ? 0.1744 0.2046 0.1980 0.0040  0.0015  -0.0156 67  LYS A CG  
325 C  CD  . LYS A 45  ? 0.2098 0.2467 0.2359 0.0035  0.0019  -0.0170 67  LYS A CD  
326 C  CE  . LYS A 45  ? 0.2395 0.2847 0.2661 0.0027  0.0042  -0.0187 67  LYS A CE  
327 N  NZ  . LYS A 45  ? 0.2663 0.3102 0.2892 -0.0007 0.0065  -0.0156 67  LYS A NZ  
328 N  N   . LEU A 46  ? 0.0958 0.1144 0.1129 0.0032  0.0017  -0.0116 68  LEU A N   
329 C  CA  . LEU A 46  ? 0.0967 0.1143 0.1111 0.0014  0.0037  -0.0096 68  LEU A CA  
330 C  C   . LEU A 46  ? 0.0940 0.1141 0.1079 -0.0009 0.0055  -0.0086 68  LEU A C   
331 O  O   . LEU A 46  ? 0.1020 0.1278 0.1172 -0.0014 0.0063  -0.0098 68  LEU A O   
332 C  CB  . LEU A 46  ? 0.1017 0.1210 0.1154 0.0023  0.0042  -0.0108 68  LEU A CB  
333 C  CG  . LEU A 46  ? 0.1030 0.1212 0.1140 0.0005  0.0058  -0.0086 68  LEU A CG  
334 C  CD1 . LEU A 46  ? 0.1052 0.1177 0.1144 0.0003  0.0052  -0.0066 68  LEU A CD1 
335 C  CD2 . LEU A 46  ? 0.1071 0.1287 0.1176 0.0013  0.0063  -0.0101 68  LEU A CD2 
336 N  N   . VAL A 47  ? 0.0874 0.1035 0.0997 -0.0024 0.0058  -0.0065 69  VAL A N   
337 C  CA  . VAL A 47  ? 0.0887 0.1058 0.1004 -0.0049 0.0069  -0.0052 69  VAL A CA  
338 C  C   . VAL A 47  ? 0.0911 0.1079 0.1008 -0.0063 0.0079  -0.0037 69  VAL A C   
339 O  O   . VAL A 47  ? 0.0993 0.1195 0.1087 -0.0085 0.0086  -0.0030 69  VAL A O   
340 C  CB  . VAL A 47  ? 0.0905 0.1033 0.1016 -0.0055 0.0063  -0.0043 69  VAL A CB  
341 C  CG1 . VAL A 47  ? 0.0942 0.1067 0.1047 -0.0080 0.0068  -0.0031 69  VAL A CG1 
342 C  CG2 . VAL A 47  ? 0.0897 0.1034 0.1027 -0.0047 0.0052  -0.0054 69  VAL A CG2 
343 N  N   . VAL A 48  ? 0.0862 0.0989 0.0942 -0.0055 0.0075  -0.0029 70  VAL A N   
344 C  CA  . VAL A 48  ? 0.0899 0.1015 0.0961 -0.0067 0.0079  -0.0012 70  VAL A CA  
345 C  C   . VAL A 48  ? 0.0833 0.0923 0.0885 -0.0049 0.0075  -0.0012 70  VAL A C   
346 O  O   . VAL A 48  ? 0.0827 0.0896 0.0884 -0.0035 0.0068  -0.0019 70  VAL A O   
347 C  CB  . VAL A 48  ? 0.0983 0.1060 0.1034 -0.0085 0.0074  0.0007  70  VAL A CB  
348 C  CG1 . VAL A 48  ? 0.1026 0.1059 0.1080 -0.0072 0.0066  0.0002  70  VAL A CG1 
349 C  CG2 . VAL A 48  ? 0.1066 0.1130 0.1098 -0.0100 0.0072  0.0027  70  VAL A CG2 
350 N  N   . GLU A 49  ? 0.0829 0.0930 0.0868 -0.0053 0.0079  -0.0005 71  GLU A N   
351 C  CA  . GLU A 49  ? 0.0845 0.0923 0.0873 -0.0040 0.0075  -0.0002 71  GLU A CA  
352 C  C   . GLU A 49  ? 0.0878 0.0939 0.0889 -0.0054 0.0073  0.0019  71  GLU A C   
353 O  O   . GLU A 49  ? 0.0928 0.1007 0.0929 -0.0075 0.0075  0.0033  71  GLU A O   
354 C  CB  . GLU A 49  ? 0.0879 0.0989 0.0910 -0.0028 0.0077  -0.0019 71  GLU A CB  
355 C  CG  . GLU A 49  ? 0.0915 0.1003 0.0935 -0.0017 0.0070  -0.0017 71  GLU A CG  
356 C  CD  . GLU A 49  ? 0.0952 0.1042 0.0953 -0.0026 0.0073  -0.0002 71  GLU A CD  
357 O  OE1 . GLU A 49  ? 0.1086 0.1203 0.1077 -0.0043 0.0079  0.0007  71  GLU A OE1 
358 O  OE2 . GLU A 49  ? 0.0954 0.1019 0.0947 -0.0018 0.0067  0.0005  71  GLU A OE2 
359 N  N   . GLY A 50  ? 0.0857 0.0884 0.0860 -0.0042 0.0066  0.0025  72  GLY A N   
360 C  CA  . GLY A 50  ? 0.0959 0.0968 0.0948 -0.0050 0.0059  0.0044  72  GLY A CA  
361 C  C   . GLY A 50  ? 0.0960 0.0934 0.0951 -0.0033 0.0049  0.0044  72  GLY A C   
362 O  O   . GLY A 50  ? 0.1028 0.1004 0.1028 -0.0019 0.0050  0.0028  72  GLY A O   
363 N  N   . ALA A 51  ? 0.1016 0.0963 0.1000 -0.0036 0.0037  0.0060  73  ALA A N   
364 C  CA  . ALA A 51  ? 0.1086 0.1008 0.1077 -0.0016 0.0025  0.0054  73  ALA A CA  
365 C  C   . ALA A 51  ? 0.1204 0.1092 0.1188 -0.0021 0.0005  0.0076  73  ALA A C   
366 O  O   . ALA A 51  ? 0.1371 0.1269 0.1339 -0.0037 0.0003  0.0096  73  ALA A O   
367 C  CB  . ALA A 51  ? 0.1073 0.1018 0.1063 -0.0002 0.0030  0.0045  73  ALA A CB  
368 N  N   . LYS A 52  ? 0.1326 0.1176 0.1325 -0.0007 -0.0013 0.0069  74  LYS A N   
369 C  CA  . LYS A 52  ? 0.1528 0.1338 0.1523 -0.0006 -0.0040 0.0087  74  LYS A CA  
370 C  C   . LYS A 52  ? 0.1358 0.1157 0.1376 0.0028  -0.0053 0.0064  74  LYS A C   
371 O  O   . LYS A 52  ? 0.1244 0.1064 0.1278 0.0043  -0.0044 0.0035  74  LYS A O   
372 C  CB  . LYS A 52  ? 0.1986 0.1752 0.1974 -0.0030 -0.0060 0.0110  74  LYS A CB  
373 C  CG  . LYS A 52  ? 0.2293 0.2029 0.2298 -0.0025 -0.0069 0.0092  74  LYS A CG  
374 C  CD  . LYS A 52  ? 0.2711 0.2392 0.2707 -0.0053 -0.0098 0.0120  74  LYS A CD  
375 C  CE  . LYS A 52  ? 0.2962 0.2673 0.2936 -0.0095 -0.0083 0.0145  74  LYS A CE  
376 N  NZ  . LYS A 52  ? 0.3358 0.3018 0.3318 -0.0131 -0.0116 0.0182  74  LYS A NZ  
377 N  N   . GLY A 53  ? 0.1369 0.1145 0.1386 0.0036  -0.0077 0.0076  75  GLY A N   
378 C  CA  . GLY A 53  ? 0.1421 0.1191 0.1464 0.0072  -0.0096 0.0051  75  GLY A CA  
379 C  C   . GLY A 53  ? 0.1581 0.1294 0.1628 0.0078  -0.0136 0.0068  75  GLY A C   
380 O  O   . GLY A 53  ? 0.1688 0.1369 0.1714 0.0051  -0.0150 0.0105  75  GLY A O   
381 N  N   . GLN A 54  ? 0.1680 0.1388 0.1757 0.0115  -0.0157 0.0041  76  GLN A N   
382 C  CA  . GLN A 54  ? 0.1857 0.1509 0.1946 0.0132  -0.0204 0.0050  76  GLN A CA  
383 C  C   . GLN A 54  ? 0.1745 0.1441 0.1849 0.0160  -0.0205 0.0036  76  GLN A C   
384 O  O   . GLN A 54  ? 0.1522 0.1281 0.1644 0.0182  -0.0181 -0.0001 76  GLN A O   
385 C  CB  . GLN A 54  ? 0.2200 0.1803 0.2321 0.0158  -0.0236 0.0019  76  GLN A CB  
386 C  CG  . GLN A 54  ? 0.2565 0.2127 0.2676 0.0133  -0.0237 0.0026  76  GLN A CG  
387 C  CD  . GLN A 54  ? 0.2996 0.2498 0.3138 0.0161  -0.0278 -0.0005 76  GLN A CD  
388 O  OE1 . GLN A 54  ? 0.3420 0.2920 0.3597 0.0206  -0.0304 -0.0041 76  GLN A OE1 
389 N  NE2 . GLN A 54  ? 0.3321 0.2775 0.3454 0.0136  -0.0285 0.0006  76  GLN A NE2 
390 N  N   . ALA A 55  ? 0.1821 0.1490 0.1919 0.0159  -0.0232 0.0064  77  ALA A N   
391 C  CA  . ALA A 55  ? 0.1806 0.1520 0.1913 0.0181  -0.0233 0.0056  77  ALA A CA  
392 C  C   . ALA A 55  ? 0.1786 0.1531 0.1941 0.0231  -0.0247 0.0004  77  ALA A C   
393 O  O   . ALA A 55  ? 0.1840 0.1656 0.2007 0.0247  -0.0229 -0.0016 77  ALA A O   
394 C  CB  . ALA A 55  ? 0.1904 0.1574 0.1996 0.0170  -0.0269 0.0099  77  ALA A CB  
395 N  N   . ASP A 56  ? 0.1830 0.1524 0.2012 0.0255  -0.0280 -0.0020 78  ASP A N   
396 C  CA  . ASP A 56  ? 0.1901 0.1629 0.2133 0.0308  -0.0295 -0.0078 78  ASP A CA  
397 C  C   . ASP A 56  ? 0.1721 0.1528 0.1965 0.0314  -0.0255 -0.0122 78  ASP A C   
398 O  O   . ASP A 56  ? 0.1742 0.1604 0.2023 0.0352  -0.0259 -0.0174 78  ASP A O   
399 C  CB  . ASP A 56  ? 0.2179 0.1820 0.2441 0.0338  -0.0356 -0.0090 78  ASP A CB  
400 C  CG  . ASP A 56  ? 0.2388 0.1970 0.2647 0.0325  -0.0363 -0.0094 78  ASP A CG  
401 O  OD1 . ASP A 56  ? 0.2660 0.2252 0.2886 0.0286  -0.0325 -0.0074 78  ASP A OD1 
402 O  OD2 . ASP A 56  ? 0.2860 0.2378 0.3151 0.0356  -0.0413 -0.0120 78  ASP A OD2 
403 N  N   . LYS A 57  ? 0.1542 0.1362 0.1751 0.0275  -0.0215 -0.0103 79  LYS A N   
404 C  CA  . LYS A 57  ? 0.1461 0.1353 0.1673 0.0271  -0.0177 -0.0135 79  LYS A CA  
405 C  C   . LYS A 57  ? 0.1296 0.1233 0.1474 0.0234  -0.0137 -0.0106 79  LYS A C   
406 O  O   . LYS A 57  ? 0.1210 0.1138 0.1363 0.0204  -0.0113 -0.0088 79  LYS A O   
407 C  CB  . LYS A 57  ? 0.1594 0.1444 0.1804 0.0261  -0.0178 -0.0143 79  LYS A CB  
408 C  CG  . LYS A 57  ? 0.1854 0.1658 0.2101 0.0299  -0.0221 -0.0179 79  LYS A CG  
409 C  CD  . LYS A 57  ? 0.2101 0.1869 0.2345 0.0288  -0.0219 -0.0191 79  LYS A CD  
410 C  CE  . LYS A 57  ? 0.2433 0.2150 0.2716 0.0327  -0.0267 -0.0232 79  LYS A CE  
411 N  NZ  . LYS A 57  ? 0.2628 0.2353 0.2916 0.0325  -0.0256 -0.0264 79  LYS A NZ  
412 N  N   . PRO A 58  ? 0.1211 0.1201 0.1389 0.0238  -0.0130 -0.0103 80  PRO A N   
413 C  CA  . PRO A 58  ? 0.1159 0.1178 0.1305 0.0205  -0.0101 -0.0073 80  PRO A CA  
414 C  C   . PRO A 58  ? 0.1070 0.1138 0.1205 0.0184  -0.0067 -0.0084 80  PRO A C   
415 O  O   . PRO A 58  ? 0.0999 0.1069 0.1106 0.0156  -0.0047 -0.0059 80  PRO A O   
416 C  CB  . PRO A 58  ? 0.1167 0.1236 0.1323 0.0219  -0.0106 -0.0077 80  PRO A CB  
417 C  CG  . PRO A 58  ? 0.1250 0.1346 0.1450 0.0261  -0.0129 -0.0120 80  PRO A CG  
418 C  CD  . PRO A 58  ? 0.1264 0.1286 0.1476 0.0276  -0.0154 -0.0128 80  PRO A CD  
419 N  N   . ARG A 59  ? 0.1083 0.1193 0.1242 0.0201  -0.0065 -0.0122 81  ARG A N   
420 C  CA  . ARG A 59  ? 0.1090 0.1254 0.1238 0.0179  -0.0038 -0.0131 81  ARG A CA  
421 C  C   . ARG A 59  ? 0.1073 0.1194 0.1207 0.0163  -0.0030 -0.0124 81  ARG A C   
422 O  O   . ARG A 59  ? 0.1014 0.1173 0.1140 0.0144  -0.0012 -0.0130 81  ARG A O   
423 C  CB  . ARG A 59  ? 0.1209 0.1460 0.1384 0.0197  -0.0036 -0.0176 81  ARG A CB  
424 C  CG  . ARG A 59  ? 0.1366 0.1676 0.1559 0.0213  -0.0042 -0.0186 81  ARG A CG  
425 C  CD  . ARG A 59  ? 0.1612 0.2034 0.1827 0.0222  -0.0034 -0.0229 81  ARG A CD  
426 N  NE  . ARG A 59  ? 0.2015 0.2501 0.2245 0.0232  -0.0039 -0.0237 81  ARG A NE  
427 C  CZ  . ARG A 59  ? 0.2341 0.2943 0.2591 0.0237  -0.0031 -0.0272 81  ARG A CZ  
428 N  NH1 . ARG A 59  ? 0.2571 0.3241 0.2827 0.0230  -0.0018 -0.0303 81  ARG A NH1 
429 N  NH2 . ARG A 59  ? 0.2554 0.3211 0.2818 0.0246  -0.0038 -0.0275 81  ARG A NH2 
430 N  N   . GLU A 60  ? 0.1073 0.1119 0.1207 0.0166  -0.0045 -0.0111 82  GLU A N   
431 C  CA  . GLU A 60  ? 0.1150 0.1159 0.1275 0.0151  -0.0040 -0.0108 82  GLU A CA  
432 C  C   . GLU A 60  ? 0.1076 0.1035 0.1174 0.0125  -0.0036 -0.0069 82  GLU A C   
433 O  O   . GLU A 60  ? 0.1078 0.1007 0.1168 0.0123  -0.0047 -0.0045 82  GLU A O   
434 C  CB  . GLU A 60  ? 0.1343 0.1314 0.1492 0.0176  -0.0066 -0.0135 82  GLU A CB  
435 C  CG  . GLU A 60  ? 0.1548 0.1587 0.1727 0.0204  -0.0067 -0.0185 82  GLU A CG  
436 C  CD  . GLU A 60  ? 0.1889 0.1898 0.2099 0.0235  -0.0095 -0.0223 82  GLU A CD  
437 O  OE1 . GLU A 60  ? 0.2126 0.2057 0.2332 0.0229  -0.0112 -0.0210 82  GLU A OE1 
438 O  OE2 . GLU A 60  ? 0.2136 0.2207 0.2376 0.0265  -0.0101 -0.0270 82  GLU A OE2 
439 N  N   . LEU A 61  ? 0.1009 0.0966 0.1095 0.0104  -0.0020 -0.0064 83  LEU A N   
440 C  CA  . LEU A 61  ? 0.1026 0.0945 0.1092 0.0080  -0.0016 -0.0034 83  LEU A CA  
441 C  C   . LEU A 61  ? 0.1054 0.0950 0.1123 0.0072  -0.0016 -0.0041 83  LEU A C   
442 O  O   . LEU A 61  ? 0.1065 0.0990 0.1144 0.0077  -0.0010 -0.0065 83  LEU A O   
443 C  CB  . LEU A 61  ? 0.1007 0.0956 0.1054 0.0061  0.0005  -0.0019 83  LEU A CB  
444 C  CG  . LEU A 61  ? 0.1034 0.1003 0.1072 0.0063  0.0007  -0.0009 83  LEU A CG  
445 C  CD1 . LEU A 61  ? 0.1035 0.1027 0.1060 0.0047  0.0021  -0.0002 83  LEU A CD1 
446 C  CD2 . LEU A 61  ? 0.1055 0.0990 0.1084 0.0060  -0.0006 0.0014  83  LEU A CD2 
447 N  N   . THR A 62  ? 0.1060 0.0915 0.1118 0.0054  -0.0022 -0.0017 84  THR A N   
448 C  CA  . THR A 62  ? 0.1131 0.0970 0.1190 0.0040  -0.0020 -0.0019 84  THR A CA  
449 C  C   . THR A 62  ? 0.1117 0.0961 0.1157 0.0013  -0.0007 0.0006  84  THR A C   
450 O  O   . THR A 62  ? 0.1097 0.0945 0.1123 0.0004  -0.0005 0.0027  84  THR A O   
451 C  CB  . THR A 62  ? 0.1217 0.0999 0.1286 0.0044  -0.0049 -0.0023 84  THR A CB  
452 O  OG1 . THR A 62  ? 0.1319 0.1061 0.1375 0.0031  -0.0066 0.0010  84  THR A OG1 
453 C  CG2 . THR A 62  ? 0.1248 0.1029 0.1342 0.0078  -0.0066 -0.0058 84  THR A CG2 
454 N  N   . LEU A 63  ? 0.1168 0.1021 0.1210 0.0001  0.0002  0.0000  85  LEU A N   
455 C  CA  . LEU A 63  ? 0.1257 0.1124 0.1288 -0.0023 0.0013  0.0017  85  LEU A CA  
456 C  C   . LEU A 63  ? 0.1324 0.1166 0.1360 -0.0038 0.0005  0.0017  85  LEU A C   
457 O  O   . LEU A 63  ? 0.1324 0.1170 0.1372 -0.0031 0.0006  -0.0003 85  LEU A O   
458 C  CB  . LEU A 63  ? 0.1264 0.1174 0.1296 -0.0021 0.0033  0.0008  85  LEU A CB  
459 C  CG  . LEU A 63  ? 0.1350 0.1284 0.1379 -0.0040 0.0043  0.0016  85  LEU A CG  
460 C  CD1 . LEU A 63  ? 0.1425 0.1367 0.1440 -0.0053 0.0045  0.0035  85  LEU A CD1 
461 C  CD2 . LEU A 63  ? 0.1380 0.1346 0.1416 -0.0032 0.0052  0.0003  85  LEU A CD2 
462 N  N   . ASP A 64  ? 0.1461 0.1286 0.1486 -0.0064 -0.0004 0.0042  86  ASP A N   
463 C  CA  . ASP A 64  ? 0.1701 0.1507 0.1729 -0.0086 -0.0012 0.0046  86  ASP A CA  
464 C  C   . ASP A 64  ? 0.1561 0.1417 0.1592 -0.0096 0.0009  0.0039  86  ASP A C   
465 O  O   . ASP A 64  ? 0.1652 0.1553 0.1677 -0.0103 0.0026  0.0046  86  ASP A O   
466 C  CB  . ASP A 64  ? 0.2027 0.1806 0.2039 -0.0117 -0.0029 0.0080  86  ASP A CB  
467 C  CG  . ASP A 64  ? 0.2419 0.2133 0.2431 -0.0107 -0.0061 0.0087  86  ASP A CG  
468 O  OD1 . ASP A 64  ? 0.2979 0.2669 0.3009 -0.0074 -0.0070 0.0060  86  ASP A OD1 
469 O  OD2 . ASP A 64  ? 0.3146 0.2837 0.3143 -0.0133 -0.0079 0.0121  86  ASP A OD2 
470 N  N   . ALA A 65  ? 0.1468 0.1321 0.1510 -0.0094 0.0009  0.0021  87  ALA A N   
471 C  CA  . ALA A 65  ? 0.1381 0.1281 0.1430 -0.0101 0.0026  0.0014  87  ALA A CA  
472 C  C   . ALA A 65  ? 0.1389 0.1291 0.1436 -0.0133 0.0022  0.0028  87  ALA A C   
473 O  O   . ALA A 65  ? 0.1453 0.1311 0.1498 -0.0146 0.0002  0.0033  87  ALA A O   
474 C  CB  . ALA A 65  ? 0.1368 0.1271 0.1428 -0.0084 0.0028  -0.0011 87  ALA A CB  
475 N  N   . PRO A 66  ? 0.1308 0.1265 0.1359 -0.0145 0.0036  0.0030  88  PRO A N   
476 C  CA  . PRO A 66  ? 0.1334 0.1309 0.1388 -0.0175 0.0035  0.0037  88  PRO A CA  
477 C  C   . PRO A 66  ? 0.1331 0.1294 0.1399 -0.0167 0.0031  0.0017  88  PRO A C   
478 O  O   . PRO A 66  ? 0.1298 0.1247 0.1370 -0.0141 0.0031  -0.0001 88  PRO A O   
479 C  CB  . PRO A 66  ? 0.1323 0.1374 0.1384 -0.0180 0.0053  0.0034  88  PRO A CB  
480 C  CG  . PRO A 66  ? 0.1316 0.1375 0.1385 -0.0144 0.0061  0.0015  88  PRO A CG  
481 C  CD  . PRO A 66  ? 0.1327 0.1334 0.1384 -0.0128 0.0053  0.0019  88  PRO A CD  
482 N  N   . GLU A 67  ? 0.1338 0.1308 0.1409 -0.0194 0.0025  0.0022  89  GLU A N   
483 C  CA  . GLU A 67  ? 0.1410 0.1377 0.1493 -0.0191 0.0022  0.0004  89  GLU A CA  
484 C  C   . GLU A 67  ? 0.1342 0.1359 0.1437 -0.0171 0.0037  -0.0013 89  GLU A C   
485 O  O   . GLU A 67  ? 0.1560 0.1631 0.1664 -0.0174 0.0047  -0.0010 89  GLU A O   
486 C  CB  . GLU A 67  ? 0.1490 0.1464 0.1572 -0.0229 0.0014  0.0015  89  GLU A CB  
487 C  CG  . GLU A 67  ? 0.1549 0.1521 0.1643 -0.0230 0.0008  -0.0004 89  GLU A CG  
488 C  CD  . GLU A 67  ? 0.1628 0.1536 0.1719 -0.0216 -0.0009 -0.0021 89  GLU A CD  
489 O  OE1 . GLU A 67  ? 0.1650 0.1507 0.1733 -0.0208 -0.0022 -0.0016 89  GLU A OE1 
490 O  OE2 . GLU A 67  ? 0.1855 0.1767 0.1953 -0.0213 -0.0011 -0.0041 89  GLU A OE2 
491 N  N   . LEU A 68  ? 0.1251 0.1251 0.1347 -0.0149 0.0034  -0.0029 90  LEU A N   
492 C  CA  . LEU A 68  ? 0.1209 0.1244 0.1315 -0.0131 0.0040  -0.0040 90  LEU A CA  
493 C  C   . LEU A 68  ? 0.1260 0.1313 0.1376 -0.0140 0.0036  -0.0051 90  LEU A C   
494 O  O   . LEU A 68  ? 0.1362 0.1390 0.1474 -0.0145 0.0028  -0.0060 90  LEU A O   
495 C  CB  . LEU A 68  ? 0.1209 0.1227 0.1309 -0.0109 0.0039  -0.0048 90  LEU A CB  
496 C  CG  . LEU A 68  ? 0.1200 0.1202 0.1290 -0.0097 0.0043  -0.0040 90  LEU A CG  
497 C  CD1 . LEU A 68  ? 0.1201 0.1201 0.1286 -0.0079 0.0042  -0.0049 90  LEU A CD1 
498 C  CD2 . LEU A 68  ? 0.1210 0.1241 0.1303 -0.0097 0.0051  -0.0031 90  LEU A CD2 
499 N  N   . ALA A 69  ? 0.1215 0.1314 0.1345 -0.0140 0.0039  -0.0050 91  ALA A N   
500 C  CA  . ALA A 69  ? 0.1189 0.1311 0.1330 -0.0146 0.0033  -0.0059 91  ALA A CA  
501 C  C   . ALA A 69  ? 0.1211 0.1320 0.1344 -0.0134 0.0026  -0.0067 91  ALA A C   
502 O  O   . ALA A 69  ? 0.1170 0.1267 0.1294 -0.0119 0.0027  -0.0066 91  ALA A O   
503 C  CB  . ALA A 69  ? 0.1168 0.1341 0.1330 -0.0139 0.0033  -0.0060 91  ALA A CB  
504 N  N   . VAL A 70  ? 0.1198 0.1314 0.1331 -0.0145 0.0019  -0.0075 92  VAL A N   
505 C  CA  . VAL A 70  ? 0.1203 0.1325 0.1328 -0.0140 0.0012  -0.0081 92  VAL A CA  
506 C  C   . VAL A 70  ? 0.1210 0.1350 0.1338 -0.0127 0.0006  -0.0072 92  VAL A C   
507 O  O   . VAL A 70  ? 0.1322 0.1481 0.1468 -0.0123 0.0001  -0.0066 92  VAL A O   
508 C  CB  . VAL A 70  ? 0.1246 0.1386 0.1373 -0.0157 0.0005  -0.0091 92  VAL A CB  
509 C  CG1 . VAL A 70  ? 0.1271 0.1432 0.1388 -0.0158 -0.0004 -0.0093 92  VAL A CG1 
510 C  CG2 . VAL A 70  ? 0.1288 0.1399 0.1408 -0.0168 0.0005  -0.0105 92  VAL A CG2 
511 N  N   . GLY A 71  ? 0.1147 0.1281 0.1260 -0.0122 0.0003  -0.0069 93  GLY A N   
512 C  CA  . GLY A 71  ? 0.1158 0.1297 0.1268 -0.0116 -0.0010 -0.0057 93  GLY A CA  
513 C  C   . GLY A 71  ? 0.1116 0.1241 0.1211 -0.0108 -0.0006 -0.0053 93  GLY A C   
514 O  O   . GLY A 71  ? 0.1131 0.1246 0.1217 -0.0107 0.0007  -0.0062 93  GLY A O   
515 N  N   . SER A 72  ? 0.1183 0.1305 0.1276 -0.0104 -0.0020 -0.0039 94  SER A N   
516 C  CA  A SER A 72  ? 0.1185 0.1299 0.1264 -0.0102 -0.0019 -0.0032 94  SER A CA  
517 C  CA  B SER A 72  ? 0.1190 0.1303 0.1268 -0.0103 -0.0020 -0.0031 94  SER A CA  
518 C  C   . SER A 72  ? 0.1142 0.1234 0.1228 -0.0084 -0.0013 -0.0032 94  SER A C   
519 O  O   . SER A 72  ? 0.1189 0.1279 0.1294 -0.0073 -0.0016 -0.0033 94  SER A O   
520 C  CB  A SER A 72  ? 0.1237 0.1357 0.1303 -0.0115 -0.0042 -0.0014 94  SER A CB  
521 C  CB  B SER A 72  ? 0.1241 0.1359 0.1310 -0.0114 -0.0046 -0.0012 94  SER A CB  
522 O  OG  A SER A 72  ? 0.1339 0.1439 0.1420 -0.0105 -0.0063 -0.0004 94  SER A OG  
523 O  OG  B SER A 72  ? 0.1358 0.1471 0.1410 -0.0118 -0.0048 -0.0002 94  SER A OG  
524 N  N   . TYR A 73  ? 0.1010 0.1095 0.1084 -0.0081 -0.0003 -0.0032 95  TYR A N   
525 C  CA  . TYR A 73  ? 0.0960 0.1029 0.1037 -0.0067 0.0004  -0.0031 95  TYR A CA  
526 C  C   . TYR A 73  ? 0.0916 0.0981 0.0977 -0.0067 0.0000  -0.0022 95  TYR A C   
527 O  O   . TYR A 73  ? 0.0978 0.1060 0.1025 -0.0080 -0.0003 -0.0021 95  TYR A O   
528 C  CB  . TYR A 73  ? 0.0936 0.0995 0.1015 -0.0062 0.0022  -0.0041 95  TYR A CB  
529 C  CG  . TYR A 73  ? 0.0942 0.1004 0.1033 -0.0066 0.0027  -0.0045 95  TYR A CG  
530 C  CD1 . TYR A 73  ? 0.0957 0.1028 0.1049 -0.0078 0.0026  -0.0053 95  TYR A CD1 
531 C  CD2 . TYR A 73  ? 0.0936 0.1005 0.1040 -0.0061 0.0030  -0.0044 95  TYR A CD2 
532 C  CE1 . TYR A 73  ? 0.0937 0.1014 0.1042 -0.0086 0.0027  -0.0055 95  TYR A CE1 
533 C  CE2 . TYR A 73  ? 0.0936 0.1023 0.1053 -0.0069 0.0034  -0.0048 95  TYR A CE2 
534 C  CZ  . TYR A 73  ? 0.0942 0.1029 0.1058 -0.0083 0.0032  -0.0052 95  TYR A CZ  
535 O  OH  . TYR A 73  ? 0.0997 0.1104 0.1127 -0.0094 0.0034  -0.0054 95  TYR A OH  
536 N  N   . VAL A 74  ? 0.0859 0.0906 0.0922 -0.0057 -0.0002 -0.0019 96  VAL A N   
537 C  CA  . VAL A 74  ? 0.0830 0.0875 0.0880 -0.0058 -0.0005 -0.0012 96  VAL A CA  
538 C  C   . VAL A 74  ? 0.0797 0.0833 0.0848 -0.0044 0.0012  -0.0018 96  VAL A C   
539 O  O   . VAL A 74  ? 0.0826 0.0855 0.0887 -0.0034 0.0016  -0.0023 96  VAL A O   
540 C  CB  . VAL A 74  ? 0.0861 0.0889 0.0910 -0.0059 -0.0029 0.0000  96  VAL A CB  
541 C  CG1 . VAL A 74  ? 0.0869 0.0889 0.0907 -0.0058 -0.0031 0.0006  96  VAL A CG1 
542 C  CG2 . VAL A 74  ? 0.0888 0.0924 0.0928 -0.0081 -0.0051 0.0014  96  VAL A CG2 
543 N  N   . VAL A 75  ? 0.0730 0.0775 0.0771 -0.0046 0.0019  -0.0019 97  VAL A N   
544 C  CA  . VAL A 75  ? 0.0727 0.0763 0.0765 -0.0034 0.0029  -0.0022 97  VAL A CA  
545 C  C   . VAL A 75  ? 0.0708 0.0744 0.0739 -0.0036 0.0020  -0.0012 97  VAL A C   
546 O  O   . VAL A 75  ? 0.0746 0.0799 0.0766 -0.0049 0.0011  -0.0006 97  VAL A O   
547 C  CB  . VAL A 75  ? 0.0744 0.0792 0.0781 -0.0032 0.0037  -0.0032 97  VAL A CB  
548 C  CG1 . VAL A 75  ? 0.0752 0.0790 0.0788 -0.0019 0.0042  -0.0031 97  VAL A CG1 
549 C  CG2 . VAL A 75  ? 0.0773 0.0814 0.0819 -0.0032 0.0041  -0.0043 97  VAL A CG2 
550 N  N   . LYS A 76  ? 0.0669 0.0690 0.0702 -0.0026 0.0020  -0.0010 98  LYS A N   
551 C  CA  . LYS A 76  ? 0.0669 0.0685 0.0692 -0.0027 0.0011  -0.0004 98  LYS A CA  
552 C  C   . LYS A 76  ? 0.0654 0.0670 0.0675 -0.0017 0.0023  -0.0006 98  LYS A C   
553 O  O   . LYS A 76  ? 0.0665 0.0676 0.0690 -0.0010 0.0034  -0.0010 98  LYS A O   
554 C  CB  . LYS A 76  ? 0.0713 0.0712 0.0742 -0.0023 -0.0006 -0.0004 98  LYS A CB  
555 C  CG  . LYS A 76  ? 0.0748 0.0744 0.0787 -0.0008 0.0000  -0.0017 98  LYS A CG  
556 C  CD  . LYS A 76  ? 0.0800 0.0781 0.0849 0.0001  -0.0021 -0.0026 98  LYS A CD  
557 C  CE  . LYS A 76  ? 0.0842 0.0839 0.0905 0.0017  -0.0014 -0.0045 98  LYS A CE  
558 N  NZ  . LYS A 76  ? 0.0928 0.0913 0.1006 0.0033  -0.0039 -0.0062 98  LYS A NZ  
559 N  N   . PHE A 77  ? 0.0619 0.0641 0.0631 -0.0019 0.0018  0.0000  99  PHE A N   
560 C  CA  . PHE A 77  ? 0.0603 0.0626 0.0609 -0.0011 0.0026  -0.0001 99  PHE A CA  
561 C  C   . PHE A 77  ? 0.0590 0.0613 0.0589 -0.0014 0.0018  0.0005  99  PHE A C   
562 O  O   . PHE A 77  ? 0.0588 0.0614 0.0581 -0.0027 0.0004  0.0011  99  PHE A O   
563 C  CB  . PHE A 77  ? 0.0605 0.0645 0.0615 -0.0008 0.0034  -0.0006 99  PHE A CB  
564 C  CG  . PHE A 77  ? 0.0600 0.0673 0.0608 -0.0018 0.0030  -0.0008 99  PHE A CG  
565 C  CD1 . PHE A 77  ? 0.0595 0.0684 0.0604 -0.0027 0.0030  -0.0012 99  PHE A CD1 
566 C  CD2 . PHE A 77  ? 0.0607 0.0706 0.0609 -0.0024 0.0026  -0.0004 99  PHE A CD2 
567 C  CE1 . PHE A 77  ? 0.0609 0.0740 0.0613 -0.0044 0.0026  -0.0013 99  PHE A CE1 
568 C  CE2 . PHE A 77  ? 0.0608 0.0750 0.0604 -0.0040 0.0023  -0.0004 99  PHE A CE2 
569 C  CZ  . PHE A 77  ? 0.0604 0.0765 0.0601 -0.0051 0.0022  -0.0008 99  PHE A CZ  
570 N  N   . ARG A 78  ? 0.0586 0.0605 0.0581 -0.0005 0.0023  0.0004  100 ARG A N   
571 C  CA  . ARG A 78  ? 0.0633 0.0651 0.0619 -0.0007 0.0014  0.0008  100 ARG A CA  
572 C  C   . ARG A 78  ? 0.0619 0.0646 0.0601 0.0000  0.0023  0.0010  100 ARG A C   
573 O  O   . ARG A 78  ? 0.0644 0.0665 0.0625 0.0007  0.0030  0.0008  100 ARG A O   
574 C  CB  . ARG A 78  ? 0.0662 0.0663 0.0649 -0.0003 0.0005  -0.0001 100 ARG A CB  
575 C  CG  . ARG A 78  ? 0.0701 0.0694 0.0681 -0.0007 -0.0010 0.0000  100 ARG A CG  
576 C  CD  . ARG A 78  ? 0.0745 0.0717 0.0731 0.0000  -0.0027 -0.0014 100 ARG A CD  
577 N  NE  . ARG A 78  ? 0.0796 0.0754 0.0773 -0.0003 -0.0047 -0.0017 100 ARG A NE  
578 C  CZ  . ARG A 78  ? 0.0815 0.0781 0.0786 0.0003  -0.0043 -0.0025 100 ARG A CZ  
579 N  NH1 . ARG A 78  ? 0.0815 0.0807 0.0784 0.0012  -0.0020 -0.0030 100 ARG A NH1 
580 N  NH2 . ARG A 78  ? 0.0866 0.0815 0.0829 -0.0002 -0.0063 -0.0028 100 ARG A NH2 
581 N  N   . VAL A 79  ? 0.0643 0.0689 0.0625 -0.0002 0.0021  0.0013  101 VAL A N   
582 C  CA  . VAL A 79  ? 0.0658 0.0712 0.0641 0.0009  0.0026  0.0014  101 VAL A CA  
583 C  C   . VAL A 79  ? 0.0641 0.0707 0.0615 0.0007  0.0019  0.0019  101 VAL A C   
584 O  O   . VAL A 79  ? 0.0628 0.0706 0.0598 -0.0007 0.0011  0.0021  101 VAL A O   
585 C  CB  . VAL A 79  ? 0.0694 0.0768 0.0691 0.0017  0.0028  0.0007  101 VAL A CB  
586 C  CG1 . VAL A 79  ? 0.0722 0.0778 0.0725 0.0018  0.0032  0.0000  101 VAL A CG1 
587 C  CG2 . VAL A 79  ? 0.0684 0.0798 0.0682 0.0007  0.0025  0.0003  101 VAL A CG2 
588 N  N   . LEU A 80  ? 0.0661 0.0726 0.0633 0.0016  0.0021  0.0023  102 LEU A N   
589 C  CA  . LEU A 80  ? 0.0690 0.0774 0.0655 0.0014  0.0014  0.0028  102 LEU A CA  
590 C  C   . LEU A 80  ? 0.0712 0.0822 0.0691 0.0024  0.0012  0.0025  102 LEU A C   
591 O  O   . LEU A 80  ? 0.0761 0.0859 0.0749 0.0039  0.0011  0.0025  102 LEU A O   
592 C  CB  . LEU A 80  ? 0.0715 0.0787 0.0667 0.0016  0.0014  0.0034  102 LEU A CB  
593 C  CG  . LEU A 80  ? 0.0758 0.0849 0.0703 0.0013  0.0008  0.0038  102 LEU A CG  
594 C  CD1 . LEU A 80  ? 0.0806 0.0902 0.0745 0.0000  0.0000  0.0034  102 LEU A CD1 
595 C  CD2 . LEU A 80  ? 0.0814 0.0899 0.0744 0.0014  0.0008  0.0045  102 LEU A CD2 
596 N  N   . SER A 81  ? 0.0724 0.0870 0.0706 0.0017  0.0009  0.0021  103 SER A N   
597 C  CA  . SER A 81  ? 0.0785 0.0975 0.0784 0.0028  0.0007  0.0011  103 SER A CA  
598 C  C   . SER A 81  ? 0.0903 0.1100 0.0904 0.0040  0.0000  0.0016  103 SER A C   
599 O  O   . SER A 81  ? 0.0932 0.1115 0.0918 0.0031  -0.0003 0.0028  103 SER A O   
600 C  CB  . SER A 81  ? 0.0770 0.1014 0.0769 0.0008  0.0007  0.0008  103 SER A CB  
601 O  OG  . SER A 81  ? 0.0776 0.1016 0.0769 -0.0009 0.0008  0.0009  103 SER A OG  
602 N  N   . SER A 82  ? 0.1016 0.1237 0.1038 0.0062  -0.0007 0.0004  104 SER A N   
603 C  CA  . SER A 82  ? 0.1178 0.1404 0.1205 0.0076  -0.0018 0.0009  104 SER A CA  
604 C  C   . SER A 82  ? 0.1264 0.1535 0.1285 0.0061  -0.0020 0.0012  104 SER A C   
605 O  O   . SER A 82  ? 0.1430 0.1699 0.1446 0.0064  -0.0028 0.0023  104 SER A O   
606 C  CB  . SER A 82  ? 0.1216 0.1454 0.1274 0.0107  -0.0031 -0.0009 104 SER A CB  
607 O  OG  . SER A 82  ? 0.1340 0.1524 0.1402 0.0118  -0.0035 -0.0009 104 SER A OG  
608 N  N   . ASP A 83  ? 0.1311 0.1622 0.1328 0.0039  -0.0013 0.0008  105 ASP A N   
609 C  CA  . ASP A 83  ? 0.1404 0.1754 0.1411 0.0019  -0.0017 0.0015  105 ASP A CA  
610 C  C   . ASP A 83  ? 0.1360 0.1667 0.1341 -0.0005 -0.0020 0.0032  105 ASP A C   
611 O  O   . ASP A 83  ? 0.1638 0.1968 0.1607 -0.0027 -0.0026 0.0039  105 ASP A O   
612 C  CB  . ASP A 83  ? 0.1492 0.1917 0.1510 0.0002  -0.0015 0.0005  105 ASP A CB  
613 C  CG  . ASP A 83  ? 0.1577 0.1986 0.1578 -0.0026 -0.0011 0.0013  105 ASP A CG  
614 O  OD1 . ASP A 83  ? 0.1552 0.1896 0.1543 -0.0024 -0.0009 0.0019  105 ASP A OD1 
615 O  OD2 . ASP A 83  ? 0.1656 0.2128 0.1657 -0.0052 -0.0011 0.0013  105 ASP A OD2 
616 N  N   . GLY A 84  ? 0.1263 0.1511 0.1232 0.0001  -0.0016 0.0036  106 GLY A N   
617 C  CA  . GLY A 84  ? 0.1206 0.1415 0.1153 -0.0014 -0.0020 0.0043  106 GLY A CA  
618 C  C   . GLY A 84  ? 0.1158 0.1346 0.1099 -0.0031 -0.0022 0.0043  106 GLY A C   
619 O  O   . GLY A 84  ? 0.1270 0.1425 0.1196 -0.0040 -0.0029 0.0044  106 GLY A O   
620 N  N   . HIS A 85  ? 0.1022 0.1227 0.0971 -0.0038 -0.0018 0.0040  107 HIS A N   
621 C  CA  . HIS A 85  ? 0.0991 0.1177 0.0931 -0.0059 -0.0026 0.0046  107 HIS A CA  
622 C  C   . HIS A 85  ? 0.0888 0.1045 0.0835 -0.0048 -0.0018 0.0040  107 HIS A C   
623 O  O   . HIS A 85  ? 0.0872 0.1040 0.0832 -0.0032 -0.0005 0.0032  107 HIS A O   
624 C  CB  . HIS A 85  ? 0.1020 0.1261 0.0962 -0.0085 -0.0031 0.0051  107 HIS A CB  
625 C  CG  . HIS A 85  ? 0.1109 0.1392 0.1048 -0.0099 -0.0038 0.0057  107 HIS A CG  
626 N  ND1 . HIS A 85  ? 0.1168 0.1528 0.1115 -0.0110 -0.0035 0.0054  107 HIS A ND1 
627 C  CD2 . HIS A 85  ? 0.1184 0.1449 0.1112 -0.0101 -0.0048 0.0061  107 HIS A CD2 
628 C  CE1 . HIS A 85  ? 0.1172 0.1560 0.1115 -0.0120 -0.0044 0.0060  107 HIS A CE1 
629 N  NE2 . HIS A 85  ? 0.1217 0.1544 0.1147 -0.0116 -0.0052 0.0064  107 HIS A NE2 
630 N  N   . ILE A 86  ? 0.0834 0.0949 0.0772 -0.0057 -0.0028 0.0042  108 ILE A N   
631 C  CA  . ILE A 86  ? 0.0803 0.0890 0.0747 -0.0047 -0.0022 0.0036  108 ILE A CA  
632 C  C   . ILE A 86  ? 0.0772 0.0875 0.0719 -0.0064 -0.0026 0.0042  108 ILE A C   
633 O  O   . ILE A 86  ? 0.0860 0.0969 0.0797 -0.0091 -0.0043 0.0054  108 ILE A O   
634 C  CB  . ILE A 86  ? 0.0833 0.0875 0.0773 -0.0044 -0.0034 0.0030  108 ILE A CB  
635 C  CG1 . ILE A 86  ? 0.0828 0.0869 0.0764 -0.0030 -0.0028 0.0023  108 ILE A CG1 
636 C  CG2 . ILE A 86  ? 0.0840 0.0863 0.0789 -0.0034 -0.0029 0.0023  108 ILE A CG2 
637 C  CD1 . ILE A 86  ? 0.0856 0.0867 0.0787 -0.0028 -0.0044 0.0009  108 ILE A CD1 
638 N  N   . VAL A 87  ? 0.0697 0.0805 0.0654 -0.0052 -0.0013 0.0034  109 VAL A N   
639 C  CA  . VAL A 87  ? 0.0680 0.0804 0.0639 -0.0066 -0.0014 0.0037  109 VAL A CA  
640 C  C   . VAL A 87  ? 0.0658 0.0744 0.0622 -0.0057 -0.0013 0.0032  109 VAL A C   
641 O  O   . VAL A 87  ? 0.0681 0.0754 0.0654 -0.0036 0.0001  0.0023  109 VAL A O   
642 C  CB  . VAL A 87  ? 0.0665 0.0844 0.0634 -0.0061 0.0000  0.0026  109 VAL A CB  
643 C  CG1 . VAL A 87  ? 0.0690 0.0892 0.0661 -0.0073 0.0001  0.0024  109 VAL A CG1 
644 C  CG2 . VAL A 87  ? 0.0673 0.0905 0.0640 -0.0072 -0.0003 0.0029  109 VAL A CG2 
645 N  N   . GLU A 88  ? 0.0647 0.0717 0.0605 -0.0075 -0.0029 0.0041  110 GLU A N   
646 C  CA  . GLU A 88  ? 0.0640 0.0687 0.0606 -0.0070 -0.0029 0.0036  110 GLU A CA  
647 C  C   . GLU A 88  ? 0.0593 0.0669 0.0557 -0.0086 -0.0030 0.0043  110 GLU A C   
648 O  O   . GLU A 88  ? 0.0596 0.0704 0.0548 -0.0113 -0.0040 0.0055  110 GLU A O   
649 C  CB  . GLU A 88  ? 0.0698 0.0699 0.0662 -0.0071 -0.0054 0.0040  110 GLU A CB  
650 C  CG  . GLU A 88  ? 0.0773 0.0762 0.0726 -0.0101 -0.0085 0.0060  110 GLU A CG  
651 C  CD  . GLU A 88  ? 0.0825 0.0818 0.0775 -0.0122 -0.0098 0.0073  110 GLU A CD  
652 O  OE1 . GLU A 88  ? 0.0846 0.0837 0.0805 -0.0109 -0.0089 0.0064  110 GLU A OE1 
653 O  OE2 . GLU A 88  ? 0.0962 0.0958 0.0895 -0.0157 -0.0124 0.0096  110 GLU A OE2 
654 N  N   . GLY A 89  ? 0.0561 0.0631 0.0534 -0.0075 -0.0020 0.0033  111 GLY A N   
655 C  CA  . GLY A 89  ? 0.0571 0.0667 0.0543 -0.0093 -0.0023 0.0038  111 GLY A CA  
656 C  C   . GLY A 89  ? 0.0561 0.0635 0.0544 -0.0079 -0.0017 0.0028  111 GLY A C   
657 O  O   . GLY A 89  ? 0.0570 0.0612 0.0563 -0.0059 -0.0012 0.0020  111 GLY A O   
658 N  N   . LYS A 90  ? 0.0569 0.0664 0.0549 -0.0093 -0.0019 0.0030  112 LYS A N   
659 C  CA  . LYS A 90  ? 0.0579 0.0658 0.0571 -0.0086 -0.0018 0.0024  112 LYS A CA  
660 C  C   . LYS A 90  ? 0.0593 0.0712 0.0578 -0.0106 -0.0018 0.0024  112 LYS A C   
661 O  O   . LYS A 90  ? 0.0581 0.0736 0.0551 -0.0131 -0.0026 0.0035  112 LYS A O   
662 C  CB  . LYS A 90  ? 0.0599 0.0635 0.0593 -0.0086 -0.0040 0.0033  112 LYS A CB  
663 C  CG  . LYS A 90  ? 0.0634 0.0662 0.0615 -0.0114 -0.0072 0.0056  112 LYS A CG  
664 C  CD  . LYS A 90  ? 0.0654 0.0676 0.0622 -0.0125 -0.0084 0.0067  112 LYS A CD  
665 C  CE  . LYS A 90  ? 0.0703 0.0700 0.0658 -0.0153 -0.0124 0.0093  112 LYS A CE  
666 N  NZ  . LYS A 90  ? 0.0718 0.0712 0.0658 -0.0170 -0.0136 0.0106  112 LYS A NZ  
667 N  N   . TYR A 91  ? 0.0630 0.0747 0.0625 -0.0095 -0.0008 0.0010  113 TYR A N   
668 C  CA  . TYR A 91  ? 0.0671 0.0824 0.0661 -0.0112 -0.0007 0.0006  113 TYR A CA  
669 C  C   . TYR A 91  ? 0.0722 0.0855 0.0725 -0.0102 -0.0005 -0.0002 113 TYR A C   
670 O  O   . TYR A 91  ? 0.0681 0.0780 0.0698 -0.0082 0.0002  -0.0008 113 TYR A O   
671 C  CB  . TYR A 91  ? 0.0684 0.0890 0.0672 -0.0110 0.0009  -0.0015 113 TYR A CB  
672 C  CG  . TYR A 91  ? 0.0704 0.0892 0.0711 -0.0079 0.0026  -0.0039 113 TYR A CG  
673 C  CD1 . TYR A 91  ? 0.0724 0.0907 0.0741 -0.0071 0.0032  -0.0056 113 TYR A CD1 
674 C  CD2 . TYR A 91  ? 0.0724 0.0899 0.0737 -0.0061 0.0032  -0.0043 113 TYR A CD2 
675 C  CE1 . TYR A 91  ? 0.0763 0.0920 0.0794 -0.0048 0.0039  -0.0074 113 TYR A CE1 
676 C  CE2 . TYR A 91  ? 0.0783 0.0935 0.0810 -0.0037 0.0040  -0.0059 113 TYR A CE2 
677 C  CZ  . TYR A 91  ? 0.0780 0.0920 0.0816 -0.0031 0.0043  -0.0074 113 TYR A CZ  
678 O  OH  . TYR A 91  ? 0.0914 0.1024 0.0963 -0.0013 0.0043  -0.0088 113 TYR A OH  
679 N  N   . GLU A 92  ? 0.0862 0.1021 0.0859 -0.0120 -0.0010 -0.0001 114 GLU A N   
680 C  CA  . GLU A 92  ? 0.0993 0.1138 0.1001 -0.0114 -0.0010 -0.0008 114 GLU A CA  
681 C  C   . GLU A 92  ? 0.0995 0.1167 0.1006 -0.0111 0.0007  -0.0033 114 GLU A C   
682 O  O   . GLU A 92  ? 0.1035 0.1252 0.1038 -0.0117 0.0013  -0.0045 114 GLU A O   
683 C  CB  . GLU A 92  ? 0.1132 0.1281 0.1132 -0.0138 -0.0034 0.0013  114 GLU A CB  
684 C  CG  . GLU A 92  ? 0.1305 0.1443 0.1316 -0.0135 -0.0039 0.0009  114 GLU A CG  
685 C  CD  . GLU A 92  ? 0.1398 0.1579 0.1402 -0.0150 -0.0033 -0.0001 114 GLU A CD  
686 O  OE1 . GLU A 92  ? 0.1569 0.1796 0.1554 -0.0170 -0.0032 -0.0003 114 GLU A OE1 
687 O  OE2 . GLU A 92  ? 0.1468 0.1642 0.1484 -0.0145 -0.0032 -0.0011 114 GLU A OE2 
688 N  N   . PHE A 93  ? 0.0987 0.1136 0.1013 -0.0099 0.0012  -0.0044 115 PHE A N   
689 C  CA  . PHE A 93  ? 0.1011 0.1179 0.1041 -0.0099 0.0020  -0.0068 115 PHE A CA  
690 C  C   . PHE A 93  ? 0.1036 0.1187 0.1075 -0.0101 0.0016  -0.0066 115 PHE A C   
691 O  O   . PHE A 93  ? 0.1054 0.1179 0.1101 -0.0098 0.0010  -0.0051 115 PHE A O   
692 C  CB  . PHE A 93  ? 0.1017 0.1173 0.1057 -0.0077 0.0032  -0.0091 115 PHE A CB  
693 C  CG  . PHE A 93  ? 0.1016 0.1121 0.1068 -0.0065 0.0035  -0.0086 115 PHE A CG  
694 C  CD1 . PHE A 93  ? 0.1036 0.1118 0.1088 -0.0056 0.0036  -0.0070 115 PHE A CD1 
695 C  CD2 . PHE A 93  ? 0.1064 0.1149 0.1124 -0.0065 0.0035  -0.0096 115 PHE A CD2 
696 C  CE1 . PHE A 93  ? 0.1032 0.1081 0.1092 -0.0049 0.0039  -0.0066 115 PHE A CE1 
697 C  CE2 . PHE A 93  ? 0.1050 0.1097 0.1119 -0.0061 0.0036  -0.0087 115 PHE A CE2 
698 C  CZ  . PHE A 93  ? 0.1064 0.1096 0.1132 -0.0053 0.0039  -0.0073 115 PHE A CZ  
699 N  N   . THR A 94  ? 0.1061 0.1231 0.1100 -0.0109 0.0018  -0.0084 116 THR A N   
700 C  CA  . THR A 94  ? 0.1068 0.1228 0.1115 -0.0115 0.0013  -0.0084 116 THR A CA  
701 C  C   . THR A 94  ? 0.1017 0.1160 0.1075 -0.0107 0.0020  -0.0107 116 THR A C   
702 O  O   . THR A 94  ? 0.1020 0.1175 0.1076 -0.0102 0.0023  -0.0132 116 THR A O   
703 C  CB  . THR A 94  ? 0.1135 0.1337 0.1171 -0.0137 0.0002  -0.0079 116 THR A CB  
704 O  OG1 . THR A 94  ? 0.1263 0.1471 0.1288 -0.0148 -0.0013 -0.0051 116 THR A OG1 
705 C  CG2 . THR A 94  ? 0.1199 0.1393 0.1246 -0.0142 -0.0003 -0.0079 116 THR A CG2 
706 N  N   . VAL A 95  ? 0.0975 0.1091 0.1045 -0.0106 0.0020  -0.0100 117 VAL A N   
707 C  CA  . VAL A 95  ? 0.0992 0.1086 0.1071 -0.0108 0.0020  -0.0115 117 VAL A CA  
708 C  C   . VAL A 95  ? 0.0987 0.1107 0.1066 -0.0124 0.0014  -0.0121 117 VAL A C   
709 O  O   . VAL A 95  ? 0.0965 0.1094 0.1050 -0.0132 0.0010  -0.0104 117 VAL A O   
710 C  CB  . VAL A 95  ? 0.0986 0.1049 0.1075 -0.0107 0.0023  -0.0101 117 VAL A CB  
711 C  CG1 . VAL A 95  ? 0.1039 0.1075 0.1134 -0.0117 0.0018  -0.0111 117 VAL A CG1 
712 C  CG2 . VAL A 95  ? 0.0996 0.1036 0.1081 -0.0093 0.0028  -0.0094 117 VAL A CG2 
713 N  N   . ASP A 96  ? 0.1002 0.1135 0.1075 -0.0128 0.0012  -0.0146 118 ASP A N   
714 C  CA  . ASP A 96  ? 0.1021 0.1178 0.1094 -0.0145 0.0006  -0.0155 118 ASP A CA  
715 C  C   . ASP A 96  ? 0.0970 0.1095 0.1056 -0.0151 0.0001  -0.0161 118 ASP A C   
716 O  O   . ASP A 96  ? 0.0987 0.1070 0.1079 -0.0144 0.0001  -0.0166 118 ASP A O   
717 C  CB  . ASP A 96  ? 0.1133 0.1326 0.1195 -0.0146 0.0005  -0.0189 118 ASP A CB  
718 C  CG  . ASP A 96  ? 0.1253 0.1498 0.1299 -0.0151 0.0008  -0.0183 118 ASP A CG  
719 O  OD1 . ASP A 96  ? 0.1340 0.1592 0.1381 -0.0159 0.0004  -0.0152 118 ASP A OD1 
720 O  OD2 . ASP A 96  ? 0.1380 0.1663 0.1419 -0.0147 0.0010  -0.0215 118 ASP A OD2 
721 N  N   . PRO A 97  ? 0.0900 0.1045 0.0989 -0.0168 -0.0004 -0.0159 119 PRO A N   
722 C  CA  . PRO A 97  ? 0.0901 0.1021 0.0999 -0.0179 -0.0010 -0.0168 119 PRO A CA  
723 C  C   . PRO A 97  ? 0.0923 0.1028 0.1016 -0.0177 -0.0017 -0.0204 119 PRO A C   
724 O  O   . PRO A 97  ? 0.0951 0.1090 0.1035 -0.0172 -0.0017 -0.0227 119 PRO A O   
725 C  CB  . PRO A 97  ? 0.0890 0.1047 0.0993 -0.0197 -0.0015 -0.0157 119 PRO A CB  
726 C  CG  . PRO A 97  ? 0.0883 0.1081 0.0972 -0.0196 -0.0017 -0.0155 119 PRO A CG  
727 C  CD  . PRO A 97  ? 0.0882 0.1071 0.0964 -0.0179 -0.0009 -0.0148 119 PRO A CD  
728 N  N   . HIS A 98  ? 0.0949 0.1002 0.1050 -0.0181 -0.0026 -0.0210 120 HIS A N   
729 C  CA  . HIS A 98  ? 0.1001 0.1030 0.1103 -0.0179 -0.0041 -0.0249 120 HIS A CA  
730 C  C   . HIS A 98  ? 0.0995 0.1010 0.1101 -0.0204 -0.0053 -0.0251 120 HIS A C   
731 O  O   . HIS A 98  ? 0.1045 0.1026 0.1153 -0.0205 -0.0071 -0.0282 120 HIS A O   
732 C  CB  . HIS A 98  ? 0.1099 0.1066 0.1205 -0.0159 -0.0052 -0.0260 120 HIS A CB  
733 C  CG  . HIS A 98  ? 0.1224 0.1142 0.1336 -0.0172 -0.0056 -0.0225 120 HIS A CG  
734 N  ND1 . HIS A 98  ? 0.1306 0.1221 0.1416 -0.0160 -0.0044 -0.0200 120 HIS A ND1 
735 C  CD2 . HIS A 98  ? 0.1373 0.1250 0.1486 -0.0196 -0.0071 -0.0211 120 HIS A CD2 
736 C  CE1 . HIS A 98  ? 0.1393 0.1274 0.1504 -0.0179 -0.0050 -0.0171 120 HIS A CE1 
737 N  NE2 . HIS A 98  ? 0.1451 0.1307 0.1564 -0.0202 -0.0066 -0.0175 120 HIS A NE2 
738 N  N   . GLU A 99  ? 0.0939 0.0980 0.1049 -0.0224 -0.0047 -0.0221 121 GLU A N   
739 C  CA  . GLU A 99  ? 0.0993 0.1034 0.1107 -0.0251 -0.0058 -0.0219 121 GLU A CA  
740 C  C   . GLU A 99  ? 0.0880 0.0977 0.1001 -0.0261 -0.0047 -0.0191 121 GLU A C   
741 O  O   . GLU A 99  ? 0.0793 0.0911 0.0915 -0.0246 -0.0034 -0.0174 121 GLU A O   
742 C  CB  . GLU A 99  ? 0.1157 0.1136 0.1277 -0.0268 -0.0071 -0.0206 121 GLU A CB  
743 C  CG  . GLU A 99  ? 0.1289 0.1267 0.1412 -0.0273 -0.0061 -0.0169 121 GLU A CG  
744 C  CD  . GLU A 99  ? 0.1540 0.1458 0.1664 -0.0291 -0.0076 -0.0154 121 GLU A CD  
745 O  OE1 . GLU A 99  ? 0.1949 0.1825 0.2071 -0.0308 -0.0098 -0.0166 121 GLU A OE1 
746 O  OE2 . GLU A 99  ? 0.1797 0.1706 0.1919 -0.0287 -0.0069 -0.0129 121 GLU A OE2 
747 N  N   . ASN A 100 ? 0.0850 0.0970 0.0978 -0.0285 -0.0053 -0.0189 122 ASN A N   
748 C  CA  . ASN A 100 ? 0.0825 0.0998 0.0966 -0.0291 -0.0047 -0.0165 122 ASN A CA  
749 C  C   . ASN A 100 ? 0.0843 0.1015 0.0997 -0.0289 -0.0038 -0.0140 122 ASN A C   
750 O  O   . ASN A 100 ? 0.0873 0.1009 0.1025 -0.0303 -0.0041 -0.0133 122 ASN A O   
751 C  CB  . ASN A 100 ? 0.0826 0.1026 0.0974 -0.0318 -0.0057 -0.0170 122 ASN A CB  
752 C  CG  . ASN A 100 ? 0.0832 0.1051 0.0967 -0.0320 -0.0066 -0.0194 122 ASN A CG  
753 O  OD1 . ASN A 100 ? 0.0828 0.1076 0.0954 -0.0306 -0.0063 -0.0195 122 ASN A OD1 
754 N  ND2 . ASN A 100 ? 0.0871 0.1075 0.1004 -0.0340 -0.0078 -0.0213 122 ASN A ND2 
755 N  N   . LEU A 101 ? 0.0856 0.1069 0.1019 -0.0275 -0.0031 -0.0126 123 LEU A N   
756 C  CA  . LEU A 101 ? 0.0898 0.1129 0.1076 -0.0270 -0.0022 -0.0107 123 LEU A CA  
757 C  C   . LEU A 101 ? 0.0937 0.1225 0.1138 -0.0283 -0.0026 -0.0102 123 LEU A C   
758 O  O   . LEU A 101 ? 0.1074 0.1398 0.1284 -0.0278 -0.0034 -0.0106 123 LEU A O   
759 C  CB  . LEU A 101 ? 0.0905 0.1139 0.1082 -0.0240 -0.0017 -0.0101 123 LEU A CB  
760 C  CG  . LEU A 101 ? 0.0941 0.1134 0.1097 -0.0225 -0.0015 -0.0108 123 LEU A CG  
761 C  CD1 . LEU A 101 ? 0.0940 0.1141 0.1096 -0.0201 -0.0012 -0.0098 123 LEU A CD1 
762 C  CD2 . LEU A 101 ? 0.1007 0.1151 0.1154 -0.0230 -0.0011 -0.0111 123 LEU A CD2 
763 N  N   . TYR A 102 ? 0.0959 0.1264 0.1170 -0.0303 -0.0020 -0.0093 124 TYR A N   
764 C  CA  . TYR A 102 ? 0.0967 0.1343 0.1205 -0.0318 -0.0021 -0.0090 124 TYR A CA  
765 C  C   . TYR A 102 ? 0.1105 0.1534 0.1363 -0.0304 -0.0010 -0.0085 124 TYR A C   
766 O  O   . TYR A 102 ? 0.1320 0.1820 0.1606 -0.0303 -0.0013 -0.0091 124 TYR A O   
767 C  CB  . TYR A 102 ? 0.0921 0.1289 0.1152 -0.0362 -0.0027 -0.0086 124 TYR A CB  
768 C  CG  . TYR A 102 ? 0.0882 0.1207 0.1098 -0.0371 -0.0041 -0.0100 124 TYR A CG  
769 C  CD1 . TYR A 102 ? 0.0835 0.1200 0.1061 -0.0367 -0.0048 -0.0111 124 TYR A CD1 
770 C  CD2 . TYR A 102 ? 0.0874 0.1127 0.1067 -0.0383 -0.0049 -0.0106 124 TYR A CD2 
771 C  CE1 . TYR A 102 ? 0.0827 0.1165 0.1038 -0.0377 -0.0060 -0.0125 124 TYR A CE1 
772 C  CE2 . TYR A 102 ? 0.0872 0.1095 0.1055 -0.0389 -0.0063 -0.0126 124 TYR A CE2 
773 C  CZ  . TYR A 102 ? 0.0848 0.1119 0.1038 -0.0387 -0.0066 -0.0136 124 TYR A CZ  
774 O  OH  . TYR A 102 ? 0.0809 0.1060 0.0986 -0.0395 -0.0079 -0.0158 124 TYR A OH  
775 CU CU  . CU  B .   ? 0.1185 0.2687 0.1432 -0.0602 0.0077  -0.0714 201 CU  A CU  
776 CL CL  . CL  C .   ? 0.2200 0.2620 0.2418 0.0238  -0.0063 -0.0181 202 CL  A CL  
777 C  C1  . GOL D .   ? 0.1787 0.1971 0.1704 -0.0175 -0.0070 0.0090  203 GOL A C1  
778 O  O1  . GOL D .   ? 0.1906 0.2061 0.1824 -0.0160 -0.0073 0.0086  203 GOL A O1  
779 C  C2  . GOL D .   ? 0.1780 0.1902 0.1695 -0.0174 -0.0086 0.0095  203 GOL A C2  
780 O  O2  . GOL D .   ? 0.1675 0.1759 0.1605 -0.0134 -0.0072 0.0075  203 GOL A O2  
781 C  C3  . GOL D .   ? 0.1776 0.1929 0.1686 -0.0195 -0.0086 0.0104  203 GOL A C3  
782 O  O3  . GOL D .   ? 0.1802 0.1994 0.1730 -0.0167 -0.0056 0.0080  203 GOL A O3  
783 C  C1  . GOL E .   ? 0.2679 0.2894 0.2826 -0.0140 0.0065  -0.0039 204 GOL A C1  
784 O  O1  . GOL E .   ? 0.2480 0.2648 0.2604 -0.0147 0.0066  -0.0024 204 GOL A O1  
785 C  C2  . GOL E .   ? 0.2774 0.2971 0.2928 -0.0110 0.0057  -0.0051 204 GOL A C2  
786 O  O2  . GOL E .   ? 0.2571 0.2722 0.2713 -0.0113 0.0050  -0.0047 204 GOL A O2  
787 C  C3  . GOL E .   ? 0.3064 0.3305 0.3245 -0.0095 0.0050  -0.0067 204 GOL A C3  
788 O  O3  . GOL E .   ? 0.3477 0.3704 0.3660 -0.0067 0.0041  -0.0074 204 GOL A O3  
789 O  O   . HOH F .   ? 0.2404 0.2679 0.2398 -0.0163 -0.0005 -0.0054 301 HOH A O   
790 O  O   . HOH F .   ? 0.2384 0.2121 0.2423 -0.0145 -0.0048 0.0045  302 HOH A O   
791 O  O   . HOH F .   ? 0.3869 0.3620 0.3957 -0.0189 -0.0063 -0.0055 303 HOH A O   
792 O  O   . HOH F .   ? 0.2898 0.3151 0.2945 -0.0181 -0.0017 -0.0107 304 HOH A O   
793 O  O   . HOH F .   ? 0.2233 0.2044 0.2391 0.0171  -0.0113 -0.0136 305 HOH A O   
794 O  O   . HOH F .   ? 0.2958 0.2860 0.3072 0.0041  -0.0019 -0.0175 306 HOH A O   
795 O  O   . HOH F .   ? 0.1184 0.1005 0.1299 0.0155  -0.0114 -0.0041 307 HOH A O   
796 O  O   . HOH F .   ? 0.3165 0.2956 0.3224 -0.0230 -0.0045 0.0031  308 HOH A O   
797 O  O   . HOH F .   ? 0.3406 0.3830 0.3406 -0.0191 0.0006  -0.0215 309 HOH A O   
798 O  O   . HOH F .   ? 0.1647 0.1494 0.1719 -0.0130 -0.0004 -0.0021 310 HOH A O   
799 O  O   . HOH F .   ? 0.1185 0.1814 0.1244 -0.0024 0.0032  -0.0092 311 HOH A O   
800 O  O   . HOH F .   ? 0.2633 0.2366 0.2658 -0.0035 -0.0056 0.0059  312 HOH A O   
801 O  O   . HOH F .   ? 0.3180 0.3399 0.3435 0.0282  -0.0086 -0.0286 313 HOH A O   
802 O  O   . HOH F .   ? 0.2782 0.2725 0.2778 -0.0128 0.0031  0.0082  314 HOH A O   
803 O  O   . HOH F .   ? 0.4017 0.4143 0.4238 -0.0025 -0.0144 -0.0044 315 HOH A O   
804 O  O   . HOH F .   ? 0.3118 0.3709 0.3103 -0.0149 0.0048  -0.0194 316 HOH A O   
805 O  O   . HOH F .   ? 0.2763 0.2533 0.2883 -0.0256 -0.0126 -0.0219 317 HOH A O   
806 O  O   . HOH F .   ? 0.0881 0.0895 0.0904 0.0006  0.0035  -0.0019 318 HOH A O   
807 O  O   . HOH F .   ? 0.1365 0.1455 0.1424 0.0023  0.0040  -0.0068 319 HOH A O   
808 O  O   . HOH F .   ? 0.2264 0.2859 0.2264 -0.0121 0.0055  -0.0179 320 HOH A O   
809 O  O   . HOH F .   ? 0.2001 0.2062 0.1962 -0.0025 0.0062  0.0031  321 HOH A O   
810 O  O   . HOH F .   ? 0.3550 0.3459 0.3660 -0.0028 -0.0021 -0.0206 322 HOH A O   
811 O  O   . HOH F .   ? 0.2993 0.3225 0.3059 -0.0113 0.0003  -0.0293 323 HOH A O   
812 O  O   . HOH F .   ? 0.1679 0.1733 0.1826 -0.0361 -0.0069 -0.0128 324 HOH A O   
813 O  O   . HOH F .   ? 0.3045 0.3155 0.2998 -0.0082 0.0073  0.0059  325 HOH A O   
814 O  O   . HOH F .   ? 0.1363 0.1360 0.1469 -0.0156 -0.0007 -0.0144 326 HOH A O   
815 O  O   . HOH F .   ? 0.1755 0.1905 0.1710 0.0030  -0.0012 0.0050  327 HOH A O   
816 O  O   . HOH F .   ? 0.3143 0.3586 0.3193 0.0025  0.0006  -0.0038 328 HOH A O   
817 O  O   . HOH F .   ? 0.1401 0.1346 0.1515 -0.0239 -0.0108 -0.0329 329 HOH A O   
818 O  O   . HOH F .   ? 0.2502 0.3049 0.2719 0.0198  -0.0002 -0.0294 330 HOH A O   
819 O  O   . HOH F .   ? 0.3140 0.3432 0.3259 -0.0123 0.0093  -0.0036 331 HOH A O   
820 O  O   . HOH F .   ? 0.2485 0.2539 0.2743 0.0118  -0.0154 -0.0157 332 HOH A O   
821 O  O   . HOH F .   ? 0.1791 0.1958 0.1694 -0.0071 -0.0058 0.0050  333 HOH A O   
822 O  O   . HOH F .   ? 0.2032 0.2041 0.2145 -0.0164 0.0010  -0.0090 334 HOH A O   
823 O  O   . HOH F .   ? 0.2756 0.2844 0.2904 -0.0296 -0.0029 -0.0099 335 HOH A O   
824 O  O   . HOH F .   ? 0.2603 0.2792 0.2681 -0.0154 -0.0015 -0.0081 336 HOH A O   
825 O  O   . HOH F .   ? 0.1920 0.1989 0.1833 -0.0094 -0.0073 0.0053  337 HOH A O   
826 O  O   . HOH F .   ? 0.1471 0.1486 0.1586 -0.0200 -0.0021 -0.0149 338 HOH A O   
827 O  O   . HOH F .   ? 0.1505 0.1364 0.1577 0.0133  -0.0109 0.0026  339 HOH A O   
828 O  O   . HOH F .   ? 0.2498 0.2638 0.2581 -0.0131 -0.0017 -0.0293 340 HOH A O   
829 O  O   . HOH F .   ? 0.1871 0.1943 0.1895 0.0021  0.0041  -0.0053 341 HOH A O   
830 O  O   . HOH F .   ? 0.2121 0.1811 0.2192 0.0068  -0.0117 0.0019  342 HOH A O   
831 O  O   . HOH F .   ? 0.1722 0.1778 0.1844 -0.0316 -0.0089 -0.0241 343 HOH A O   
832 O  O   . HOH F .   ? 0.1145 0.1092 0.1213 0.0119  -0.0052 -0.0007 344 HOH A O   
833 O  O   . HOH F .   ? 0.1425 0.1347 0.1387 -0.0049 -0.0096 0.0018  345 HOH A O   
834 O  O   . HOH F .   ? 0.3996 0.3482 0.4146 0.0205  -0.0356 0.0053  346 HOH A O   
835 O  O   . HOH F .   ? 0.2100 0.1989 0.2203 -0.0168 -0.0022 -0.0103 347 HOH A O   
836 O  O   . HOH F .   ? 0.2973 0.3112 0.3099 -0.0102 -0.0062 -0.0027 348 HOH A O   
837 O  O   . HOH F .   ? 0.3043 0.3043 0.3169 -0.0247 -0.0025 -0.0107 349 HOH A O   
838 O  O   . HOH F .   ? 0.3104 0.3324 0.3105 -0.0078 0.0097  0.0000  350 HOH A O   
839 O  O   . HOH F .   ? 0.1989 0.2198 0.2019 -0.0097 0.0096  0.0003  351 HOH A O   
840 O  O   . HOH F .   ? 0.2166 0.2498 0.2180 -0.0070 0.0044  -0.0096 352 HOH A O   
841 O  O   . HOH F .   ? 0.1994 0.1943 0.1937 0.0023  -0.0042 0.0121  353 HOH A O   
842 O  O   . HOH F .   ? 0.3462 0.3320 0.3552 0.0178  -0.0184 0.0058  354 HOH A O   
843 O  O   . HOH F .   ? 0.2809 0.3286 0.2616 -0.0441 -0.0149 0.0189  355 HOH A O   
844 O  O   . HOH F .   ? 0.2862 0.2952 0.2978 -0.0012 -0.0016 -0.0337 356 HOH A O   
845 O  O   . HOH F .   ? 0.1828 0.1987 0.1986 -0.0187 0.0016  -0.0073 357 HOH A O   
846 O  O   . HOH F .   ? 0.2433 0.2354 0.2400 -0.0090 0.0019  0.0101  358 HOH A O   
847 O  O   . HOH F .   ? 0.3122 0.3624 0.3145 -0.0109 0.0042  -0.0277 359 HOH A O   
848 O  O   . HOH F .   ? 0.2002 0.2268 0.2222 0.0086  -0.0002 -0.0188 360 HOH A O   
849 O  O   . HOH F .   ? 0.2156 0.1992 0.2146 -0.0084 -0.0009 0.0092  361 HOH A O   
850 O  O   . HOH F .   ? 0.3580 0.3332 0.3635 -0.0167 -0.0045 0.0021  362 HOH A O   
851 O  O   . HOH F .   ? 0.2839 0.2574 0.2961 -0.0002 -0.0078 -0.0177 363 HOH A O   
852 O  O   . HOH F .   ? 0.2106 0.1968 0.2069 -0.0029 -0.0142 -0.0016 364 HOH A O   
853 O  O   . HOH F .   ? 0.1419 0.1546 0.1661 0.0285  -0.0115 -0.0216 365 HOH A O   
854 O  O   . HOH F .   ? 0.4807 0.5169 0.4938 -0.0038 0.0094  -0.0102 366 HOH A O   
855 O  O   . HOH F .   ? 0.3209 0.3352 0.3349 -0.0200 0.0041  -0.0031 367 HOH A O   
856 O  O   . HOH F .   ? 0.2555 0.2560 0.2694 -0.0362 -0.0062 -0.0083 368 HOH A O   
857 O  O   . HOH F .   ? 0.2165 0.2745 0.2131 -0.0154 -0.0028 0.0043  369 HOH A O   
858 O  O   . HOH F .   ? 0.0632 0.0890 0.0580 -0.0194 -0.0039 0.0037  370 HOH A O   
859 O  O   . HOH F .   ? 0.3655 0.3347 0.3773 -0.0225 -0.0137 -0.0200 371 HOH A O   
860 O  O   . HOH F .   ? 0.3817 0.4511 0.3808 -0.0151 -0.0001 0.0005  372 HOH A O   
861 O  O   . HOH F .   ? 0.2613 0.2554 0.2749 0.0139  -0.0045 -0.0147 373 HOH A O   
862 O  O   . HOH F .   ? 0.2218 0.2408 0.2177 0.0044  -0.0033 0.0062  374 HOH A O   
863 O  O   . HOH F .   ? 0.3059 0.2751 0.3178 -0.0170 -0.0122 -0.0199 375 HOH A O   
864 O  O   . HOH F .   ? 0.3378 0.3837 0.3663 0.0290  -0.0055 -0.0355 376 HOH A O   
865 O  O   . HOH F .   ? 0.1941 0.2393 0.1979 -0.0042 0.0054  -0.0148 377 HOH A O   
866 O  O   . HOH F .   ? 0.1875 0.1612 0.1997 0.0143  -0.0133 -0.0053 378 HOH A O   
867 O  O   . HOH F .   ? 0.3389 0.3663 0.3422 -0.0030 0.0096  -0.0065 379 HOH A O   
868 O  O   . HOH F .   ? 0.2518 0.2665 0.2405 -0.0127 -0.0095 0.0066  380 HOH A O   
869 O  O   . HOH F .   ? 0.3212 0.3429 0.3081 -0.0338 -0.0178 0.0181  381 HOH A O   
870 O  O   . HOH F .   ? 0.1529 0.1507 0.1756 0.0120  -0.0176 -0.0149 382 HOH A O   
871 O  O   . HOH F .   ? 0.2789 0.2962 0.2735 -0.0217 -0.0097 0.0085  383 HOH A O   
872 O  O   . HOH F .   ? 0.2705 0.2547 0.2739 -0.0309 -0.0046 0.0098  384 HOH A O   
873 O  O   . HOH F .   ? 0.2588 0.2613 0.2625 0.0036  0.0002  -0.0066 385 HOH A O   
874 O  O   . HOH F .   ? 0.3108 0.3372 0.3465 0.0410  -0.0196 -0.0294 386 HOH A O   
875 O  O   . HOH F .   ? 0.3419 0.3672 0.3516 -0.0189 -0.0068 -0.0052 387 HOH A O   
876 O  O   . HOH F .   ? 0.2223 0.2612 0.2334 0.0018  0.0086  -0.0158 388 HOH A O   
# 
